data_7L73
# 
_entry.id   7L73 
# 
_audit_conform.dict_name       mmcif_pdbx.dic 
_audit_conform.dict_version    5.380 
_audit_conform.dict_location   http://mmcif.pdb.org/dictionaries/ascii/mmcif_pdbx.dic 
# 
loop_
_database_2.database_id 
_database_2.database_code 
_database_2.pdbx_database_accession 
_database_2.pdbx_DOI 
PDB   7L73         pdb_00007l73 10.2210/pdb7l73/pdb 
WWPDB D_1000253739 ?            ?                   
# 
_pdbx_database_status.status_code                     REL 
_pdbx_database_status.status_code_sf                  REL 
_pdbx_database_status.status_code_mr                  ? 
_pdbx_database_status.entry_id                        7L73 
_pdbx_database_status.recvd_initial_deposition_date   2020-12-25 
_pdbx_database_status.SG_entry                        N 
_pdbx_database_status.deposit_site                    RCSB 
_pdbx_database_status.process_site                    RCSB 
_pdbx_database_status.status_code_cs                  ? 
_pdbx_database_status.status_code_nmr_data            ? 
_pdbx_database_status.methods_development_category    ? 
_pdbx_database_status.pdb_format_compatible           Y 
# 
loop_
_audit_author.name 
_audit_author.pdbx_ordinal 
_audit_author.identifier_ORCID 
'Chan, A.'       1 ?                   
'Karim, M.R.'    2 0000-0002-0424-127X 
'Schonbrunn, E.' 3 ?                   
# 
_citation.abstract                  ? 
_citation.abstract_id_CAS           ? 
_citation.book_id_ISBN              ? 
_citation.book_publisher            ? 
_citation.book_publisher_city       ? 
_citation.book_title                ? 
_citation.coordinate_linkage        ? 
_citation.country                   US 
_citation.database_id_Medline       ? 
_citation.details                   ? 
_citation.id                        primary 
_citation.journal_abbrev            J.Med.Chem. 
_citation.journal_id_ASTM           JMCMAR 
_citation.journal_id_CSD            0151 
_citation.journal_id_ISSN           0022-2623 
_citation.journal_full              ? 
_citation.journal_issue             ? 
_citation.journal_volume            64 
_citation.language                  ? 
_citation.page_first                15772 
_citation.page_last                 15786 
_citation.title                     
'Differential BET Bromodomain Inhibition by Dihydropteridinone and Pyrimidodiazepinone Kinase Inhibitors.' 
_citation.year                      2021 
_citation.database_id_CSD           ? 
_citation.pdbx_database_id_DOI      10.1021/acs.jmedchem.1c01096 
_citation.pdbx_database_id_PubMed   34710325 
_citation.unpublished_flag          ? 
# 
loop_
_citation_author.citation_id 
_citation_author.name 
_citation_author.ordinal 
_citation_author.identifier_ORCID 
primary 'Karim, R.M.'    1  ? 
primary 'Bikowitz, M.J.' 2  ? 
primary 'Chan, A.'       3  ? 
primary 'Zhu, J.Y.'      4  ? 
primary 'Grassie, D.'    5  ? 
primary 'Becker, A.'     6  ? 
primary 'Berndt, N.'     7  ? 
primary 'Gunawan, S.'    8  ? 
primary 'Lawrence, N.J.' 9  ? 
primary 'Schonbrunn, E.' 10 ? 
# 
_cell.angle_alpha                  90.000 
_cell.angle_alpha_esd              ? 
_cell.angle_beta                   104.660 
_cell.angle_beta_esd               ? 
_cell.angle_gamma                  90.000 
_cell.angle_gamma_esd              ? 
_cell.entry_id                     7L73 
_cell.details                      ? 
_cell.formula_units_Z              ? 
_cell.length_a                     84.370 
_cell.length_a_esd                 ? 
_cell.length_b                     23.570 
_cell.length_b_esd                 ? 
_cell.length_c                     58.450 
_cell.length_c_esd                 ? 
_cell.volume                       ? 
_cell.volume_esd                   ? 
_cell.Z_PDB                        4 
_cell.reciprocal_angle_alpha       ? 
_cell.reciprocal_angle_beta        ? 
_cell.reciprocal_angle_gamma       ? 
_cell.reciprocal_angle_alpha_esd   ? 
_cell.reciprocal_angle_beta_esd    ? 
_cell.reciprocal_angle_gamma_esd   ? 
_cell.reciprocal_length_a          ? 
_cell.reciprocal_length_b          ? 
_cell.reciprocal_length_c          ? 
_cell.reciprocal_length_a_esd      ? 
_cell.reciprocal_length_b_esd      ? 
_cell.reciprocal_length_c_esd      ? 
_cell.pdbx_unique_axis             ? 
# 
_symmetry.entry_id                         7L73 
_symmetry.cell_setting                     ? 
_symmetry.Int_Tables_number                5 
_symmetry.space_group_name_Hall            ? 
_symmetry.space_group_name_H-M             'C 1 2 1' 
_symmetry.pdbx_full_space_group_name_H-M   ? 
# 
loop_
_entity.id 
_entity.type 
_entity.src_method 
_entity.pdbx_description 
_entity.formula_weight 
_entity.pdbx_number_of_molecules 
_entity.pdbx_ec 
_entity.pdbx_mutation 
_entity.pdbx_fragment 
_entity.details 
1 polymer     man 'Bromodomain testis-specific protein' 13319.365 1   ? ? ? ? 
2 non-polymer syn 
;11-cyclopentyl-2-({2-ethoxy-4-[4-(4-methylpiperazin-1-yl)piperidine-1-carbonyl]phenyl}amino)-5-methyl-5,11-dihydro-6H-pyrimido[4,5-b][1,4]benzodiazepin-6-one
;
638.802   2   ? ? ? ? 
3 water       nat water 18.015    163 ? ? ? ? 
# 
_entity_name_com.entity_id   1 
_entity_name_com.name        'Cancer/testis antigen 9,CT9,RING3-like protein' 
# 
_entity_poly.entity_id                      1 
_entity_poly.type                           'polypeptide(L)' 
_entity_poly.nstd_linkage                   no 
_entity_poly.nstd_monomer                   no 
_entity_poly.pdbx_seq_one_letter_code       
;GAASTNQLQYLQKVVLKDLWKHSFSWPFQRPVDAVKLQLPDYYTIIKNPMDLNTIKKRLENKYYAKASECIEDFNTMFSN
CYLYNKPGDDIVLMAQALEKLFMQKLSQMPQEE
;
_entity_poly.pdbx_seq_one_letter_code_can   
;GAASTNQLQYLQKVVLKDLWKHSFSWPFQRPVDAVKLQLPDYYTIIKNPMDLNTIKKRLENKYYAKASECIEDFNTMFSN
CYLYNKPGDDIVLMAQALEKLFMQKLSQMPQEE
;
_entity_poly.pdbx_strand_id                 A 
_entity_poly.pdbx_target_identifier         ? 
# 
loop_
_entity_poly_seq.entity_id 
_entity_poly_seq.num 
_entity_poly_seq.mon_id 
_entity_poly_seq.hetero 
1 1   GLY n 
1 2   ALA n 
1 3   ALA n 
1 4   SER n 
1 5   THR n 
1 6   ASN n 
1 7   GLN n 
1 8   LEU n 
1 9   GLN n 
1 10  TYR n 
1 11  LEU n 
1 12  GLN n 
1 13  LYS n 
1 14  VAL n 
1 15  VAL n 
1 16  LEU n 
1 17  LYS n 
1 18  ASP n 
1 19  LEU n 
1 20  TRP n 
1 21  LYS n 
1 22  HIS n 
1 23  SER n 
1 24  PHE n 
1 25  SER n 
1 26  TRP n 
1 27  PRO n 
1 28  PHE n 
1 29  GLN n 
1 30  ARG n 
1 31  PRO n 
1 32  VAL n 
1 33  ASP n 
1 34  ALA n 
1 35  VAL n 
1 36  LYS n 
1 37  LEU n 
1 38  GLN n 
1 39  LEU n 
1 40  PRO n 
1 41  ASP n 
1 42  TYR n 
1 43  TYR n 
1 44  THR n 
1 45  ILE n 
1 46  ILE n 
1 47  LYS n 
1 48  ASN n 
1 49  PRO n 
1 50  MET n 
1 51  ASP n 
1 52  LEU n 
1 53  ASN n 
1 54  THR n 
1 55  ILE n 
1 56  LYS n 
1 57  LYS n 
1 58  ARG n 
1 59  LEU n 
1 60  GLU n 
1 61  ASN n 
1 62  LYS n 
1 63  TYR n 
1 64  TYR n 
1 65  ALA n 
1 66  LYS n 
1 67  ALA n 
1 68  SER n 
1 69  GLU n 
1 70  CYS n 
1 71  ILE n 
1 72  GLU n 
1 73  ASP n 
1 74  PHE n 
1 75  ASN n 
1 76  THR n 
1 77  MET n 
1 78  PHE n 
1 79  SER n 
1 80  ASN n 
1 81  CYS n 
1 82  TYR n 
1 83  LEU n 
1 84  TYR n 
1 85  ASN n 
1 86  LYS n 
1 87  PRO n 
1 88  GLY n 
1 89  ASP n 
1 90  ASP n 
1 91  ILE n 
1 92  VAL n 
1 93  LEU n 
1 94  MET n 
1 95  ALA n 
1 96  GLN n 
1 97  ALA n 
1 98  LEU n 
1 99  GLU n 
1 100 LYS n 
1 101 LEU n 
1 102 PHE n 
1 103 MET n 
1 104 GLN n 
1 105 LYS n 
1 106 LEU n 
1 107 SER n 
1 108 GLN n 
1 109 MET n 
1 110 PRO n 
1 111 GLN n 
1 112 GLU n 
1 113 GLU n 
# 
_entity_src_gen.entity_id                          1 
_entity_src_gen.pdbx_src_id                        1 
_entity_src_gen.pdbx_alt_source_flag               sample 
_entity_src_gen.pdbx_seq_type                      'Biological sequence' 
_entity_src_gen.pdbx_beg_seq_num                   1 
_entity_src_gen.pdbx_end_seq_num                   113 
_entity_src_gen.gene_src_common_name               Human 
_entity_src_gen.gene_src_genus                     ? 
_entity_src_gen.pdbx_gene_src_gene                 BRDT 
_entity_src_gen.gene_src_species                   ? 
_entity_src_gen.gene_src_strain                    ? 
_entity_src_gen.gene_src_tissue                    ? 
_entity_src_gen.gene_src_tissue_fraction           ? 
_entity_src_gen.gene_src_details                   ? 
_entity_src_gen.pdbx_gene_src_fragment             ? 
_entity_src_gen.pdbx_gene_src_scientific_name      'Homo sapiens' 
_entity_src_gen.pdbx_gene_src_ncbi_taxonomy_id     9606 
_entity_src_gen.pdbx_gene_src_variant              ? 
_entity_src_gen.pdbx_gene_src_cell_line            ? 
_entity_src_gen.pdbx_gene_src_atcc                 ? 
_entity_src_gen.pdbx_gene_src_organ                ? 
_entity_src_gen.pdbx_gene_src_organelle            ? 
_entity_src_gen.pdbx_gene_src_cell                 ? 
_entity_src_gen.pdbx_gene_src_cellular_location    ? 
_entity_src_gen.host_org_common_name               ? 
_entity_src_gen.pdbx_host_org_scientific_name      'Escherichia coli' 
_entity_src_gen.pdbx_host_org_ncbi_taxonomy_id     562 
_entity_src_gen.host_org_genus                     ? 
_entity_src_gen.pdbx_host_org_gene                 ? 
_entity_src_gen.pdbx_host_org_organ                ? 
_entity_src_gen.host_org_species                   ? 
_entity_src_gen.pdbx_host_org_tissue               ? 
_entity_src_gen.pdbx_host_org_tissue_fraction      ? 
_entity_src_gen.pdbx_host_org_strain               ? 
_entity_src_gen.pdbx_host_org_variant              ? 
_entity_src_gen.pdbx_host_org_cell_line            ? 
_entity_src_gen.pdbx_host_org_atcc                 ? 
_entity_src_gen.pdbx_host_org_culture_collection   ? 
_entity_src_gen.pdbx_host_org_cell                 ? 
_entity_src_gen.pdbx_host_org_organelle            ? 
_entity_src_gen.pdbx_host_org_cellular_location    ? 
_entity_src_gen.pdbx_host_org_vector_type          ? 
_entity_src_gen.pdbx_host_org_vector               ? 
_entity_src_gen.host_org_details                   ? 
_entity_src_gen.expression_system_id               ? 
_entity_src_gen.plasmid_name                       ? 
_entity_src_gen.plasmid_details                    ? 
_entity_src_gen.pdbx_description                   ? 
# 
_struct_ref.id                         1 
_struct_ref.db_name                    UNP 
_struct_ref.db_code                    BRDT_HUMAN 
_struct_ref.pdbx_db_accession          Q58F21 
_struct_ref.pdbx_db_isoform            Q58F21-2 
_struct_ref.entity_id                  1 
_struct_ref.pdbx_seq_one_letter_code   
;TNQLQYLQKVVLKDLWKHSFSWPFQRPVDAVKLQLPDYYTIIKNPMDLNTIKKRLENKYYAKASECIEDFNTMFSNCYLY
NKPGDDIVLMAQALEKLFMQKLSQMPQEE
;
_struct_ref.pdbx_align_begin           42 
# 
_struct_ref_seq.align_id                      1 
_struct_ref_seq.ref_id                        1 
_struct_ref_seq.pdbx_PDB_id_code              7L73 
_struct_ref_seq.pdbx_strand_id                A 
_struct_ref_seq.seq_align_beg                 5 
_struct_ref_seq.pdbx_seq_align_beg_ins_code   ? 
_struct_ref_seq.seq_align_end                 113 
_struct_ref_seq.pdbx_seq_align_end_ins_code   ? 
_struct_ref_seq.pdbx_db_accession             Q58F21 
_struct_ref_seq.db_align_beg                  42 
_struct_ref_seq.pdbx_db_align_beg_ins_code    ? 
_struct_ref_seq.db_align_end                  150 
_struct_ref_seq.pdbx_db_align_end_ins_code    ? 
_struct_ref_seq.pdbx_auth_seq_align_beg       29 
_struct_ref_seq.pdbx_auth_seq_align_end       137 
# 
loop_
_struct_ref_seq_dif.align_id 
_struct_ref_seq_dif.pdbx_pdb_id_code 
_struct_ref_seq_dif.mon_id 
_struct_ref_seq_dif.pdbx_pdb_strand_id 
_struct_ref_seq_dif.seq_num 
_struct_ref_seq_dif.pdbx_pdb_ins_code 
_struct_ref_seq_dif.pdbx_seq_db_name 
_struct_ref_seq_dif.pdbx_seq_db_accession_code 
_struct_ref_seq_dif.db_mon_id 
_struct_ref_seq_dif.pdbx_seq_db_seq_num 
_struct_ref_seq_dif.details 
_struct_ref_seq_dif.pdbx_auth_seq_num 
_struct_ref_seq_dif.pdbx_ordinal 
1 7L73 GLY A 1 ? UNP Q58F21 ? ? 'expression tag' 25 1 
1 7L73 ALA A 2 ? UNP Q58F21 ? ? 'expression tag' 26 2 
1 7L73 ALA A 3 ? UNP Q58F21 ? ? 'expression tag' 27 3 
1 7L73 SER A 4 ? UNP Q58F21 ? ? 'expression tag' 28 4 
# 
loop_
_chem_comp.id 
_chem_comp.type 
_chem_comp.mon_nstd_flag 
_chem_comp.name 
_chem_comp.pdbx_synonyms 
_chem_comp.formula 
_chem_comp.formula_weight 
ALA 'L-peptide linking' y ALANINE ? 'C3 H7 N O2'     89.093  
ARG 'L-peptide linking' y ARGININE ? 'C6 H15 N4 O2 1' 175.209 
ASN 'L-peptide linking' y ASPARAGINE ? 'C4 H8 N2 O3'    132.118 
ASP 'L-peptide linking' y 'ASPARTIC ACID' ? 'C4 H7 N O4'     133.103 
CYS 'L-peptide linking' y CYSTEINE ? 'C3 H7 N O2 S'   121.158 
GLN 'L-peptide linking' y GLUTAMINE ? 'C5 H10 N2 O3'   146.144 
GLU 'L-peptide linking' y 'GLUTAMIC ACID' ? 'C5 H9 N O4'     147.129 
GLY 'peptide linking'   y GLYCINE ? 'C2 H5 N O2'     75.067  
HIS 'L-peptide linking' y HISTIDINE ? 'C6 H10 N3 O2 1' 156.162 
HOH non-polymer         . WATER ? 'H2 O'           18.015  
ILE 'L-peptide linking' y ISOLEUCINE ? 'C6 H13 N O2'    131.173 
LEU 'L-peptide linking' y LEUCINE ? 'C6 H13 N O2'    131.173 
LYS 'L-peptide linking' y LYSINE ? 'C6 H15 N2 O2 1' 147.195 
MET 'L-peptide linking' y METHIONINE ? 'C5 H11 N O2 S'  149.211 
PHE 'L-peptide linking' y PHENYLALANINE ? 'C9 H11 N O2'    165.189 
PRO 'L-peptide linking' y PROLINE ? 'C5 H9 N O2'     115.130 
SER 'L-peptide linking' y SERINE ? 'C3 H7 N O3'     105.093 
THR 'L-peptide linking' y THREONINE ? 'C4 H9 N O3'     119.119 
TRP 'L-peptide linking' y TRYPTOPHAN ? 'C11 H12 N2 O2'  204.225 
TYR 'L-peptide linking' y TYROSINE ? 'C9 H11 N O3'    181.189 
VAL 'L-peptide linking' y VALINE ? 'C5 H11 N O2'    117.146 
VYJ non-polymer         . 
;11-cyclopentyl-2-({2-ethoxy-4-[4-(4-methylpiperazin-1-yl)piperidine-1-carbonyl]phenyl}amino)-5-methyl-5,11-dihydro-6H-pyrimido[4,5-b][1,4]benzodiazepin-6-one
;
? 'C36 H46 N8 O3'  638.802 
# 
_exptl.absorpt_coefficient_mu     ? 
_exptl.absorpt_correction_T_max   ? 
_exptl.absorpt_correction_T_min   ? 
_exptl.absorpt_correction_type    ? 
_exptl.absorpt_process_details    ? 
_exptl.entry_id                   7L73 
_exptl.crystals_number            1 
_exptl.details                    ? 
_exptl.method                     'X-RAY DIFFRACTION' 
_exptl.method_details             ? 
# 
_exptl_crystal.colour                      ? 
_exptl_crystal.density_diffrn              ? 
_exptl_crystal.density_Matthews            2.11 
_exptl_crystal.density_method              ? 
_exptl_crystal.density_percent_sol         41.72 
_exptl_crystal.description                 ? 
_exptl_crystal.F_000                       ? 
_exptl_crystal.id                          1 
_exptl_crystal.preparation                 ? 
_exptl_crystal.size_max                    ? 
_exptl_crystal.size_mid                    ? 
_exptl_crystal.size_min                    ? 
_exptl_crystal.size_rad                    ? 
_exptl_crystal.colour_lustre               ? 
_exptl_crystal.colour_modifier             ? 
_exptl_crystal.colour_primary              ? 
_exptl_crystal.density_meas                ? 
_exptl_crystal.density_meas_esd            ? 
_exptl_crystal.density_meas_gt             ? 
_exptl_crystal.density_meas_lt             ? 
_exptl_crystal.density_meas_temp           ? 
_exptl_crystal.density_meas_temp_esd       ? 
_exptl_crystal.density_meas_temp_gt        ? 
_exptl_crystal.density_meas_temp_lt        ? 
_exptl_crystal.pdbx_crystal_image_url      ? 
_exptl_crystal.pdbx_crystal_image_format   ? 
_exptl_crystal.pdbx_mosaicity              ? 
_exptl_crystal.pdbx_mosaicity_esd          ? 
# 
_exptl_crystal_grow.apparatus       ? 
_exptl_crystal_grow.atmosphere      ? 
_exptl_crystal_grow.crystal_id      1 
_exptl_crystal_grow.details         ? 
_exptl_crystal_grow.method          'VAPOR DIFFUSION, HANGING DROP' 
_exptl_crystal_grow.method_ref      ? 
_exptl_crystal_grow.pH              ? 
_exptl_crystal_grow.pressure        ? 
_exptl_crystal_grow.pressure_esd    ? 
_exptl_crystal_grow.seeding         ? 
_exptl_crystal_grow.seeding_ref     ? 
_exptl_crystal_grow.temp            293 
_exptl_crystal_grow.temp_details    ? 
_exptl_crystal_grow.temp_esd        ? 
_exptl_crystal_grow.time            ? 
_exptl_crystal_grow.pdbx_details    '0.05 M (NH4)2SO4, 0.05 M Bis-tris (pH 6.5), and 30 % Pentaerythritol ethoxylate' 
_exptl_crystal_grow.pdbx_pH_range   ? 
# 
_diffrn.ambient_environment              ? 
_diffrn.ambient_temp                     100 
_diffrn.ambient_temp_details             ? 
_diffrn.ambient_temp_esd                 ? 
_diffrn.crystal_id                       1 
_diffrn.crystal_support                  ? 
_diffrn.crystal_treatment                ? 
_diffrn.details                          ? 
_diffrn.id                               1 
_diffrn.ambient_pressure                 ? 
_diffrn.ambient_pressure_esd             ? 
_diffrn.ambient_pressure_gt              ? 
_diffrn.ambient_pressure_lt              ? 
_diffrn.ambient_temp_gt                  ? 
_diffrn.ambient_temp_lt                  ? 
_diffrn.pdbx_serial_crystal_experiment   N 
# 
_diffrn_detector.details                      ? 
_diffrn_detector.detector                     CCD 
_diffrn_detector.diffrn_id                    1 
_diffrn_detector.type                         'MARMOSAIC 300 mm CCD' 
_diffrn_detector.area_resol_mean              ? 
_diffrn_detector.dtime                        ? 
_diffrn_detector.pdbx_frames_total            ? 
_diffrn_detector.pdbx_collection_time_total   ? 
_diffrn_detector.pdbx_collection_date         2019-04-21 
_diffrn_detector.pdbx_frequency               ? 
# 
_diffrn_radiation.collimation                      ? 
_diffrn_radiation.diffrn_id                        1 
_diffrn_radiation.filter_edge                      ? 
_diffrn_radiation.inhomogeneity                    ? 
_diffrn_radiation.monochromator                    ? 
_diffrn_radiation.polarisn_norm                    ? 
_diffrn_radiation.polarisn_ratio                   ? 
_diffrn_radiation.probe                            ? 
_diffrn_radiation.type                             ? 
_diffrn_radiation.xray_symbol                      ? 
_diffrn_radiation.wavelength_id                    1 
_diffrn_radiation.pdbx_monochromatic_or_laue_m_l   M 
_diffrn_radiation.pdbx_wavelength_list             ? 
_diffrn_radiation.pdbx_wavelength                  ? 
_diffrn_radiation.pdbx_diffrn_protocol             'SINGLE WAVELENGTH' 
_diffrn_radiation.pdbx_analyzer                    ? 
_diffrn_radiation.pdbx_scattering_type             x-ray 
# 
_diffrn_radiation_wavelength.id           1 
_diffrn_radiation_wavelength.wavelength   0.9700 
_diffrn_radiation_wavelength.wt           1.0 
# 
_diffrn_source.current                     ? 
_diffrn_source.details                     ? 
_diffrn_source.diffrn_id                   1 
_diffrn_source.power                       ? 
_diffrn_source.size                        ? 
_diffrn_source.source                      SYNCHROTRON 
_diffrn_source.target                      ? 
_diffrn_source.type                        'APS BEAMLINE 22-BM' 
_diffrn_source.voltage                     ? 
_diffrn_source.take-off_angle              ? 
_diffrn_source.pdbx_wavelength_list        0.9700 
_diffrn_source.pdbx_wavelength             ? 
_diffrn_source.pdbx_synchrotron_beamline   22-BM 
_diffrn_source.pdbx_synchrotron_site       APS 
# 
_reflns.B_iso_Wilson_estimate            ? 
_reflns.entry_id                         7L73 
_reflns.data_reduction_details           ? 
_reflns.data_reduction_method            ? 
_reflns.d_resolution_high                1.460 
_reflns.d_resolution_low                 40.812 
_reflns.details                          ? 
_reflns.limit_h_max                      ? 
_reflns.limit_h_min                      ? 
_reflns.limit_k_max                      ? 
_reflns.limit_k_min                      ? 
_reflns.limit_l_max                      ? 
_reflns.limit_l_min                      ? 
_reflns.number_all                       ? 
_reflns.number_obs                       19695 
_reflns.observed_criterion               ? 
_reflns.observed_criterion_F_max         ? 
_reflns.observed_criterion_F_min         ? 
_reflns.observed_criterion_I_max         ? 
_reflns.observed_criterion_I_min         ? 
_reflns.observed_criterion_sigma_F       ? 
_reflns.observed_criterion_sigma_I       ? 
_reflns.percent_possible_obs             99.400 
_reflns.R_free_details                   ? 
_reflns.Rmerge_F_all                     ? 
_reflns.Rmerge_F_obs                     ? 
_reflns.Friedel_coverage                 ? 
_reflns.number_gt                        ? 
_reflns.threshold_expression             ? 
_reflns.pdbx_redundancy                  3.497 
_reflns.pdbx_Rmerge_I_obs                0.044 
_reflns.pdbx_Rmerge_I_all                ? 
_reflns.pdbx_Rsym_value                  ? 
_reflns.pdbx_netI_over_av_sigmaI         ? 
_reflns.pdbx_netI_over_sigmaI            17.670 
_reflns.pdbx_res_netI_over_av_sigmaI_2   ? 
_reflns.pdbx_res_netI_over_sigmaI_2      ? 
_reflns.pdbx_chi_squared                 1.020 
_reflns.pdbx_scaling_rejects             5 
_reflns.pdbx_d_res_high_opt              ? 
_reflns.pdbx_d_res_low_opt               ? 
_reflns.pdbx_d_res_opt_method            ? 
_reflns.phase_calculation_details        ? 
_reflns.pdbx_Rrim_I_all                  0.052 
_reflns.pdbx_Rpim_I_all                  ? 
_reflns.pdbx_d_opt                       ? 
_reflns.pdbx_number_measured_all         68881 
_reflns.pdbx_diffrn_id                   1 
_reflns.pdbx_ordinal                     1 
_reflns.pdbx_CC_half                     0.999 
_reflns.pdbx_CC_star                     ? 
_reflns.pdbx_R_split                     ? 
# 
loop_
_reflns_shell.d_res_high 
_reflns_shell.d_res_low 
_reflns_shell.meanI_over_sigI_all 
_reflns_shell.meanI_over_sigI_obs 
_reflns_shell.number_measured_all 
_reflns_shell.number_measured_obs 
_reflns_shell.number_possible 
_reflns_shell.number_unique_all 
_reflns_shell.number_unique_obs 
_reflns_shell.percent_possible_all 
_reflns_shell.percent_possible_obs 
_reflns_shell.Rmerge_F_all 
_reflns_shell.Rmerge_F_obs 
_reflns_shell.Rmerge_I_all 
_reflns_shell.Rmerge_I_obs 
_reflns_shell.meanI_over_sigI_gt 
_reflns_shell.meanI_over_uI_all 
_reflns_shell.meanI_over_uI_gt 
_reflns_shell.number_measured_gt 
_reflns_shell.number_unique_gt 
_reflns_shell.percent_possible_gt 
_reflns_shell.Rmerge_F_gt 
_reflns_shell.Rmerge_I_gt 
_reflns_shell.pdbx_redundancy 
_reflns_shell.pdbx_Rsym_value 
_reflns_shell.pdbx_chi_squared 
_reflns_shell.pdbx_netI_over_sigmaI_all 
_reflns_shell.pdbx_netI_over_sigmaI_obs 
_reflns_shell.pdbx_Rrim_I_all 
_reflns_shell.pdbx_Rpim_I_all 
_reflns_shell.pdbx_rejects 
_reflns_shell.pdbx_ordinal 
_reflns_shell.pdbx_diffrn_id 
_reflns_shell.pdbx_CC_half 
_reflns_shell.pdbx_CC_star 
_reflns_shell.pdbx_R_split 
1.460 1.500  ? 3.100  ? ? ? ? 1429 99.900 ? ? ? ? 0.407 ? ? ? ? ? ? ? ? 3.339 ? ? ? ? 0.486 ? ? 1  1 0.846 ? ? 
1.500 1.540  ? 3.920  ? ? ? ? 1403 99.600 ? ? ? ? 0.323 ? ? ? ? ? ? ? ? 3.383 ? ? ? ? 0.386 ? ? 2  1 0.900 ? ? 
1.540 1.580  ? 4.740  ? ? ? ? 1367 99.900 ? ? ? ? 0.285 ? ? ? ? ? ? ? ? 3.508 ? ? ? ? 0.338 ? ? 3  1 0.922 ? ? 
1.580 1.630  ? 5.870  ? ? ? ? 1336 99.700 ? ? ? ? 0.226 ? ? ? ? ? ? ? ? 3.534 ? ? ? ? 0.268 ? ? 4  1 0.944 ? ? 
1.630 1.690  ? 7.180  ? ? ? ? 1319 99.600 ? ? ? ? 0.179 ? ? ? ? ? ? ? ? 3.555 ? ? ? ? 0.212 ? ? 5  1 0.962 ? ? 
1.690 1.750  ? 8.470  ? ? ? ? 1213 100.0  ? ? ? ? 0.144 ? ? ? ? ? ? ? ? 3.544 ? ? ? ? 0.170 ? ? 6  1 0.978 ? ? 
1.750 1.810  ? 10.470 ? ? ? ? 1229 99.900 ? ? ? ? 0.120 ? ? ? ? ? ? ? ? 3.568 ? ? ? ? 0.141 ? ? 7  1 0.984 ? ? 
1.810 1.880  ? 13.210 ? ? ? ? 1138 99.800 ? ? ? ? 0.094 ? ? ? ? ? ? ? ? 3.558 ? ? ? ? 0.111 ? ? 8  1 0.989 ? ? 
1.880 1.970  ? 16.510 ? ? ? ? 1147 99.100 ? ? ? ? 0.069 ? ? ? ? ? ? ? ? 3.543 ? ? ? ? 0.082 ? ? 9  1 0.994 ? ? 
1.970 2.060  ? 20.260 ? ? ? ? 1047 100.0  ? ? ? ? 0.056 ? ? ? ? ? ? ? ? 3.539 ? ? ? ? 0.066 ? ? 10 1 0.996 ? ? 
2.060 2.180  ? 24.180 ? ? ? ? 1020 99.000 ? ? ? ? 0.046 ? ? ? ? ? ? ? ? 3.511 ? ? ? ? 0.055 ? ? 11 1 0.997 ? ? 
2.180 2.310  ? 27.500 ? ? ? ? 965  99.200 ? ? ? ? 0.039 ? ? ? ? ? ? ? ? 3.539 ? ? ? ? 0.046 ? ? 12 1 0.998 ? ? 
2.310 2.470  ? 28.360 ? ? ? ? 897  99.700 ? ? ? ? 0.038 ? ? ? ? ? ? ? ? 3.525 ? ? ? ? 0.045 ? ? 13 1 0.998 ? ? 
2.470 2.670  ? 32.140 ? ? ? ? 859  99.400 ? ? ? ? 0.033 ? ? ? ? ? ? ? ? 3.533 ? ? ? ? 0.039 ? ? 14 1 0.998 ? ? 
2.670 2.920  ? 34.680 ? ? ? ? 798  99.000 ? ? ? ? 0.031 ? ? ? ? ? ? ? ? 3.487 ? ? ? ? 0.036 ? ? 15 1 0.998 ? ? 
2.920 3.260  ? 37.600 ? ? ? ? 698  99.400 ? ? ? ? 0.027 ? ? ? ? ? ? ? ? 3.499 ? ? ? ? 0.031 ? ? 16 1 0.998 ? ? 
3.260 3.770  ? 41.510 ? ? ? ? 617  98.200 ? ? ? ? 0.023 ? ? ? ? ? ? ? ? 3.478 ? ? ? ? 0.027 ? ? 17 1 0.999 ? ? 
3.770 4.620  ? 43.930 ? ? ? ? 541  97.000 ? ? ? ? 0.021 ? ? ? ? ? ? ? ? 3.462 ? ? ? ? 0.024 ? ? 18 1 0.999 ? ? 
4.620 6.530  ? 41.950 ? ? ? ? 424  99.300 ? ? ? ? 0.021 ? ? ? ? ? ? ? ? 3.392 ? ? ? ? 0.025 ? ? 19 1 0.999 ? ? 
6.530 40.812 ? 42.670 ? ? ? ? 248  96.100 ? ? ? ? 0.020 ? ? ? ? ? ? ? ? 3.149 ? ? ? ? 0.024 ? ? 20 1 0.999 ? ? 
# 
_refine.aniso_B[1][1]                            ? 
_refine.aniso_B[1][2]                            ? 
_refine.aniso_B[1][3]                            ? 
_refine.aniso_B[2][2]                            ? 
_refine.aniso_B[2][3]                            ? 
_refine.aniso_B[3][3]                            ? 
_refine.B_iso_max                                41.340 
_refine.B_iso_mean                               16.2200 
_refine.B_iso_min                                6.790 
_refine.correlation_coeff_Fo_to_Fc               ? 
_refine.correlation_coeff_Fo_to_Fc_free          ? 
_refine.details                                  ? 
_refine.diff_density_max                         ? 
_refine.diff_density_max_esd                     ? 
_refine.diff_density_min                         ? 
_refine.diff_density_min_esd                     ? 
_refine.diff_density_rms                         ? 
_refine.diff_density_rms_esd                     ? 
_refine.entry_id                                 7L73 
_refine.pdbx_refine_id                           'X-RAY DIFFRACTION' 
_refine.ls_abs_structure_details                 ? 
_refine.ls_abs_structure_Flack                   ? 
_refine.ls_abs_structure_Flack_esd               ? 
_refine.ls_abs_structure_Rogers                  ? 
_refine.ls_abs_structure_Rogers_esd              ? 
_refine.ls_d_res_high                            1.4600 
_refine.ls_d_res_low                             40.8120 
_refine.ls_extinction_coef                       ? 
_refine.ls_extinction_coef_esd                   ? 
_refine.ls_extinction_expression                 ? 
_refine.ls_extinction_method                     ? 
_refine.ls_goodness_of_fit_all                   ? 
_refine.ls_goodness_of_fit_all_esd               ? 
_refine.ls_goodness_of_fit_obs                   ? 
_refine.ls_goodness_of_fit_obs_esd               ? 
_refine.ls_hydrogen_treatment                    ? 
_refine.ls_matrix_type                           ? 
_refine.ls_number_constraints                    ? 
_refine.ls_number_parameters                     ? 
_refine.ls_number_reflns_all                     ? 
_refine.ls_number_reflns_obs                     19695 
_refine.ls_number_reflns_R_free                  1001 
_refine.ls_number_reflns_R_work                  18694 
_refine.ls_number_restraints                     ? 
_refine.ls_percent_reflns_obs                    99.5000 
_refine.ls_percent_reflns_R_free                 5.0800 
_refine.ls_R_factor_all                          ? 
_refine.ls_R_factor_obs                          0.1706 
_refine.ls_R_factor_R_free                       0.1903 
_refine.ls_R_factor_R_free_error                 ? 
_refine.ls_R_factor_R_free_error_details         ? 
_refine.ls_R_factor_R_work                       0.1695 
_refine.ls_R_Fsqd_factor_obs                     ? 
_refine.ls_R_I_factor_obs                        ? 
_refine.ls_redundancy_reflns_all                 ? 
_refine.ls_redundancy_reflns_obs                 ? 
_refine.ls_restrained_S_all                      ? 
_refine.ls_restrained_S_obs                      ? 
_refine.ls_shift_over_esd_max                    ? 
_refine.ls_shift_over_esd_mean                   ? 
_refine.ls_structure_factor_coef                 ? 
_refine.ls_weighting_details                     ? 
_refine.ls_weighting_scheme                      ? 
_refine.ls_wR_factor_all                         ? 
_refine.ls_wR_factor_obs                         ? 
_refine.ls_wR_factor_R_free                      ? 
_refine.ls_wR_factor_R_work                      ? 
_refine.occupancy_max                            ? 
_refine.occupancy_min                            ? 
_refine.solvent_model_details                    'FLAT BULK SOLVENT MODEL' 
_refine.solvent_model_param_bsol                 ? 
_refine.solvent_model_param_ksol                 ? 
_refine.pdbx_R_complete                          ? 
_refine.ls_R_factor_gt                           ? 
_refine.ls_goodness_of_fit_gt                    ? 
_refine.ls_goodness_of_fit_ref                   ? 
_refine.ls_shift_over_su_max                     ? 
_refine.ls_shift_over_su_max_lt                  ? 
_refine.ls_shift_over_su_mean                    ? 
_refine.ls_shift_over_su_mean_lt                 ? 
_refine.pdbx_ls_sigma_I                          ? 
_refine.pdbx_ls_sigma_F                          1.370 
_refine.pdbx_ls_sigma_Fsqd                       ? 
_refine.pdbx_data_cutoff_high_absF               ? 
_refine.pdbx_data_cutoff_high_rms_absF           ? 
_refine.pdbx_data_cutoff_low_absF                ? 
_refine.pdbx_isotropic_thermal_model             ? 
_refine.pdbx_ls_cross_valid_method               THROUGHOUT 
_refine.pdbx_method_to_determine_struct          'MOLECULAR REPLACEMENT' 
_refine.pdbx_starting_model                      5VBQ 
_refine.pdbx_stereochemistry_target_values       ML 
_refine.pdbx_R_Free_selection_details            ? 
_refine.pdbx_stereochem_target_val_spec_case     ? 
_refine.pdbx_overall_ESU_R                       ? 
_refine.pdbx_overall_ESU_R_Free                  ? 
_refine.pdbx_solvent_vdw_probe_radii             1.1100 
_refine.pdbx_solvent_ion_probe_radii             ? 
_refine.pdbx_solvent_shrinkage_radii             0.9000 
_refine.pdbx_real_space_R                        ? 
_refine.pdbx_density_correlation                 ? 
_refine.pdbx_pd_number_of_powder_patterns        ? 
_refine.pdbx_pd_number_of_points                 ? 
_refine.pdbx_pd_meas_number_of_points            ? 
_refine.pdbx_pd_proc_ls_prof_R_factor            ? 
_refine.pdbx_pd_proc_ls_prof_wR_factor           ? 
_refine.pdbx_pd_Marquardt_correlation_coeff      ? 
_refine.pdbx_pd_Fsqrd_R_factor                   ? 
_refine.pdbx_pd_ls_matrix_band_width             ? 
_refine.pdbx_overall_phase_error                 18.7400 
_refine.pdbx_overall_SU_R_free_Cruickshank_DPI   ? 
_refine.pdbx_overall_SU_R_free_Blow_DPI          ? 
_refine.pdbx_overall_SU_R_Blow_DPI               ? 
_refine.pdbx_TLS_residual_ADP_flag               ? 
_refine.pdbx_diffrn_id                           1 
_refine.overall_SU_B                             ? 
_refine.overall_SU_ML                            0.1300 
_refine.overall_SU_R_Cruickshank_DPI             ? 
_refine.overall_SU_R_free                        ? 
_refine.overall_FOM_free_R_set                   ? 
_refine.overall_FOM_work_R_set                   ? 
_refine.pdbx_average_fsc_overall                 ? 
_refine.pdbx_average_fsc_work                    ? 
_refine.pdbx_average_fsc_free                    ? 
# 
_refine_hist.pdbx_refine_id                   'X-RAY DIFFRACTION' 
_refine_hist.cycle_id                         final 
_refine_hist.details                          ? 
_refine_hist.d_res_high                       1.4600 
_refine_hist.d_res_low                        40.8120 
_refine_hist.number_atoms_solvent             163 
_refine_hist.number_atoms_total               1182 
_refine_hist.number_reflns_all                ? 
_refine_hist.number_reflns_obs                ? 
_refine_hist.number_reflns_R_free             ? 
_refine_hist.number_reflns_R_work             ? 
_refine_hist.R_factor_all                     ? 
_refine_hist.R_factor_obs                     ? 
_refine_hist.R_factor_R_free                  ? 
_refine_hist.R_factor_R_work                  ? 
_refine_hist.pdbx_number_residues_total       112 
_refine_hist.pdbx_B_iso_mean_ligand           16.31 
_refine_hist.pdbx_B_iso_mean_solvent          24.92 
_refine_hist.pdbx_number_atoms_protein        925 
_refine_hist.pdbx_number_atoms_nucleic_acid   0 
_refine_hist.pdbx_number_atoms_ligand         94 
_refine_hist.pdbx_number_atoms_lipid          ? 
_refine_hist.pdbx_number_atoms_carb           ? 
_refine_hist.pdbx_pseudo_atom_details         ? 
# 
loop_
_refine_ls_restr.pdbx_refine_id 
_refine_ls_restr.criterion 
_refine_ls_restr.dev_ideal 
_refine_ls_restr.dev_ideal_target 
_refine_ls_restr.number 
_refine_ls_restr.rejects 
_refine_ls_restr.type 
_refine_ls_restr.weight 
_refine_ls_restr.pdbx_restraint_function 
'X-RAY DIFFRACTION' ? 0.006  ? 1053 ? f_bond_d           ? ? 
'X-RAY DIFFRACTION' ? 1.070  ? 1431 ? f_angle_d          ? ? 
'X-RAY DIFFRACTION' ? 0.064  ? 141  ? f_chiral_restr     ? ? 
'X-RAY DIFFRACTION' ? 0.005  ? 172  ? f_plane_restr      ? ? 
'X-RAY DIFFRACTION' ? 19.803 ? 434  ? f_dihedral_angle_d ? ? 
# 
loop_
_refine_ls_shell.pdbx_refine_id 
_refine_ls_shell.d_res_high 
_refine_ls_shell.d_res_low 
_refine_ls_shell.number_reflns_all 
_refine_ls_shell.number_reflns_obs 
_refine_ls_shell.number_reflns_R_free 
_refine_ls_shell.number_reflns_R_work 
_refine_ls_shell.percent_reflns_obs 
_refine_ls_shell.percent_reflns_R_free 
_refine_ls_shell.R_factor_all 
_refine_ls_shell.R_factor_obs 
_refine_ls_shell.R_factor_R_free 
_refine_ls_shell.R_factor_R_free_error 
_refine_ls_shell.R_factor_R_work 
_refine_ls_shell.redundancy_reflns_all 
_refine_ls_shell.redundancy_reflns_obs 
_refine_ls_shell.wR_factor_all 
_refine_ls_shell.wR_factor_obs 
_refine_ls_shell.wR_factor_R_free 
_refine_ls_shell.wR_factor_R_work 
_refine_ls_shell.pdbx_R_complete 
_refine_ls_shell.pdbx_total_number_of_bins_used 
_refine_ls_shell.pdbx_phase_error 
_refine_ls_shell.pdbx_fsc_work 
_refine_ls_shell.pdbx_fsc_free 
'X-RAY DIFFRACTION' 1.46   1.5368 . . 140 2617 100.0000 . . . 0.2653 0.0000 0.2106 . . . . . . . . . . . 
'X-RAY DIFFRACTION' 1.5368 1.6331 . . 142 2654 100.0000 . . . 0.2038 0.0000 0.1829 . . . . . . . . . . . 
'X-RAY DIFFRACTION' 1.6331 1.7592 . . 143 2670 100.0000 . . . 0.1776 0.0000 0.1770 . . . . . . . . . . . 
'X-RAY DIFFRACTION' 1.7592 1.9363 . . 141 2643 100.0000 . . . 0.2210 0.0000 0.1748 . . . . . . . . . . . 
'X-RAY DIFFRACTION' 1.9363 2.2164 . . 143 2661 100.0000 . . . 0.1851 0.0000 0.1611 . . . . . . . . . . . 
'X-RAY DIFFRACTION' 2.2164 2.7924 . . 144 2694 99.0000  . . . 0.2038 0.0000 0.1750 . . . . . . . . . . . 
'X-RAY DIFFRACTION' 2.7924 40.81  . . 148 2755 99.0000  . . . 0.1674 0.0000 0.1585 . . . . . . . . . . . 
# 
_struct.entry_id                     7L73 
_struct.title                        'Crystal structure of the first bromodomain (BD1) of human BRDT bound to ERK5-IN-1' 
_struct.pdbx_model_details           ? 
_struct.pdbx_formula_weight          ? 
_struct.pdbx_formula_weight_method   ? 
_struct.pdbx_model_type_details      ? 
_struct.pdbx_CASP_flag               N 
# 
_struct_keywords.entry_id        7L73 
_struct_keywords.text            'BRDT, BET, PLK1, testis specific, GENE REGULATION' 
_struct_keywords.pdbx_keywords   'GENE REGULATION' 
# 
loop_
_struct_asym.id 
_struct_asym.pdbx_blank_PDB_chainid_flag 
_struct_asym.pdbx_modified 
_struct_asym.entity_id 
_struct_asym.details 
A N N 1 ? 
B N N 2 ? 
C N N 2 ? 
D N N 3 ? 
# 
loop_
_struct_conf.conf_type_id 
_struct_conf.id 
_struct_conf.pdbx_PDB_helix_id 
_struct_conf.beg_label_comp_id 
_struct_conf.beg_label_asym_id 
_struct_conf.beg_label_seq_id 
_struct_conf.pdbx_beg_PDB_ins_code 
_struct_conf.end_label_comp_id 
_struct_conf.end_label_asym_id 
_struct_conf.end_label_seq_id 
_struct_conf.pdbx_end_PDB_ins_code 
_struct_conf.beg_auth_comp_id 
_struct_conf.beg_auth_asym_id 
_struct_conf.beg_auth_seq_id 
_struct_conf.end_auth_comp_id 
_struct_conf.end_auth_asym_id 
_struct_conf.end_auth_seq_id 
_struct_conf.pdbx_PDB_helix_class 
_struct_conf.details 
_struct_conf.pdbx_PDB_helix_length 
HELX_P HELX_P1 AA1 GLY A 1  ? VAL A 14  ? GLY A 25  VAL A 38  1 ? 14 
HELX_P HELX_P2 AA2 VAL A 14 ? HIS A 22  ? VAL A 38  HIS A 46  1 ? 9  
HELX_P HELX_P3 AA3 SER A 25 ? GLN A 29  ? SER A 49  GLN A 53  5 ? 5  
HELX_P HELX_P4 AA4 ASP A 41 ? ILE A 46  ? ASP A 65  ILE A 70  1 ? 6  
HELX_P HELX_P5 AA5 ASP A 51 ? ASN A 61  ? ASP A 75  ASN A 85  1 ? 11 
HELX_P HELX_P6 AA6 LYS A 66 ? ASN A 85  ? LYS A 90  ASN A 109 1 ? 20 
HELX_P HELX_P7 AA7 ASP A 89 ? GLN A 108 ? ASP A 113 GLN A 132 1 ? 20 
# 
_struct_conf_type.id          HELX_P 
_struct_conf_type.criteria    ? 
_struct_conf_type.reference   ? 
# 
loop_
_struct_site.id 
_struct_site.pdbx_evidence_code 
_struct_site.pdbx_auth_asym_id 
_struct_site.pdbx_auth_comp_id 
_struct_site.pdbx_auth_seq_id 
_struct_site.pdbx_auth_ins_code 
_struct_site.pdbx_num_residues 
_struct_site.details 
AC1 Software A VYJ 201 ? 14 'binding site for residue VYJ A 201' 
AC2 Software A VYJ 202 ? 14 'binding site for residue VYJ A 202' 
# 
loop_
_struct_site_gen.id 
_struct_site_gen.site_id 
_struct_site_gen.pdbx_num_res 
_struct_site_gen.label_comp_id 
_struct_site_gen.label_asym_id 
_struct_site_gen.label_seq_id 
_struct_site_gen.pdbx_auth_ins_code 
_struct_site_gen.auth_comp_id 
_struct_site_gen.auth_asym_id 
_struct_site_gen.auth_seq_id 
_struct_site_gen.label_atom_id 
_struct_site_gen.label_alt_id 
_struct_site_gen.symmetry 
_struct_site_gen.details 
1  AC1 14 TRP A 26  ? TRP A 50  . ? 1_555 ? 
2  AC1 14 PRO A 27  ? PRO A 51  . ? 1_555 ? 
3  AC1 14 LYS A 36  ? LYS A 60  . ? 1_555 ? 
4  AC1 14 LEU A 37  ? LEU A 61  . ? 1_555 ? 
5  AC1 14 LEU A 39  ? LEU A 63  . ? 1_555 ? 
6  AC1 14 SER A 79  ? SER A 103 . ? 1_545 ? 
7  AC1 14 TYR A 82  ? TYR A 106 . ? 1_545 ? 
8  AC1 14 ASN A 85  ? ASN A 109 . ? 1_555 ? 
9  AC1 14 PRO A 87  ? PRO A 111 . ? 1_545 ? 
10 AC1 14 GLN A 96  ? GLN A 120 . ? 1_545 ? 
11 AC1 14 HOH D .   ? HOH A 315 . ? 1_555 ? 
12 AC1 14 HOH D .   ? HOH A 322 . ? 1_555 ? 
13 AC1 14 HOH D .   ? HOH A 355 . ? 1_555 ? 
14 AC1 14 HOH D .   ? HOH A 392 . ? 1_555 ? 
15 AC2 14 LYS A 17  ? LYS A 41  . ? 1_565 ? 
16 AC2 14 TRP A 20  ? TRP A 44  . ? 1_565 ? 
17 AC2 14 LYS A 21  ? LYS A 45  . ? 1_565 ? 
18 AC2 14 GLN A 38  ? GLN A 62  . ? 3_555 ? 
19 AC2 14 LEU A 39  ? LEU A 63  . ? 3_555 ? 
20 AC2 14 ASP A 41  ? ASP A 65  . ? 3_555 ? 
21 AC2 14 ILE A 71  ? ILE A 95  . ? 1_555 ? 
22 AC2 14 ASN A 75  ? ASN A 99  . ? 1_555 ? 
23 AC2 14 TYR A 84  ? TYR A 108 . ? 3_555 ? 
24 AC2 14 MET A 103 ? MET A 127 . ? 1_555 ? 
25 AC2 14 LEU A 106 ? LEU A 130 . ? 1_555 ? 
26 AC2 14 SER A 107 ? SER A 131 . ? 1_555 ? 
27 AC2 14 MET A 109 ? MET A 133 . ? 1_555 ? 
28 AC2 14 HOH D .   ? HOH A 310 . ? 1_555 ? 
# 
_atom_sites.entry_id                    7L73 
_atom_sites.Cartn_transf_matrix[1][1]   ? 
_atom_sites.Cartn_transf_matrix[1][2]   ? 
_atom_sites.Cartn_transf_matrix[1][3]   ? 
_atom_sites.Cartn_transf_matrix[2][1]   ? 
_atom_sites.Cartn_transf_matrix[2][2]   ? 
_atom_sites.Cartn_transf_matrix[2][3]   ? 
_atom_sites.Cartn_transf_matrix[3][1]   ? 
_atom_sites.Cartn_transf_matrix[3][2]   ? 
_atom_sites.Cartn_transf_matrix[3][3]   ? 
_atom_sites.Cartn_transf_vector[1]      ? 
_atom_sites.Cartn_transf_vector[2]      ? 
_atom_sites.Cartn_transf_vector[3]      ? 
_atom_sites.fract_transf_matrix[1][1]   0.00206498 
_atom_sites.fract_transf_matrix[1][2]   -0.00338293 
_atom_sites.fract_transf_matrix[1][3]   0.01159317 
_atom_sites.fract_transf_matrix[2][1]   -0.03033340 
_atom_sites.fract_transf_matrix[2][2]   -0.02949033 
_atom_sites.fract_transf_matrix[2][3]   -0.00320240 
_atom_sites.fract_transf_matrix[3][1]   0.01236317 
_atom_sites.fract_transf_matrix[3][2]   -0.01259213 
_atom_sites.fract_transf_matrix[3][3]   -0.00114635 
_atom_sites.fract_transf_vector[1]      0.298933 
_atom_sites.fract_transf_vector[2]      -0.086228 
_atom_sites.fract_transf_vector[3]      1.223954 
_atom_sites.solution_primary            ? 
_atom_sites.solution_secondary          ? 
_atom_sites.solution_hydrogens          ? 
_atom_sites.special_details             ? 
# 
loop_
_atom_type.symbol 
C 
N 
O 
S 
# 
loop_
_atom_site.group_PDB 
_atom_site.id 
_atom_site.type_symbol 
_atom_site.label_atom_id 
_atom_site.label_alt_id 
_atom_site.label_comp_id 
_atom_site.label_asym_id 
_atom_site.label_entity_id 
_atom_site.label_seq_id 
_atom_site.pdbx_PDB_ins_code 
_atom_site.Cartn_x 
_atom_site.Cartn_y 
_atom_site.Cartn_z 
_atom_site.occupancy 
_atom_site.B_iso_or_equiv 
_atom_site.pdbx_formal_charge 
_atom_site.auth_seq_id 
_atom_site.auth_comp_id 
_atom_site.auth_asym_id 
_atom_site.auth_atom_id 
_atom_site.pdbx_PDB_model_num 
ATOM   1    N N   . GLY A 1 1   ? -15.762 8.139   16.021  1.00 39.24 ? 25  GLY A N   1 
ATOM   2    C CA  . GLY A 1 1   ? -15.552 6.713   16.193  1.00 25.58 ? 25  GLY A CA  1 
ATOM   3    C C   . GLY A 1 1   ? -14.203 6.398   16.810  1.00 20.06 ? 25  GLY A C   1 
ATOM   4    O O   . GLY A 1 1   ? -13.186 6.339   16.113  1.00 20.11 ? 25  GLY A O   1 
ATOM   5    N N   . ALA A 1 2   ? -14.201 6.195   18.127  1.00 21.21 ? 26  ALA A N   1 
ATOM   6    C CA  . ALA A 1 2   ? -12.947 5.996   18.845  1.00 20.04 ? 26  ALA A CA  1 
ATOM   7    C C   . ALA A 1 2   ? -12.222 4.743   18.372  1.00 17.36 ? 26  ALA A C   1 
ATOM   8    O O   . ALA A 1 2   ? -10.996 4.758   18.194  1.00 15.99 ? 26  ALA A O   1 
ATOM   9    C CB  . ALA A 1 2   ? -13.218 5.926   20.345  1.00 20.58 ? 26  ALA A CB  1 
ATOM   10   N N   . ALA A 1 3   ? -12.956 3.648   18.173  1.00 17.35 ? 27  ALA A N   1 
ATOM   11   C CA  . ALA A 1 3   ? -12.320 2.405   17.753  1.00 16.70 ? 27  ALA A CA  1 
ATOM   12   C C   . ALA A 1 3   ? -11.706 2.558   16.370  1.00 16.82 ? 27  ALA A C   1 
ATOM   13   O O   . ALA A 1 3   ? -10.566 2.141   16.134  1.00 15.60 ? 27  ALA A O   1 
ATOM   14   C CB  . ALA A 1 3   ? -13.340 1.263   17.769  1.00 21.57 ? 27  ALA A CB  1 
ATOM   15   N N   . SER A 1 4   ? -12.451 3.160   15.439  1.00 16.29 ? 28  SER A N   1 
ATOM   16   C CA  . SER A 1 4   ? -11.931 3.343   14.087  1.00 17.14 ? 28  SER A CA  1 
ATOM   17   C C   . SER A 1 4   ? -10.716 4.261   14.084  1.00 17.16 ? 28  SER A C   1 
ATOM   18   O O   . SER A 1 4   ? -9.736  3.998   13.377  1.00 15.38 ? 28  SER A O   1 
ATOM   19   C CB  . SER A 1 4   ? -13.033 3.867   13.170  1.00 18.35 ? 28  SER A CB  1 
ATOM   20   O OG  . SER A 1 4   ? -13.924 2.815   12.837  1.00 23.28 ? 28  SER A OG  1 
ATOM   21   N N   . THR A 1 5   ? -10.745 5.329   14.887  1.00 16.30 ? 29  THR A N   1 
ATOM   22   C CA  . THR A 1 5   ? -9.584  6.211   14.982  1.00 13.85 ? 29  THR A CA  1 
ATOM   23   C C   . THR A 1 5   ? -8.372  5.458   15.523  1.00 14.45 ? 29  THR A C   1 
ATOM   24   O O   . THR A 1 5   ? -7.250  5.637   15.037  1.00 14.01 ? 29  THR A O   1 
ATOM   25   C CB  . THR A 1 5   ? -9.918  7.423   15.860  1.00 18.09 ? 29  THR A CB  1 
ATOM   26   O OG1 . THR A 1 5   ? -10.898 8.239   15.201  1.00 20.72 ? 29  THR A OG1 1 
ATOM   27   C CG2 . THR A 1 5   ? -8.671  8.261   16.122  1.00 19.53 ? 29  THR A CG2 1 
ATOM   28   N N   . ASN A 1 6   ? -8.584  4.591   16.516  1.00 14.63 ? 30  ASN A N   1 
ATOM   29   C CA  . ASN A 1 6   ? -7.481  3.811   17.072  1.00 13.78 ? 30  ASN A CA  1 
ATOM   30   C C   . ASN A 1 6   ? -6.909  2.844   16.036  1.00 12.39 ? 30  ASN A C   1 
ATOM   31   O O   . ASN A 1 6   ? -5.685  2.665   15.947  1.00 11.90 ? 30  ASN A O   1 
ATOM   32   C CB  . ASN A 1 6   ? -7.980  3.083   18.324  1.00 15.15 ? 30  ASN A CB  1 
ATOM   33   C CG  . ASN A 1 6   ? -6.901  2.258   19.009  1.00 19.62 ? 30  ASN A CG  1 
ATOM   34   O OD1 . ASN A 1 6   ? -5.878  2.787   19.450  1.00 26.37 ? 30  ASN A OD1 1 
ATOM   35   N ND2 . ASN A 1 6   ? -7.141  0.959   19.123  1.00 20.68 ? 30  ASN A ND2 1 
ATOM   36   N N   . GLN A 1 7   ? -7.774  2.218   15.232  1.00 12.61 ? 31  GLN A N   1 
ATOM   37   C CA  . GLN A 1 7   ? -7.283  1.308   14.199  1.00 12.31 ? 31  GLN A CA  1 
ATOM   38   C C   . GLN A 1 7   ? -6.526  2.059   13.113  1.00 10.95 ? 31  GLN A C   1 
ATOM   39   O O   . GLN A 1 7   ? -5.494  1.582   12.627  1.00 10.03 ? 31  GLN A O   1 
ATOM   40   C CB  . GLN A 1 7   ? -8.444  0.524   13.601  1.00 10.48 ? 31  GLN A CB  1 
ATOM   41   C CG  . GLN A 1 7   ? -9.075  -0.462  14.564  1.00 13.07 ? 31  GLN A CG  1 
ATOM   42   C CD  . GLN A 1 7   ? -10.255 -1.169  13.938  1.00 19.01 ? 31  GLN A CD  1 
ATOM   43   O OE1 . GLN A 1 7   ? -11.100 -0.535  13.311  1.00 19.64 ? 31  GLN A OE1 1 
ATOM   44   N NE2 . GLN A 1 7   ? -10.305 -2.492  14.078  1.00 24.19 ? 31  GLN A NE2 1 
ATOM   45   N N   . LEU A 1 8   ? -7.023  3.229   12.715  1.00 10.33 ? 32  LEU A N   1 
ATOM   46   C CA  . LEU A 1 8   ? -6.312  4.028   11.723  1.00 10.08 ? 32  LEU A CA  1 
ATOM   47   C C   . LEU A 1 8   ? -4.967  4.497   12.262  1.00 10.36 ? 32  LEU A C   1 
ATOM   48   O O   . LEU A 1 8   ? -3.976  4.563   11.522  1.00 11.21 ? 32  LEU A O   1 
ATOM   49   C CB  . LEU A 1 8   ? -7.178  5.207   11.281  1.00 11.89 ? 32  LEU A CB  1 
ATOM   50   C CG  . LEU A 1 8   ? -8.318  4.854   10.321  1.00 11.40 ? 32  LEU A CG  1 
ATOM   51   C CD1 . LEU A 1 8   ? -9.375  5.960   10.298  1.00 14.44 ? 32  LEU A CD1 1 
ATOM   52   C CD2 . LEU A 1 8   ? -7.804  4.559   8.910   1.00 12.19 ? 32  LEU A CD2 1 
ATOM   53   N N   . GLN A 1 9   ? -4.897  4.804   13.559  1.00 11.23 ? 33  GLN A N   1 
ATOM   54   C CA  . GLN A 1 9   ? -3.607  5.158   14.141  1.00 11.74 ? 33  GLN A CA  1 
ATOM   55   C C   . GLN A 1 9   ? -2.632  3.987   14.078  1.00 11.01 ? 33  GLN A C   1 
ATOM   56   O O   . GLN A 1 9   ? -1.441  4.175   13.808  1.00 10.76 ? 33  GLN A O   1 
ATOM   57   C CB  . GLN A 1 9   ? -3.797  5.604   15.596  1.00 14.68 ? 33  GLN A CB  1 
ATOM   58   C CG  . GLN A 1 9   ? -2.538  6.158   16.249  1.00 20.90 ? 33  GLN A CG  1 
ATOM   59   C CD  . GLN A 1 9   ? -2.353  7.641   15.990  1.00 25.91 ? 33  GLN A CD  1 
ATOM   60   O OE1 . GLN A 1 9   ? -3.099  8.245   15.212  1.00 30.69 ? 33  GLN A OE1 1 
ATOM   61   N NE2 . GLN A 1 9   ? -1.357  8.239   16.639  1.00 33.41 ? 33  GLN A NE2 1 
ATOM   62   N N   . TYR A 1 10  ? -3.113  2.772   14.345  1.00 9.89  ? 34  TYR A N   1 
ATOM   63   C CA  . TYR A 1 10  ? -2.273  1.587   14.208  1.00 9.37  ? 34  TYR A CA  1 
ATOM   64   C C   . TYR A 1 10  ? -1.791  1.417   12.773  1.00 10.51 ? 34  TYR A C   1 
ATOM   65   O O   . TYR A 1 10  ? -0.616  1.119   12.536  1.00 9.57  ? 34  TYR A O   1 
ATOM   66   C CB  . TYR A 1 10  ? -3.050  0.346   14.660  1.00 10.77 ? 34  TYR A CB  1 
ATOM   67   C CG  . TYR A 1 10  ? -2.254  -0.929  14.545  1.00 10.48 ? 34  TYR A CG  1 
ATOM   68   C CD1 . TYR A 1 10  ? -1.397  -1.325  15.561  1.00 10.97 ? 34  TYR A CD1 1 
ATOM   69   C CD2 . TYR A 1 10  ? -2.340  -1.726  13.409  1.00 10.27 ? 34  TYR A CD2 1 
ATOM   70   C CE1 . TYR A 1 10  ? -0.658  -2.491  15.453  1.00 10.54 ? 34  TYR A CE1 1 
ATOM   71   C CE2 . TYR A 1 10  ? -1.599  -2.887  13.294  1.00 9.71  ? 34  TYR A CE2 1 
ATOM   72   C CZ  . TYR A 1 10  ? -0.761  -3.267  14.318  1.00 10.48 ? 34  TYR A CZ  1 
ATOM   73   O OH  . TYR A 1 10  ? -0.014  -4.418  14.212  1.00 13.14 ? 34  TYR A OH  1 
ATOM   74   N N   . LEU A 1 11  ? -2.677  1.624   11.801  1.00 9.62  ? 35  LEU A N   1 
ATOM   75   C CA  . LEU A 1 11  ? -2.262  1.502   10.407  1.00 8.83  ? 35  LEU A CA  1 
ATOM   76   C C   . LEU A 1 11  ? -1.204  2.538   10.055  1.00 9.21  ? 35  LEU A C   1 
ATOM   77   O O   . LEU A 1 11  ? -0.258  2.248   9.310   1.00 9.74  ? 35  LEU A O   1 
ATOM   78   C CB  . LEU A 1 11  ? -3.475  1.638   9.491   1.00 9.81  ? 35  LEU A CB  1 
ATOM   79   C CG  . LEU A 1 11  ? -4.448  0.461   9.587   1.00 9.34  ? 35  LEU A CG  1 
ATOM   80   C CD1 . LEU A 1 11  ? -5.747  0.804   8.890   1.00 11.27 ? 35  LEU A CD1 1 
ATOM   81   C CD2 . LEU A 1 11  ? -3.836  -0.777  8.974   1.00 13.35 ? 35  LEU A CD2 1 
ATOM   82   N N   . GLN A 1 12  ? -1.344  3.756   10.580  1.00 9.68  ? 36  GLN A N   1 
ATOM   83   C CA  . GLN A 1 12  ? -0.389  4.819   10.275  1.00 10.61 ? 36  GLN A CA  1 
ATOM   84   C C   . GLN A 1 12  ? 0.929   4.624   11.018  1.00 9.47  ? 36  GLN A C   1 
ATOM   85   O O   . GLN A 1 12  ? 2.009   4.677   10.414  1.00 11.71 ? 36  GLN A O   1 
ATOM   86   C CB  . GLN A 1 12  ? -0.998  6.176   10.633  1.00 11.32 ? 36  GLN A CB  1 
ATOM   87   C CG  . GLN A 1 12  ? -0.088  7.366   10.325  1.00 12.05 ? 36  GLN A CG  1 
ATOM   88   C CD  . GLN A 1 12  ? -0.743  8.689   10.660  1.00 14.80 ? 36  GLN A CD  1 
ATOM   89   O OE1 . GLN A 1 12  ? -1.761  8.736   11.347  1.00 20.39 ? 36  GLN A OE1 1 
ATOM   90   N NE2 . GLN A 1 12  ? -0.153  9.773   10.176  1.00 21.16 ? 36  GLN A NE2 1 
ATOM   91   N N   . LYS A 1 13  ? 0.855   4.397   12.332  1.00 10.02 ? 37  LYS A N   1 
ATOM   92   C CA  . LYS A 1 13  ? 2.053   4.403   13.165  1.00 10.59 ? 37  LYS A CA  1 
ATOM   93   C C   . LYS A 1 13  ? 2.782   3.071   13.201  1.00 11.01 ? 37  LYS A C   1 
ATOM   94   O O   . LYS A 1 13  ? 3.988   3.056   13.479  1.00 13.37 ? 37  LYS A O   1 
ATOM   95   C CB  . LYS A 1 13  ? 1.719   4.848   14.596  1.00 12.91 ? 37  LYS A CB  1 
ATOM   96   C CG  . LYS A 1 13  ? 1.064   6.211   14.675  1.00 14.00 ? 37  LYS A CG  1 
ATOM   97   C CD  . LYS A 1 13  ? 1.957   7.340   14.165  1.00 18.36 ? 37  LYS A CD  1 
ATOM   98   C CE  . LYS A 1 13  ? 1.249   8.691   14.321  1.00 24.52 ? 37  LYS A CE  1 
ATOM   99   N NZ  . LYS A 1 13  ? 2.080   9.837   13.856  1.00 30.24 ? 37  LYS A NZ  1 
ATOM   100  N N   . VAL A 1 14  ? 2.092   1.962   12.937  1.00 10.55 ? 38  VAL A N   1 
ATOM   101  C CA  . VAL A 1 14  ? 2.718   0.647   12.956  1.00 11.06 ? 38  VAL A CA  1 
ATOM   102  C C   . VAL A 1 14  ? 2.842   0.077   11.545  1.00 11.56 ? 38  VAL A C   1 
ATOM   103  O O   . VAL A 1 14  ? 3.956   -0.093  11.039  1.00 11.98 ? 38  VAL A O   1 
ATOM   104  C CB  . VAL A 1 14  ? 1.996   -0.316  13.924  1.00 11.35 ? 38  VAL A CB  1 
ATOM   105  C CG1 . VAL A 1 14  ? 2.660   -1.696  13.899  1.00 14.05 ? 38  VAL A CG1 1 
ATOM   106  C CG2 . VAL A 1 14  ? 1.993   0.256   15.330  1.00 13.35 ? 38  VAL A CG2 1 
ATOM   107  N N   . VAL A 1 15  ? 1.711   -0.196  10.886  1.00 10.69 ? 39  VAL A N   1 
ATOM   108  C CA  . VAL A 1 15  ? 1.750   -0.948  9.629   1.00 10.64 ? 39  VAL A CA  1 
ATOM   109  C C   . VAL A 1 15  ? 2.475   -0.162  8.540   1.00 10.23 ? 39  VAL A C   1 
ATOM   110  O O   . VAL A 1 15  ? 3.384   -0.680  7.878   1.00 9.51  ? 39  VAL A O   1 
ATOM   111  C CB  . VAL A 1 15  ? 0.333   -1.356  9.184   1.00 8.61  ? 39  VAL A CB  1 
ATOM   112  C CG1 . VAL A 1 15  ? 0.395   -2.104  7.834   1.00 11.25 ? 39  VAL A CG1 1 
ATOM   113  C CG2 . VAL A 1 15  ? -0.325  -2.230  10.239  1.00 12.39 ? 39  VAL A CG2 1 
ATOM   114  N N   . LEU A 1 16  ? 2.071   1.096   8.326   1.00 8.53  ? 40  LEU A N   1 
ATOM   115  C CA  . LEU A 1 16  ? 2.695   1.908   7.283   1.00 9.01  ? 40  LEU A CA  1 
ATOM   116  C C   . LEU A 1 16  ? 4.187   2.080   7.533   1.00 8.82  ? 40  LEU A C   1 
ATOM   117  O O   . LEU A 1 16  ? 5.000   1.939   6.609   1.00 9.87  ? 40  LEU A O   1 
ATOM   118  C CB  . LEU A 1 16  ? 2.006   3.272   7.211   1.00 8.06  ? 40  LEU A CB  1 
ATOM   119  C CG  . LEU A 1 16  ? 2.583   4.248   6.180   1.00 8.97  ? 40  LEU A CG  1 
ATOM   120  C CD1 . LEU A 1 16  ? 2.385   3.727   4.770   1.00 10.08 ? 40  LEU A CD1 1 
ATOM   121  C CD2 . LEU A 1 16  ? 1.948   5.627   6.349   1.00 10.89 ? 40  LEU A CD2 1 
ATOM   122  N N   . LYS A 1 17  ? 4.558   2.368   8.783   1.00 8.81  ? 41  LYS A N   1 
ATOM   123  C CA  . LYS A 1 17  ? 5.962   2.559   9.137   1.00 8.94  ? 41  LYS A CA  1 
ATOM   124  C C   . LYS A 1 17  ? 6.771   1.281   8.931   1.00 11.63 ? 41  LYS A C   1 
ATOM   125  O O   . LYS A 1 17  ? 7.908   1.332   8.449   1.00 10.73 ? 41  LYS A O   1 
ATOM   126  C CB  . LYS A 1 17  ? 6.062   3.045   10.588  1.00 8.45  ? 41  LYS A CB  1 
ATOM   127  C CG  . LYS A 1 17  ? 7.480   3.140   11.166  1.00 10.10 ? 41  LYS A CG  1 
ATOM   128  C CD  . LYS A 1 17  ? 7.919   1.862   11.866  1.00 11.66 ? 41  LYS A CD  1 
ATOM   129  C CE  . LYS A 1 17  ? 7.158   1.615   13.158  1.00 13.98 ? 41  LYS A CE  1 
ATOM   130  N NZ  . LYS A 1 17  ? 7.598   0.334   13.795  1.00 14.64 ? 41  LYS A NZ  1 
ATOM   131  N N   . ASP A 1 18  ? 6.212   0.126   9.302   1.00 10.90 ? 42  ASP A N   1 
ATOM   132  C CA  . ASP A 1 18  ? 6.927   -1.137  9.130   1.00 10.78 ? 42  ASP A CA  1 
ATOM   133  C C   . ASP A 1 18  ? 7.136   -1.464  7.658   1.00 10.50 ? 42  ASP A C   1 
ATOM   134  O O   . ASP A 1 18  ? 8.201   -1.959  7.268   1.00 10.74 ? 42  ASP A O   1 
ATOM   135  C CB  . ASP A 1 18  ? 6.176   -2.270  9.822   1.00 13.70 ? 42  ASP A CB  1 
ATOM   136  C CG  . ASP A 1 18  ? 6.343   -2.239  11.325  1.00 14.15 ? 42  ASP A CG  1 
ATOM   137  O OD1 . ASP A 1 18  ? 7.290   -1.574  11.802  1.00 14.71 ? 42  ASP A OD1 1 
ATOM   138  O OD2 . ASP A 1 18  ? 5.509   -2.857  12.029  1.00 15.82 ? 42  ASP A OD2 1 
ATOM   139  N N   . LEU A 1 19  ? 6.132   -1.208  6.825   1.00 9.96  ? 43  LEU A N   1 
ATOM   140  C CA  . LEU A 1 19  ? 6.331   -1.409  5.395   1.00 10.60 ? 43  LEU A CA  1 
ATOM   141  C C   . LEU A 1 19  ? 7.348   -0.418  4.858   1.00 10.47 ? 43  LEU A C   1 
ATOM   142  O O   . LEU A 1 19  ? 8.253   -0.801  4.114   1.00 11.55 ? 43  LEU A O   1 
ATOM   143  C CB  . LEU A 1 19  ? 5.015   -1.285  4.635   1.00 11.81 ? 43  LEU A CB  1 
ATOM   144  C CG  . LEU A 1 19  ? 4.172   -2.551  4.455   1.00 17.34 ? 43  LEU A CG  1 
ATOM   145  C CD1 . LEU A 1 19  ? 4.009   -3.324  5.754   1.00 17.90 ? 43  LEU A CD1 1 
ATOM   146  C CD2 . LEU A 1 19  ? 2.805   -2.196  3.879   1.00 17.24 ? 43  LEU A CD2 1 
ATOM   147  N N   . TRP A 1 20  ? 7.249   0.849   5.276   1.00 10.29 ? 44  TRP A N   1 
ATOM   148  C CA  . TRP A 1 20  ? 8.132   1.878   4.734   1.00 10.57 ? 44  TRP A CA  1 
ATOM   149  C C   . TRP A 1 20  ? 9.592   1.567   5.008   1.00 11.80 ? 44  TRP A C   1 
ATOM   150  O O   . TRP A 1 20  ? 10.440  1.742   4.130   1.00 11.19 ? 44  TRP A O   1 
ATOM   151  C CB  . TRP A 1 20  ? 7.778   3.245   5.311   1.00 10.74 ? 44  TRP A CB  1 
ATOM   152  C CG  . TRP A 1 20  ? 8.327   4.397   4.516   1.00 10.96 ? 44  TRP A CG  1 
ATOM   153  C CD1 . TRP A 1 20  ? 9.612   4.878   4.543   1.00 11.35 ? 44  TRP A CD1 1 
ATOM   154  C CD2 . TRP A 1 20  ? 7.612   5.216   3.584   1.00 10.01 ? 44  TRP A CD2 1 
ATOM   155  N NE1 . TRP A 1 20  ? 9.730   5.950   3.688   1.00 10.73 ? 44  TRP A NE1 1 
ATOM   156  C CE2 . TRP A 1 20  ? 8.521   6.177   3.087   1.00 9.96  ? 44  TRP A CE2 1 
ATOM   157  C CE3 . TRP A 1 20  ? 6.288   5.241   3.125   1.00 11.49 ? 44  TRP A CE3 1 
ATOM   158  C CZ2 . TRP A 1 20  ? 8.146   7.145   2.156   1.00 11.01 ? 44  TRP A CZ2 1 
ATOM   159  C CZ3 . TRP A 1 20  ? 5.924   6.205   2.202   1.00 12.11 ? 44  TRP A CZ3 1 
ATOM   160  C CH2 . TRP A 1 20  ? 6.855   7.139   1.722   1.00 12.64 ? 44  TRP A CH2 1 
ATOM   161  N N   . LYS A 1 21  ? 9.912   1.120   6.220   1.00 11.71 ? 45  LYS A N   1 
ATOM   162  C CA  . LYS A 1 21  ? 11.311  0.880   6.545   1.00 12.39 ? 45  LYS A CA  1 
ATOM   163  C C   . LYS A 1 21  ? 11.834  -0.441  5.998   1.00 13.75 ? 45  LYS A C   1 
ATOM   164  O O   . LYS A 1 21  ? 13.042  -0.687  6.070   1.00 15.29 ? 45  LYS A O   1 
ATOM   165  C CB  . LYS A 1 21  ? 11.557  0.992   8.051   1.00 14.39 ? 45  LYS A CB  1 
ATOM   166  C CG  . LYS A 1 21  ? 10.928  -0.094  8.890   1.00 13.92 ? 45  LYS A CG  1 
ATOM   167  C CD  . LYS A 1 21  ? 11.249  0.162   10.370  1.00 12.63 ? 45  LYS A CD  1 
ATOM   168  C CE  . LYS A 1 21  ? 10.591  -0.859  11.268  1.00 17.07 ? 45  LYS A CE  1 
ATOM   169  N NZ  . LYS A 1 21  ? 11.171  -2.207  11.047  1.00 18.44 ? 45  LYS A NZ  1 
ATOM   170  N N   . HIS A 1 22  ? 10.972  -1.281  5.442   1.00 11.89 ? 46  HIS A N   1 
ATOM   171  C CA  . HIS A 1 22  ? 11.422  -2.518  4.826   1.00 12.09 ? 46  HIS A CA  1 
ATOM   172  C C   . HIS A 1 22  ? 12.199  -2.206  3.553   1.00 13.02 ? 46  HIS A C   1 
ATOM   173  O O   . HIS A 1 22  ? 11.823  -1.324  2.776   1.00 12.12 ? 46  HIS A O   1 
ATOM   174  C CB  . HIS A 1 22  ? 10.211  -3.391  4.502   1.00 12.35 ? 46  HIS A CB  1 
ATOM   175  C CG  . HIS A 1 22  ? 10.559  -4.776  4.056   1.00 13.79 ? 46  HIS A CG  1 
ATOM   176  N ND1 . HIS A 1 22  ? 11.082  -5.050  2.811   1.00 14.65 ? 46  HIS A ND1 1 
ATOM   177  C CD2 . HIS A 1 22  ? 10.448  -5.968  4.687   1.00 14.00 ? 46  HIS A CD2 1 
ATOM   178  C CE1 . HIS A 1 22  ? 11.287  -6.348  2.698   1.00 15.79 ? 46  HIS A CE1 1 
ATOM   179  N NE2 . HIS A 1 22  ? 10.909  -6.930  3.821   1.00 16.72 ? 46  HIS A NE2 1 
ATOM   180  N N   . SER A 1 23  ? 13.280  -2.957  3.333   1.00 13.81 ? 47  SER A N   1 
ATOM   181  C CA  . SER A 1 23  ? 14.196  -2.646  2.241   1.00 14.81 ? 47  SER A CA  1 
ATOM   182  C C   . SER A 1 23  ? 13.586  -2.832  0.851   1.00 11.78 ? 47  SER A C   1 
ATOM   183  O O   . SER A 1 23  ? 14.141  -2.306  -0.118  1.00 13.33 ? 47  SER A O   1 
ATOM   184  C CB  . SER A 1 23  ? 15.479  -3.473  2.376   1.00 16.86 ? 47  SER A CB  1 
ATOM   185  O OG  . SER A 1 23  ? 15.251  -4.826  2.038   1.00 19.86 ? 47  SER A OG  1 
ATOM   186  N N   . PHE A 1 24  ? 12.466  -3.550  0.723   1.00 11.10 ? 48  PHE A N   1 
ATOM   187  C CA  . PHE A 1 24  ? 11.799  -3.718  -0.570  1.00 11.85 ? 48  PHE A CA  1 
ATOM   188  C C   . PHE A 1 24  ? 10.742  -2.651  -0.846  1.00 13.33 ? 48  PHE A C   1 
ATOM   189  O O   . PHE A 1 24  ? 10.087  -2.711  -1.890  1.00 11.81 ? 48  PHE A O   1 
ATOM   190  C CB  . PHE A 1 24  ? 11.084  -5.076  -0.652  1.00 11.40 ? 48  PHE A CB  1 
ATOM   191  C CG  . PHE A 1 24  ? 11.991  -6.253  -0.878  1.00 11.81 ? 48  PHE A CG  1 
ATOM   192  C CD1 . PHE A 1 24  ? 13.333  -6.089  -1.188  1.00 13.34 ? 48  PHE A CD1 1 
ATOM   193  C CD2 . PHE A 1 24  ? 11.479  -7.536  -0.785  1.00 14.93 ? 48  PHE A CD2 1 
ATOM   194  C CE1 . PHE A 1 24  ? 14.152  -7.197  -1.401  1.00 17.50 ? 48  PHE A CE1 1 
ATOM   195  C CE2 . PHE A 1 24  ? 12.286  -8.650  -0.997  1.00 14.39 ? 48  PHE A CE2 1 
ATOM   196  C CZ  . PHE A 1 24  ? 13.625  -8.474  -1.306  1.00 15.68 ? 48  PHE A CZ  1 
ATOM   197  N N   . SER A 1 25  ? 10.537  -1.692  0.059   1.00 11.21 ? 49  SER A N   1 
ATOM   198  C CA  . SER A 1 25  ? 9.387   -0.806  -0.097  1.00 11.13 ? 49  SER A CA  1 
ATOM   199  C C   . SER A 1 25  ? 9.636   0.376   -1.027  1.00 10.11 ? 49  SER A C   1 
ATOM   200  O O   . SER A 1 25  ? 8.668   0.985   -1.498  1.00 10.22 ? 49  SER A O   1 
ATOM   201  C CB  . SER A 1 25  ? 8.917   -0.285  1.259   1.00 12.15 ? 49  SER A CB  1 
ATOM   202  O OG  . SER A 1 25  ? 9.746   0.764   1.697   1.00 13.35 ? 49  SER A OG  1 
ATOM   203  N N   . TRP A 1 26  ? 10.891  0.703   -1.324  1.00 10.87 ? 50  TRP A N   1 
ATOM   204  C CA  . TRP A 1 26  ? 11.173  1.920   -2.082  1.00 11.90 ? 50  TRP A CA  1 
ATOM   205  C C   . TRP A 1 26  ? 10.397  2.062   -3.393  1.00 10.78 ? 50  TRP A C   1 
ATOM   206  O O   . TRP A 1 26  ? 9.962   3.188   -3.692  1.00 11.04 ? 50  TRP A O   1 
ATOM   207  C CB  . TRP A 1 26  ? 12.689  2.153   -2.245  1.00 11.26 ? 50  TRP A CB  1 
ATOM   208  C CG  . TRP A 1 26  ? 13.381  1.124   -3.098  1.00 11.83 ? 50  TRP A CG  1 
ATOM   209  C CD1 . TRP A 1 26  ? 14.048  0.007   -2.665  1.00 13.69 ? 50  TRP A CD1 1 
ATOM   210  C CD2 . TRP A 1 26  ? 13.483  1.118   -4.527  1.00 9.70  ? 50  TRP A CD2 1 
ATOM   211  N NE1 . TRP A 1 26  ? 14.540  -0.693  -3.735  1.00 13.11 ? 50  TRP A NE1 1 
ATOM   212  C CE2 . TRP A 1 26  ? 14.202  -0.039  -4.893  1.00 10.04 ? 50  TRP A CE2 1 
ATOM   213  C CE3 . TRP A 1 26  ? 13.010  1.964   -5.536  1.00 9.91  ? 50  TRP A CE3 1 
ATOM   214  C CZ2 . TRP A 1 26  ? 14.473  -0.362  -6.227  1.00 11.64 ? 50  TRP A CZ2 1 
ATOM   215  C CZ3 . TRP A 1 26  ? 13.280  1.646   -6.864  1.00 11.18 ? 50  TRP A CZ3 1 
ATOM   216  C CH2 . TRP A 1 26  ? 14.013  0.486   -7.194  1.00 13.02 ? 50  TRP A CH2 1 
ATOM   217  N N   . PRO A 1 27  ? 10.157  1.015   -4.202  1.00 10.84 ? 51  PRO A N   1 
ATOM   218  C CA  . PRO A 1 27  ? 9.426   1.258   -5.453  1.00 10.19 ? 51  PRO A CA  1 
ATOM   219  C C   . PRO A 1 27  ? 8.003   1.681   -5.226  1.00 10.00 ? 51  PRO A C   1 
ATOM   220  O O   . PRO A 1 27  ? 7.382   2.230   -6.145  1.00 11.93 ? 51  PRO A O   1 
ATOM   221  C CB  . PRO A 1 27  ? 9.486   -0.088  -6.191  1.00 10.58 ? 51  PRO A CB  1 
ATOM   222  C CG  . PRO A 1 27  ? 10.597  -0.850  -5.532  1.00 10.10 ? 51  PRO A CG  1 
ATOM   223  C CD  . PRO A 1 27  ? 10.546  -0.410  -4.089  1.00 10.98 ? 51  PRO A CD  1 
ATOM   224  N N   . PHE A 1 28  ? 7.476   1.440   -4.034  1.00 9.94  ? 52  PHE A N   1 
ATOM   225  C CA  . PHE A 1 28  ? 6.098   1.760   -3.688  1.00 10.85 ? 52  PHE A CA  1 
ATOM   226  C C   . PHE A 1 28  ? 5.971   3.064   -2.929  1.00 12.30 ? 52  PHE A C   1 
ATOM   227  O O   . PHE A 1 28  ? 4.863   3.413   -2.508  1.00 11.42 ? 52  PHE A O   1 
ATOM   228  C CB  . PHE A 1 28  ? 5.505   0.608   -2.874  1.00 9.93  ? 52  PHE A CB  1 
ATOM   229  C CG  . PHE A 1 28  ? 5.570   -0.713  -3.590  1.00 9.40  ? 52  PHE A CG  1 
ATOM   230  C CD1 . PHE A 1 28  ? 4.617   -1.038  -4.543  1.00 8.27  ? 52  PHE A CD1 1 
ATOM   231  C CD2 . PHE A 1 28  ? 6.595   -1.607  -3.332  1.00 10.70 ? 52  PHE A CD2 1 
ATOM   232  C CE1 . PHE A 1 28  ? 4.672   -2.240  -5.234  1.00 10.21 ? 52  PHE A CE1 1 
ATOM   233  C CE2 . PHE A 1 28  ? 6.661   -2.827  -4.018  1.00 12.11 ? 52  PHE A CE2 1 
ATOM   234  C CZ  . PHE A 1 28  ? 5.690   -3.136  -4.965  1.00 12.59 ? 52  PHE A CZ  1 
ATOM   235  N N   . GLN A 1 29  ? 7.063   3.807   -2.760  1.00 11.46 ? 53  GLN A N   1 
ATOM   236  C CA  . GLN A 1 29  ? 7.033   5.013   -1.937  1.00 11.18 ? 53  GLN A CA  1 
ATOM   237  C C   . GLN A 1 29  ? 6.556   6.253   -2.680  1.00 14.31 ? 53  GLN A C   1 
ATOM   238  O O   . GLN A 1 29  ? 6.424   7.311   -2.052  1.00 13.17 ? 53  GLN A O   1 
ATOM   239  C CB  . GLN A 1 29  ? 8.407   5.256   -1.305  1.00 11.93 ? 53  GLN A CB  1 
ATOM   240  C CG  . GLN A 1 29  ? 8.696   4.317   -0.155  1.00 12.32 ? 53  GLN A CG  1 
ATOM   241  C CD  . GLN A 1 29  ? 10.086  4.495   0.412   1.00 13.26 ? 53  GLN A CD  1 
ATOM   242  O OE1 . GLN A 1 29  ? 10.746  5.506   0.169   1.00 14.96 ? 53  GLN A OE1 1 
ATOM   243  N NE2 . GLN A 1 29  ? 10.543  3.508   1.169   1.00 12.90 ? 53  GLN A NE2 1 
ATOM   244  N N   . ARG A 1 30  ? 6.308   6.161   -3.982  1.00 12.14 ? 54  ARG A N   1 
ATOM   245  C CA  . ARG A 1 30  ? 5.759   7.259   -4.765  1.00 13.82 ? 54  ARG A CA  1 
ATOM   246  C C   . ARG A 1 30  ? 4.918   6.642   -5.869  1.00 13.71 ? 54  ARG A C   1 
ATOM   247  O O   . ARG A 1 30  ? 5.107   5.469   -6.207  1.00 13.93 ? 54  ARG A O   1 
ATOM   248  C CB  . ARG A 1 30  ? 6.882   8.119   -5.375  1.00 18.28 ? 54  ARG A CB  1 
ATOM   249  C CG  . ARG A 1 30  ? 7.729   8.926   -4.361  1.00 20.85 ? 54  ARG A CG  1 
ATOM   250  C CD  . ARG A 1 30  ? 7.167   10.331  -4.155  1.00 21.02 ? 54  ARG A CD  1 
ATOM   251  N NE  . ARG A 1 30  ? 7.617   10.997  -2.927  1.00 24.88 ? 54  ARG A NE  1 
ATOM   252  C CZ  . ARG A 1 30  ? 8.171   12.208  -2.897  1.00 21.48 ? 54  ARG A CZ  1 
ATOM   253  N NH1 . ARG A 1 30  ? 8.366   12.876  -4.030  1.00 22.75 ? 54  ARG A NH1 1 
ATOM   254  N NH2 . ARG A 1 30  ? 8.525   12.761  -1.738  1.00 20.09 ? 54  ARG A NH2 1 
ATOM   255  N N   . PRO A 1 31  ? 3.979   7.395   -6.443  1.00 12.63 ? 55  PRO A N   1 
ATOM   256  C CA  . PRO A 1 31  ? 3.240   6.886   -7.608  1.00 13.77 ? 55  PRO A CA  1 
ATOM   257  C C   . PRO A 1 31  ? 4.187   6.433   -8.717  1.00 13.10 ? 55  PRO A C   1 
ATOM   258  O O   . PRO A 1 31  ? 5.270   6.986   -8.902  1.00 14.05 ? 55  PRO A O   1 
ATOM   259  C CB  . PRO A 1 31  ? 2.400   8.093   -8.051  1.00 15.73 ? 55  PRO A CB  1 
ATOM   260  C CG  . PRO A 1 31  ? 2.240   8.929   -6.824  1.00 14.20 ? 55  PRO A CG  1 
ATOM   261  C CD  . PRO A 1 31  ? 3.481   8.711   -5.993  1.00 14.40 ? 55  PRO A CD  1 
ATOM   262  N N   . VAL A 1 32  ? 3.763   5.406   -9.460  1.00 13.79 ? 56  VAL A N   1 
ATOM   263  C CA  . VAL A 1 32  ? 4.561   4.902   -10.574 1.00 14.67 ? 56  VAL A CA  1 
ATOM   264  C C   . VAL A 1 32  ? 4.814   6.036   -11.555 1.00 14.25 ? 56  VAL A C   1 
ATOM   265  O O   . VAL A 1 32  ? 3.885   6.754   -11.945 1.00 17.01 ? 56  VAL A O   1 
ATOM   266  C CB  . VAL A 1 32  ? 3.818   3.745   -11.259 1.00 14.19 ? 56  VAL A CB  1 
ATOM   267  C CG1 . VAL A 1 32  ? 4.426   3.431   -12.621 1.00 16.24 ? 56  VAL A CG1 1 
ATOM   268  C CG2 . VAL A 1 32  ? 3.824   2.505   -10.376 1.00 13.62 ? 56  VAL A CG2 1 
ATOM   269  N N   . ASP A 1 33  ? 6.073   6.210   -11.949 1.00 15.49 ? 57  ASP A N   1 
ATOM   270  C CA  . ASP A 1 33  ? 6.456   7.206   -12.945 1.00 20.68 ? 57  ASP A CA  1 
ATOM   271  C C   . ASP A 1 33  ? 6.506   6.492   -14.292 1.00 18.60 ? 57  ASP A C   1 
ATOM   272  O O   . ASP A 1 33  ? 7.503   5.848   -14.633 1.00 16.71 ? 57  ASP A O   1 
ATOM   273  C CB  . ASP A 1 33  ? 7.798   7.844   -12.599 1.00 21.34 ? 57  ASP A CB  1 
ATOM   274  C CG  . ASP A 1 33  ? 8.066   9.102   -13.407 1.00 24.03 ? 57  ASP A CG  1 
ATOM   275  O OD1 . ASP A 1 33  ? 7.648   9.156   -14.581 1.00 27.51 ? 57  ASP A OD1 1 
ATOM   276  O OD2 . ASP A 1 33  ? 8.675   10.043  -12.862 1.00 27.44 ? 57  ASP A OD2 1 
ATOM   277  N N   . ALA A 1 34  ? 5.421   6.614   -15.056 1.00 17.01 ? 58  ALA A N   1 
ATOM   278  C CA  . ALA A 1 34  ? 5.320   5.900   -16.326 1.00 19.85 ? 58  ALA A CA  1 
ATOM   279  C C   . ALA A 1 34  ? 6.327   6.408   -17.347 1.00 21.32 ? 58  ALA A C   1 
ATOM   280  O O   . ALA A 1 34  ? 6.726   5.656   -18.243 1.00 21.19 ? 58  ALA A O   1 
ATOM   281  C CB  . ALA A 1 34  ? 3.902   6.015   -16.880 1.00 22.80 ? 58  ALA A CB  1 
ATOM   282  N N   . VAL A 1 35  ? 6.752   7.665   -17.231 1.00 21.90 ? 59  VAL A N   1 
ATOM   283  C CA  . VAL A 1 35  ? 7.755   8.189   -18.152 1.00 24.02 ? 59  VAL A CA  1 
ATOM   284  C C   . VAL A 1 35  ? 9.118   7.578   -17.856 1.00 24.27 ? 59  VAL A C   1 
ATOM   285  O O   . VAL A 1 35  ? 9.775   7.024   -18.745 1.00 23.85 ? 59  VAL A O   1 
ATOM   286  C CB  . VAL A 1 35  ? 7.784   9.727   -18.106 1.00 26.54 ? 59  VAL A CB  1 
ATOM   287  C CG1 . VAL A 1 35  ? 8.871   10.265  -19.023 1.00 30.49 ? 59  VAL A CG1 1 
ATOM   288  C CG2 . VAL A 1 35  ? 6.424   10.293  -18.488 1.00 29.41 ? 59  VAL A CG2 1 
ATOM   289  N N   . LYS A 1 36  ? 9.552   7.645   -16.594 1.00 22.75 ? 60  LYS A N   1 
ATOM   290  C CA  . LYS A 1 36  ? 10.862  7.115   -16.228 1.00 23.22 ? 60  LYS A CA  1 
ATOM   291  C C   . LYS A 1 36  ? 10.958  5.613   -16.474 1.00 24.85 ? 60  LYS A C   1 
ATOM   292  O O   . LYS A 1 36  ? 12.009  5.110   -16.892 1.00 25.74 ? 60  LYS A O   1 
ATOM   293  C CB  . LYS A 1 36  ? 11.158  7.429   -14.762 1.00 25.89 ? 60  LYS A CB  1 
ATOM   294  C CG  . LYS A 1 36  ? 12.601  7.173   -14.363 1.00 32.18 ? 60  LYS A CG  1 
ATOM   295  C CD  . LYS A 1 36  ? 12.736  5.880   -13.580 1.00 25.22 ? 60  LYS A CD  1 
ATOM   296  C CE  . LYS A 1 36  ? 13.940  5.915   -12.656 1.00 24.22 ? 60  LYS A CE  1 
ATOM   297  N NZ  . LYS A 1 36  ? 15.197  6.274   -13.356 1.00 27.12 ? 60  LYS A NZ  1 
ATOM   298  N N   . LEU A 1 37  ? 9.885   4.877   -16.205 1.00 20.45 ? 61  LEU A N   1 
ATOM   299  C CA  . LEU A 1 37  ? 9.889   3.429   -16.350 1.00 18.09 ? 61  LEU A CA  1 
ATOM   300  C C   . LEU A 1 37  ? 9.521   2.978   -17.758 1.00 18.57 ? 61  LEU A C   1 
ATOM   301  O O   . LEU A 1 37  ? 9.564   1.776   -18.038 1.00 19.09 ? 61  LEU A O   1 
ATOM   302  C CB  . LEU A 1 37  ? 8.936   2.791   -15.328 1.00 17.00 ? 61  LEU A CB  1 
ATOM   303  C CG  . LEU A 1 37  ? 9.353   2.999   -13.870 1.00 16.14 ? 61  LEU A CG  1 
ATOM   304  C CD1 . LEU A 1 37  ? 8.258   2.542   -12.924 1.00 15.18 ? 61  LEU A CD1 1 
ATOM   305  C CD2 . LEU A 1 37  ? 10.649  2.247   -13.588 1.00 16.34 ? 61  LEU A CD2 1 
ATOM   306  N N   . GLN A 1 38  ? 9.159   3.915   -18.635 1.00 19.10 ? 62  GLN A N   1 
ATOM   307  C CA  . GLN A 1 38  ? 8.794   3.610   -20.020 1.00 18.56 ? 62  GLN A CA  1 
ATOM   308  C C   . GLN A 1 38  ? 7.609   2.645   -20.084 1.00 18.04 ? 62  GLN A C   1 
ATOM   309  O O   . GLN A 1 38  ? 7.648   1.603   -20.744 1.00 17.75 ? 62  GLN A O   1 
ATOM   310  C CB  . GLN A 1 38  ? 10.003  3.123   -20.822 1.00 22.78 ? 62  GLN A CB  1 
ATOM   311  C CG  . GLN A 1 38  ? 11.064  4.213   -20.974 1.00 24.91 ? 62  GLN A CG  1 
ATOM   312  C CD  . GLN A 1 38  ? 12.105  3.889   -22.026 1.00 30.99 ? 62  GLN A CD  1 
ATOM   313  O OE1 . GLN A 1 38  ? 12.403  2.722   -22.286 1.00 40.57 ? 62  GLN A OE1 1 
ATOM   314  N NE2 . GLN A 1 38  ? 12.660  4.925   -22.646 1.00 35.94 ? 62  GLN A NE2 1 
ATOM   315  N N   . LEU A 1 39  ? 6.539   3.011   -19.374 1.00 17.28 ? 63  LEU A N   1 
ATOM   316  C CA  . LEU A 1 39  ? 5.308   2.231   -19.293 1.00 15.29 ? 63  LEU A CA  1 
ATOM   317  C C   . LEU A 1 39  ? 4.171   3.093   -19.834 1.00 16.50 ? 63  LEU A C   1 
ATOM   318  O O   . LEU A 1 39  ? 3.356   3.620   -19.062 1.00 17.52 ? 63  LEU A O   1 
ATOM   319  C CB  . LEU A 1 39  ? 5.017   1.817   -17.850 1.00 16.15 ? 63  LEU A CB  1 
ATOM   320  C CG  . LEU A 1 39  ? 6.187   1.265   -17.048 1.00 15.22 ? 63  LEU A CG  1 
ATOM   321  C CD1 . LEU A 1 39  ? 5.765   1.048   -15.590 1.00 16.58 ? 63  LEU A CD1 1 
ATOM   322  C CD2 . LEU A 1 39  ? 6.685   -0.025  -17.664 1.00 15.10 ? 63  LEU A CD2 1 
ATOM   323  N N   . PRO A 1 40  ? 4.075   3.244   -21.159 1.00 15.87 ? 64  PRO A N   1 
ATOM   324  C CA  . PRO A 1 40  ? 3.050   4.137   -21.722 1.00 18.75 ? 64  PRO A CA  1 
ATOM   325  C C   . PRO A 1 40  ? 1.632   3.647   -21.511 1.00 15.86 ? 64  PRO A C   1 
ATOM   326  O O   . PRO A 1 40  ? 0.688   4.428   -21.691 1.00 17.28 ? 64  PRO A O   1 
ATOM   327  C CB  . PRO A 1 40  ? 3.407   4.177   -23.213 1.00 17.20 ? 64  PRO A CB  1 
ATOM   328  C CG  . PRO A 1 40  ? 4.044   2.846   -23.461 1.00 15.11 ? 64  PRO A CG  1 
ATOM   329  C CD  . PRO A 1 40  ? 4.849   2.561   -22.209 1.00 15.79 ? 64  PRO A CD  1 
ATOM   330  N N   . ASP A 1 41  ? 1.455   2.383   -21.138 1.00 13.85 ? 65  ASP A N   1 
ATOM   331  C CA  . ASP A 1 41  ? 0.147   1.784   -20.947 1.00 15.30 ? 65  ASP A CA  1 
ATOM   332  C C   . ASP A 1 41  ? -0.221  1.617   -19.480 1.00 15.47 ? 65  ASP A C   1 
ATOM   333  O O   . ASP A 1 41  ? -1.320  1.131   -19.193 1.00 14.93 ? 65  ASP A O   1 
ATOM   334  C CB  . ASP A 1 41  ? 0.093   0.419   -21.646 1.00 16.30 ? 65  ASP A CB  1 
ATOM   335  C CG  . ASP A 1 41  ? 1.187   -0.529  -21.174 1.00 13.73 ? 65  ASP A CG  1 
ATOM   336  O OD1 . ASP A 1 41  ? 2.115   -0.074  -20.470 1.00 16.02 ? 65  ASP A OD1 1 
ATOM   337  O OD2 . ASP A 1 41  ? 1.118   -1.732  -21.515 1.00 17.00 ? 65  ASP A OD2 1 
ATOM   338  N N   . TYR A 1 42  ? 0.659   2.014   -18.553 1.00 14.68 ? 66  TYR A N   1 
ATOM   339  C CA  . TYR A 1 42  ? 0.421   1.725   -17.140 1.00 14.53 ? 66  TYR A CA  1 
ATOM   340  C C   . TYR A 1 42  ? -0.864  2.374   -16.652 1.00 17.36 ? 66  TYR A C   1 
ATOM   341  O O   . TYR A 1 42  ? -1.701  1.723   -16.015 1.00 16.06 ? 66  TYR A O   1 
ATOM   342  C CB  . TYR A 1 42  ? 1.603   2.173   -16.266 1.00 14.65 ? 66  TYR A CB  1 
ATOM   343  C CG  . TYR A 1 42  ? 1.418   1.748   -14.819 1.00 13.53 ? 66  TYR A CG  1 
ATOM   344  C CD1 . TYR A 1 42  ? 1.841   0.500   -14.391 1.00 12.37 ? 66  TYR A CD1 1 
ATOM   345  C CD2 . TYR A 1 42  ? 0.781   2.574   -13.896 1.00 14.20 ? 66  TYR A CD2 1 
ATOM   346  C CE1 . TYR A 1 42  ? 1.654   0.078   -13.088 1.00 11.71 ? 66  TYR A CE1 1 
ATOM   347  C CE2 . TYR A 1 42  ? 0.595   2.164   -12.571 1.00 12.61 ? 66  TYR A CE2 1 
ATOM   348  C CZ  . TYR A 1 42  ? 1.033   0.909   -12.184 1.00 11.87 ? 66  TYR A CZ  1 
ATOM   349  O OH  . TYR A 1 42  ? 0.856   0.466   -10.888 1.00 11.76 ? 66  TYR A OH  1 
ATOM   350  N N   . TYR A 1 43  ? -1.026  3.670   -16.923 1.00 17.14 ? 67  TYR A N   1 
ATOM   351  C CA  . TYR A 1 43  ? -2.167  4.410   -16.411 1.00 18.74 ? 67  TYR A CA  1 
ATOM   352  C C   . TYR A 1 43  ? -3.440  4.168   -17.208 1.00 18.74 ? 67  TYR A C   1 
ATOM   353  O O   . TYR A 1 43  ? -4.494  4.697   -16.839 1.00 21.00 ? 67  TYR A O   1 
ATOM   354  C CB  . TYR A 1 43  ? -1.808  5.892   -16.256 1.00 18.89 ? 67  TYR A CB  1 
ATOM   355  C CG  . TYR A 1 43  ? -0.941  6.104   -15.035 1.00 19.22 ? 67  TYR A CG  1 
ATOM   356  C CD1 . TYR A 1 43  ? -1.501  6.101   -13.768 1.00 19.96 ? 67  TYR A CD1 1 
ATOM   357  C CD2 . TYR A 1 43  ? 0.438   6.254   -15.142 1.00 19.71 ? 67  TYR A CD2 1 
ATOM   358  C CE1 . TYR A 1 43  ? -0.727  6.273   -12.644 1.00 19.16 ? 67  TYR A CE1 1 
ATOM   359  C CE2 . TYR A 1 43  ? 1.233   6.428   -14.006 1.00 22.50 ? 67  TYR A CE2 1 
ATOM   360  C CZ  . TYR A 1 43  ? 0.636   6.432   -12.756 1.00 20.63 ? 67  TYR A CZ  1 
ATOM   361  O OH  . TYR A 1 43  ? 1.375   6.596   -11.599 1.00 20.76 ? 67  TYR A OH  1 
ATOM   362  N N   . THR A 1 44  ? -3.369  3.366   -18.270 1.00 20.09 ? 68  THR A N   1 
ATOM   363  C CA  . THR A 1 44  ? -4.569  2.870   -18.933 1.00 21.47 ? 68  THR A CA  1 
ATOM   364  C C   . THR A 1 44  ? -5.002  1.515   -18.380 1.00 18.84 ? 68  THR A C   1 
ATOM   365  O O   . THR A 1 44  ? -6.201  1.261   -18.243 1.00 23.44 ? 68  THR A O   1 
ATOM   366  C CB  . THR A 1 44  ? -4.366  2.811   -20.453 1.00 24.40 ? 68  THR A CB  1 
ATOM   367  O OG1 . THR A 1 44  ? -3.565  1.674   -20.789 1.00 31.54 ? 68  THR A OG1 1 
ATOM   368  C CG2 . THR A 1 44  ? -3.664  4.071   -20.946 1.00 23.74 ? 68  THR A CG2 1 
ATOM   369  N N   . ILE A 1 45  ? -4.044  0.650   -18.033 1.00 15.44 ? 69  ILE A N   1 
ATOM   370  C CA  . ILE A 1 45  ? -4.368  -0.664  -17.485 1.00 14.02 ? 69  ILE A CA  1 
ATOM   371  C C   . ILE A 1 45  ? -4.743  -0.564  -16.011 1.00 14.43 ? 69  ILE A C   1 
ATOM   372  O O   . ILE A 1 45  ? -5.643  -1.268  -15.535 1.00 17.44 ? 69  ILE A O   1 
ATOM   373  C CB  . ILE A 1 45  ? -3.183  -1.621  -17.711 1.00 13.55 ? 69  ILE A CB  1 
ATOM   374  C CG1 . ILE A 1 45  ? -3.025  -1.923  -19.198 1.00 17.51 ? 69  ILE A CG1 1 
ATOM   375  C CG2 . ILE A 1 45  ? -3.354  -2.914  -16.917 1.00 14.38 ? 69  ILE A CG2 1 
ATOM   376  C CD1 . ILE A 1 45  ? -1.731  -2.613  -19.525 1.00 18.60 ? 69  ILE A CD1 1 
ATOM   377  N N   . ILE A 1 46  ? -4.057  0.294   -15.266 1.00 12.60 ? 70  ILE A N   1 
ATOM   378  C CA  . ILE A 1 46  ? -4.263  0.429   -13.829 1.00 13.66 ? 70  ILE A CA  1 
ATOM   379  C C   . ILE A 1 46  ? -5.250  1.563   -13.599 1.00 15.80 ? 70  ILE A C   1 
ATOM   380  O O   . ILE A 1 46  ? -4.897  2.739   -13.733 1.00 16.01 ? 70  ILE A O   1 
ATOM   381  C CB  . ILE A 1 46  ? -2.937  0.653   -13.094 1.00 11.60 ? 70  ILE A CB  1 
ATOM   382  C CG1 . ILE A 1 46  ? -2.033  -0.580  -13.264 1.00 12.08 ? 70  ILE A CG1 1 
ATOM   383  C CG2 . ILE A 1 46  ? -3.199  0.969   -11.626 1.00 12.44 ? 70  ILE A CG2 1 
ATOM   384  C CD1 . ILE A 1 46  ? -2.667  -1.899  -12.793 1.00 11.47 ? 70  ILE A CD1 1 
ATOM   385  N N   . LYS A 1 47  ? -6.480  1.197   -13.219 1.00 17.30 ? 71  LYS A N   1 
ATOM   386  C CA  . LYS A 1 47  ? -7.582  2.152   -13.134 1.00 19.58 ? 71  LYS A CA  1 
ATOM   387  C C   . LYS A 1 47  ? -7.563  2.976   -11.853 1.00 17.24 ? 71  LYS A C   1 
ATOM   388  O O   . LYS A 1 47  ? -8.055  4.113   -11.856 1.00 19.08 ? 71  LYS A O   1 
ATOM   389  C CB  . LYS A 1 47  ? -8.920  1.421   -13.263 1.00 20.74 ? 71  LYS A CB  1 
ATOM   390  C CG  . LYS A 1 47  ? -9.104  0.716   -14.594 1.00 21.18 ? 71  LYS A CG  1 
ATOM   391  C CD  . LYS A 1 47  ? -8.656  1.604   -15.747 1.00 23.50 ? 71  LYS A CD  1 
ATOM   392  C CE  . LYS A 1 47  ? -9.231  1.125   -17.074 1.00 32.40 ? 71  LYS A CE  1 
ATOM   393  N NZ  . LYS A 1 47  ? -8.822  2.005   -18.210 1.00 30.09 ? 71  LYS A NZ  1 
ATOM   394  N N   . ASN A 1 48  ? -7.029  2.431   -10.754 1.00 15.26 ? 72  ASN A N   1 
ATOM   395  C CA  . ASN A 1 48  ? -6.878  3.156   -9.490  1.00 12.98 ? 72  ASN A CA  1 
ATOM   396  C C   . ASN A 1 48  ? -5.443  2.995   -9.014  1.00 12.14 ? 72  ASN A C   1 
ATOM   397  O O   . ASN A 1 48  ? -5.157  2.167   -8.138  1.00 10.87 ? 72  ASN A O   1 
ATOM   398  C CB  . ASN A 1 48  ? -7.861  2.677   -8.412  1.00 15.17 ? 72  ASN A CB  1 
ATOM   399  C CG  . ASN A 1 48  ? -7.974  3.669   -7.260  1.00 14.87 ? 72  ASN A CG  1 
ATOM   400  O OD1 . ASN A 1 48  ? -7.991  4.875   -7.489  1.00 17.65 ? 72  ASN A OD1 1 
ATOM   401  N ND2 . ASN A 1 48  ? -8.004  3.171   -6.018  1.00 14.98 ? 72  ASN A ND2 1 
ATOM   402  N N   . PRO A 1 49  ? -4.515  3.783   -9.555  1.00 11.39 ? 73  PRO A N   1 
ATOM   403  C CA  . PRO A 1 49  ? -3.126  3.729   -9.073  1.00 11.50 ? 73  PRO A CA  1 
ATOM   404  C C   . PRO A 1 49  ? -3.049  4.005   -7.581  1.00 10.21 ? 73  PRO A C   1 
ATOM   405  O O   . PRO A 1 49  ? -3.810  4.804   -7.029  1.00 10.32 ? 73  PRO A O   1 
ATOM   406  C CB  . PRO A 1 49  ? -2.411  4.821   -9.884  1.00 12.87 ? 73  PRO A CB  1 
ATOM   407  C CG  . PRO A 1 49  ? -3.485  5.607   -10.557 1.00 20.87 ? 73  PRO A CG  1 
ATOM   408  C CD  . PRO A 1 49  ? -4.704  4.747   -10.653 1.00 13.82 ? 73  PRO A CD  1 
ATOM   409  N N   . MET A 1 50  ? -2.117  3.327   -6.918  1.00 9.88  ? 74  MET A N   1 
ATOM   410  C CA  . MET A 1 50  ? -1.998  3.487   -5.477  1.00 7.94  ? 74  MET A CA  1 
ATOM   411  C C   . MET A 1 50  ? -0.565  3.202   -5.054  1.00 9.59  ? 74  MET A C   1 
ATOM   412  O O   . MET A 1 50  ? 0.134   2.414   -5.690  1.00 11.43 ? 74  MET A O   1 
ATOM   413  C CB  . MET A 1 50  ? -2.992  2.571   -4.749  1.00 10.03 ? 74  MET A CB  1 
ATOM   414  C CG  . MET A 1 50  ? -3.098  2.826   -3.252  1.00 9.83  ? 74  MET A CG  1 
ATOM   415  S SD  . MET A 1 50  ? -3.499  4.524   -2.780  1.00 10.98 ? 74  MET A SD  1 
ATOM   416  C CE  . MET A 1 50  ? -5.010  4.794   -3.689  1.00 14.67 ? 74  MET A CE  1 
ATOM   417  N N   . ASP A 1 51  ? -0.134  3.861   -3.978  1.00 9.01  ? 75  ASP A N   1 
ATOM   418  C CA  . ASP A 1 51  ? 1.242   3.785   -3.499  1.00 8.90  ? 75  ASP A CA  1 
ATOM   419  C C   . ASP A 1 51  ? 1.244   4.182   -2.026  1.00 10.59 ? 75  ASP A C   1 
ATOM   420  O O   . ASP A 1 51  ? 0.271   4.754   -1.511  1.00 8.93  ? 75  ASP A O   1 
ATOM   421  C CB  . ASP A 1 51  ? 2.135   4.740   -4.284  1.00 9.68  ? 75  ASP A CB  1 
ATOM   422  C CG  . ASP A 1 51  ? 1.720   6.176   -4.080  1.00 11.29 ? 75  ASP A CG  1 
ATOM   423  O OD1 . ASP A 1 51  ? 0.748   6.611   -4.738  1.00 13.12 ? 75  ASP A OD1 1 
ATOM   424  O OD2 . ASP A 1 51  ? 2.319   6.845   -3.217  1.00 12.07 ? 75  ASP A OD2 1 
ATOM   425  N N   . LEU A 1 52  ? 2.381   3.929   -1.366  1.00 9.21  ? 76  LEU A N   1 
ATOM   426  C CA  . LEU A 1 52  ? 2.479   4.179   0.072   1.00 8.61  ? 76  LEU A CA  1 
ATOM   427  C C   . LEU A 1 52  ? 2.439   5.661   0.410   1.00 9.65  ? 76  LEU A C   1 
ATOM   428  O O   . LEU A 1 52  ? 1.982   6.023   1.502   1.00 9.46  ? 76  LEU A O   1 
ATOM   429  C CB  . LEU A 1 52  ? 3.738   3.546   0.656   1.00 8.63  ? 76  LEU A CB  1 
ATOM   430  C CG  . LEU A 1 52  ? 3.830   2.016   0.622   1.00 6.79  ? 76  LEU A CG  1 
ATOM   431  C CD1 . LEU A 1 52  ? 5.234   1.591   1.068   1.00 10.84 ? 76  LEU A CD1 1 
ATOM   432  C CD2 . LEU A 1 52  ? 2.747   1.375   1.485   1.00 9.99  ? 76  LEU A CD2 1 
ATOM   433  N N   . ASN A 1 53  ? 2.925   6.530   -0.485  1.00 9.90  ? 77  ASN A N   1 
ATOM   434  C CA  . ASN A 1 53  ? 2.869   7.962   -0.185  1.00 11.23 ? 77  ASN A CA  1 
ATOM   435  C C   . ASN A 1 53  ? 1.435   8.471   -0.218  1.00 9.81  ? 77  ASN A C   1 
ATOM   436  O O   . ASN A 1 53  ? 1.036   9.278   0.632   1.00 9.91  ? 77  ASN A O   1 
ATOM   437  C CB  . ASN A 1 53  ? 3.759   8.761   -1.138  1.00 11.45 ? 77  ASN A CB  1 
ATOM   438  C CG  . ASN A 1 53  ? 4.408   9.954   -0.459  1.00 10.90 ? 77  ASN A CG  1 
ATOM   439  O OD1 . ASN A 1 53  ? 4.709   9.911   0.733   1.00 15.19 ? 77  ASN A OD1 1 
ATOM   440  N ND2 . ASN A 1 53  ? 4.620   11.020  -1.210  1.00 13.97 ? 77  ASN A ND2 1 
ATOM   441  N N   . THR A 1 54  ? 0.645   8.014   -1.193  1.00 9.11  ? 78  THR A N   1 
ATOM   442  C CA  . THR A 1 54  ? -0.768  8.374   -1.231  1.00 10.61 ? 78  THR A CA  1 
ATOM   443  C C   . THR A 1 54  ? -1.486  7.908   0.028   1.00 9.49  ? 78  THR A C   1 
ATOM   444  O O   . THR A 1 54  ? -2.276  8.662   0.612   1.00 9.61  ? 78  THR A O   1 
ATOM   445  C CB  . THR A 1 54  ? -1.425  7.801   -2.487  1.00 9.86  ? 78  THR A CB  1 
ATOM   446  O OG1 . THR A 1 54  ? -0.831  8.398   -3.649  1.00 12.45 ? 78  THR A OG1 1 
ATOM   447  C CG2 . THR A 1 54  ? -2.902  8.095   -2.485  1.00 12.96 ? 78  THR A CG2 1 
ATOM   448  N N   . ILE A 1 55  ? -1.203  6.683   0.484   1.00 8.32  ? 79  ILE A N   1 
ATOM   449  C CA  . ILE A 1 55  ? -1.815  6.184   1.719   1.00 9.04  ? 79  ILE A CA  1 
ATOM   450  C C   . ILE A 1 55  ? -1.389  7.032   2.911   1.00 9.32  ? 79  ILE A C   1 
ATOM   451  O O   . ILE A 1 55  ? -2.219  7.409   3.755   1.00 8.59  ? 79  ILE A O   1 
ATOM   452  C CB  . ILE A 1 55  ? -1.484  4.689   1.913   1.00 8.33  ? 79  ILE A CB  1 
ATOM   453  C CG1 . ILE A 1 55  ? -2.171  3.856   0.833   1.00 8.98  ? 79  ILE A CG1 1 
ATOM   454  C CG2 . ILE A 1 55  ? -1.891  4.215   3.303   1.00 10.37 ? 79  ILE A CG2 1 
ATOM   455  C CD1 . ILE A 1 55  ? -1.660  2.423   0.732   1.00 10.03 ? 79  ILE A CD1 1 
ATOM   456  N N   . LYS A 1 56  ? -0.092  7.346   2.996   1.00 8.35  ? 80  LYS A N   1 
ATOM   457  C CA  . LYS A 1 56  ? 0.429   8.208   4.056   1.00 8.60  ? 80  LYS A CA  1 
ATOM   458  C C   . LYS A 1 56  ? -0.294  9.549   4.080   1.00 9.18  ? 80  LYS A C   1 
ATOM   459  O O   . LYS A 1 56  ? -0.750  10.002  5.138   1.00 9.66  ? 80  LYS A O   1 
ATOM   460  C CB  . LYS A 1 56  ? 1.936   8.396   3.847   1.00 10.18 ? 80  LYS A CB  1 
ATOM   461  C CG  . LYS A 1 56  ? 2.618   9.198   4.930   1.00 10.71 ? 80  LYS A CG  1 
ATOM   462  C CD  . LYS A 1 56  ? 4.008   9.627   4.482   1.00 13.77 ? 80  LYS A CD  1 
ATOM   463  C CE  . LYS A 1 56  ? 3.906   10.876  3.633   1.00 18.73 ? 80  LYS A CE  1 
ATOM   464  N NZ  . LYS A 1 56  ? 5.187   11.162  2.935   1.00 23.44 ? 80  LYS A NZ  1 
ATOM   465  N N   . LYS A 1 57  ? -0.435  10.185  2.914   1.00 8.56  ? 81  LYS A N   1 
ATOM   466  C CA  . LYS A 1 57  ? -1.099  11.485  2.860   1.00 10.29 ? 81  LYS A CA  1 
ATOM   467  C C   . LYS A 1 57  ? -2.567  11.373  3.243   1.00 10.04 ? 81  LYS A C   1 
ATOM   468  O O   . LYS A 1 57  ? -3.107  12.262  3.919   1.00 11.56 ? 81  LYS A O   1 
ATOM   469  C CB  . LYS A 1 57  ? -0.934  12.091  1.466   1.00 9.51  ? 81  LYS A CB  1 
ATOM   470  C CG  . LYS A 1 57  ? 0.499   12.541  1.191   1.00 9.43  ? 81  LYS A CG  1 
ATOM   471  C CD  . LYS A 1 57  ? 0.707   12.945  -0.252  1.00 12.20 ? 81  LYS A CD  1 
ATOM   472  C CE  . LYS A 1 57  ? 2.144   13.412  -0.427  1.00 13.87 ? 81  LYS A CE  1 
ATOM   473  N NZ  . LYS A 1 57  ? 2.455   13.747  -1.848  1.00 17.02 ? 81  LYS A NZ  1 
ATOM   474  N N   . ARG A 1 58  ? -3.232  10.292  2.832   1.00 9.18  ? 82  ARG A N   1 
ATOM   475  C CA  . ARG A 1 58  ? -4.625  10.104  3.221   1.00 9.24  ? 82  ARG A CA  1 
ATOM   476  C C   . ARG A 1 58  ? -4.761  9.976   4.738   1.00 10.85 ? 82  ARG A C   1 
ATOM   477  O O   . ARG A 1 58  ? -5.654  10.588  5.348   1.00 10.62 ? 82  ARG A O   1 
ATOM   478  C CB  . ARG A 1 58  ? -5.196  8.888   2.488   1.00 9.04  ? 82  ARG A CB  1 
ATOM   479  C CG  . ARG A 1 58  ? -5.521  9.186   1.027   1.00 8.91  ? 82  ARG A CG  1 
ATOM   480  C CD  . ARG A 1 58  ? -5.997  7.947   0.255   1.00 8.88  ? 82  ARG A CD  1 
ATOM   481  N NE  . ARG A 1 58  ? -6.346  8.350   -1.110  1.00 9.37  ? 82  ARG A NE  1 
ATOM   482  C CZ  . ARG A 1 58  ? -7.043  7.619   -1.973  1.00 10.88 ? 82  ARG A CZ  1 
ATOM   483  N NH1 . ARG A 1 58  ? -7.308  8.124   -3.171  1.00 12.39 ? 82  ARG A NH1 1 
ATOM   484  N NH2 . ARG A 1 58  ? -7.484  6.407   -1.648  1.00 10.46 ? 82  ARG A NH2 1 
ATOM   485  N N   . LEU A 1 59  ? -3.855  9.229   5.377   1.00 9.90  ? 83  LEU A N   1 
ATOM   486  C CA  . LEU A 1 59  ? -3.881  9.134   6.837   1.00 10.55 ? 83  LEU A CA  1 
ATOM   487  C C   . LEU A 1 59  ? -3.617  10.491  7.480   1.00 9.80  ? 83  LEU A C   1 
ATOM   488  O O   . LEU A 1 59  ? -4.316  10.884  8.423   1.00 11.30 ? 83  LEU A O   1 
ATOM   489  C CB  . LEU A 1 59  ? -2.871  8.087   7.323   1.00 9.83  ? 83  LEU A CB  1 
ATOM   490  C CG  . LEU A 1 59  ? -3.294  6.644   7.002   1.00 9.21  ? 83  LEU A CG  1 
ATOM   491  C CD1 . LEU A 1 59  ? -2.099  5.706   6.955   1.00 11.16 ? 83  LEU A CD1 1 
ATOM   492  C CD2 . LEU A 1 59  ? -4.379  6.104   7.955   1.00 10.63 ? 83  LEU A CD2 1 
ATOM   493  N N   . GLU A 1 60  ? -2.635  11.230  6.960   1.00 10.10 ? 84  GLU A N   1 
ATOM   494  C CA  . GLU A 1 60  ? -2.291  12.535  7.520   1.00 10.79 ? 84  GLU A CA  1 
ATOM   495  C C   . GLU A 1 60  ? -3.432  13.539  7.379   1.00 13.28 ? 84  GLU A C   1 
ATOM   496  O O   . GLU A 1 60  ? -3.590  14.419  8.239   1.00 15.93 ? 84  GLU A O   1 
ATOM   497  C CB  . GLU A 1 60  ? -0.997  13.048  6.875   1.00 12.16 ? 84  GLU A CB  1 
ATOM   498  C CG  . GLU A 1 60  ? 0.216   12.226  7.307   1.00 15.54 ? 84  GLU A CG  1 
ATOM   499  C CD  . GLU A 1 60  ? 1.522   12.592  6.628   1.00 20.99 ? 84  GLU A CD  1 
ATOM   500  O OE1 . GLU A 1 60  ? 1.511   13.225  5.549   1.00 22.23 ? 84  GLU A OE1 1 
ATOM   501  O OE2 . GLU A 1 60  ? 2.572   12.188  7.173   1.00 24.92 ? 84  GLU A OE2 1 
ATOM   502  N N   . ASN A 1 61  ? -4.246  13.422  6.330   1.00 10.38 ? 85  ASN A N   1 
ATOM   503  C CA  . ASN A 1 61  ? -5.331  14.362  6.078   1.00 11.99 ? 85  ASN A CA  1 
ATOM   504  C C   . ASN A 1 61  ? -6.682  13.845  6.547   1.00 13.41 ? 85  ASN A C   1 
ATOM   505  O O   . ASN A 1 61  ? -7.712  14.418  6.173   1.00 14.93 ? 85  ASN A O   1 
ATOM   506  C CB  . ASN A 1 61  ? -5.401  14.719  4.591   1.00 10.16 ? 85  ASN A CB  1 
ATOM   507  C CG  . ASN A 1 61  ? -4.345  15.708  4.182   1.00 13.37 ? 85  ASN A CG  1 
ATOM   508  O OD1 . ASN A 1 61  ? -4.452  16.899  4.470   1.00 14.15 ? 85  ASN A OD1 1 
ATOM   509  N ND2 . ASN A 1 61  ? -3.316  15.227  3.504   1.00 15.73 ? 85  ASN A ND2 1 
ATOM   510  N N   . LYS A 1 62  ? -6.702  12.761  7.330   1.00 12.06 ? 86  LYS A N   1 
ATOM   511  C CA  . LYS A 1 62  ? -7.944  12.216  7.895   1.00 12.73 ? 86  LYS A CA  1 
ATOM   512  C C   . LYS A 1 62  ? -8.946  11.881  6.796   1.00 13.65 ? 86  LYS A C   1 
ATOM   513  O O   . LYS A 1 62  ? -10.156 12.058  6.947   1.00 14.45 ? 86  LYS A O   1 
ATOM   514  C CB  . LYS A 1 62  ? -8.555  13.149  8.948   1.00 15.30 ? 86  LYS A CB  1 
ATOM   515  C CG  . LYS A 1 62  ? -7.534  13.744  9.897   1.00 18.32 ? 86  LYS A CG  1 
ATOM   516  C CD  . LYS A 1 62  ? -6.827  12.664  10.703  1.00 18.50 ? 86  LYS A CD  1 
ATOM   517  C CE  . LYS A 1 62  ? -6.180  13.241  11.954  1.00 27.86 ? 86  LYS A CE  1 
ATOM   518  N NZ  . LYS A 1 62  ? -4.836  13.831  11.680  1.00 32.36 ? 86  LYS A NZ  1 
ATOM   519  N N   . TYR A 1 63  ? -8.421  11.375  5.686   1.00 11.50 ? 87  TYR A N   1 
ATOM   520  C CA  . TYR A 1 63  ? -9.230  11.064  4.518   1.00 11.80 ? 87  TYR A CA  1 
ATOM   521  C C   . TYR A 1 63  ? -10.119 9.853   4.769   1.00 13.60 ? 87  TYR A C   1 
ATOM   522  O O   . TYR A 1 63  ? -11.193 9.729   4.163   1.00 15.04 ? 87  TYR A O   1 
ATOM   523  C CB  . TYR A 1 63  ? -8.266  10.813  3.352   1.00 11.20 ? 87  TYR A CB  1 
ATOM   524  C CG  . TYR A 1 63  ? -8.857  10.309  2.060   1.00 10.54 ? 87  TYR A CG  1 
ATOM   525  C CD1 . TYR A 1 63  ? -9.133  11.178  1.016   1.00 10.30 ? 87  TYR A CD1 1 
ATOM   526  C CD2 . TYR A 1 63  ? -9.086  8.953   1.858   1.00 12.26 ? 87  TYR A CD2 1 
ATOM   527  C CE1 . TYR A 1 63  ? -9.652  10.716  -0.190  1.00 12.10 ? 87  TYR A CE1 1 
ATOM   528  C CE2 . TYR A 1 63  ? -9.596  8.478   0.669   1.00 11.95 ? 87  TYR A CE2 1 
ATOM   529  C CZ  . TYR A 1 63  ? -9.884  9.362   -0.352  1.00 12.32 ? 87  TYR A CZ  1 
ATOM   530  O OH  . TYR A 1 63  ? -10.397 8.896   -1.532  1.00 15.23 ? 87  TYR A OH  1 
ATOM   531  N N   . TYR A 1 64  ? -9.697  8.955   5.653   1.00 13.54 ? 88  TYR A N   1 
ATOM   532  C CA  . TYR A 1 64  ? -10.432 7.730   5.920   1.00 11.37 ? 88  TYR A CA  1 
ATOM   533  C C   . TYR A 1 64  ? -11.287 7.877   7.171   1.00 13.58 ? 88  TYR A C   1 
ATOM   534  O O   . TYR A 1 64  ? -10.825 8.385   8.198   1.00 13.44 ? 88  TYR A O   1 
ATOM   535  C CB  . TYR A 1 64  ? -9.463  6.583   6.177   1.00 12.75 ? 88  TYR A CB  1 
ATOM   536  C CG  . TYR A 1 64  ? -8.422  6.287   5.121   1.00 10.64 ? 88  TYR A CG  1 
ATOM   537  C CD1 . TYR A 1 64  ? -8.778  5.810   3.859   1.00 11.23 ? 88  TYR A CD1 1 
ATOM   538  C CD2 . TYR A 1 64  ? -7.066  6.429   5.410   1.00 10.46 ? 88  TYR A CD2 1 
ATOM   539  C CE1 . TYR A 1 64  ? -7.798  5.486   2.920   1.00 9.11  ? 88  TYR A CE1 1 
ATOM   540  C CE2 . TYR A 1 64  ? -6.094  6.116   4.492   1.00 10.55 ? 88  TYR A CE2 1 
ATOM   541  C CZ  . TYR A 1 64  ? -6.449  5.654   3.247   1.00 10.18 ? 88  TYR A CZ  1 
ATOM   542  O OH  . TYR A 1 64  ? -5.433  5.350   2.371   1.00 12.03 ? 88  TYR A OH  1 
ATOM   543  N N   . ALA A 1 65  ? -12.517 7.378   7.098   1.00 14.69 ? 89  ALA A N   1 
ATOM   544  C CA  . ALA A 1 65  ? -13.367 7.280   8.279   1.00 15.66 ? 89  ALA A CA  1 
ATOM   545  C C   . ALA A 1 65  ? -13.235 5.934   8.976   1.00 17.65 ? 89  ALA A C   1 
ATOM   546  O O   . ALA A 1 65  ? -13.470 5.840   10.187  1.00 18.55 ? 89  ALA A O   1 
ATOM   547  C CB  . ALA A 1 65  ? -14.830 7.513   7.888   1.00 22.12 ? 89  ALA A CB  1 
ATOM   548  N N   . LYS A 1 66  ? -12.853 4.893   8.242   1.00 14.00 ? 90  LYS A N   1 
ATOM   549  C CA  . LYS A 1 66  ? -12.797 3.536   8.763   1.00 16.34 ? 90  LYS A CA  1 
ATOM   550  C C   . LYS A 1 66  ? -11.498 2.882   8.323   1.00 12.50 ? 90  LYS A C   1 
ATOM   551  O O   . LYS A 1 66  ? -10.982 3.167   7.241   1.00 12.35 ? 90  LYS A O   1 
ATOM   552  C CB  . LYS A 1 66  ? -13.951 2.672   8.208   1.00 19.06 ? 90  LYS A CB  1 
ATOM   553  C CG  . LYS A 1 66  ? -15.342 3.082   8.680   1.00 25.73 ? 90  LYS A CG  1 
ATOM   554  C CD  . LYS A 1 66  ? -16.401 2.093   8.185   1.00 24.77 ? 90  LYS A CD  1 
ATOM   555  C CE  . LYS A 1 66  ? -17.101 1.415   9.351   1.00 35.25 ? 90  LYS A CE  1 
ATOM   556  N NZ  . LYS A 1 66  ? -16.549 0.058   9.644   1.00 39.83 ? 90  LYS A NZ  1 
ATOM   557  N N   . ALA A 1 67  ? -11.007 1.965   9.160   1.00 12.81 ? 91  ALA A N   1 
ATOM   558  C CA  . ALA A 1 67  ? -9.790  1.227   8.837   1.00 12.25 ? 91  ALA A CA  1 
ATOM   559  C C   . ALA A 1 67  ? -9.922  0.469   7.522   1.00 11.60 ? 91  ALA A C   1 
ATOM   560  O O   . ALA A 1 67  ? -8.956  0.365   6.756   1.00 10.43 ? 91  ALA A O   1 
ATOM   561  C CB  . ALA A 1 67  ? -9.463  0.257   9.970   1.00 13.80 ? 91  ALA A CB  1 
ATOM   562  N N   . SER A 1 68  ? -11.109 -0.068  7.237   1.00 12.32 ? 92  SER A N   1 
ATOM   563  C CA  . SER A 1 68  ? -11.277 -0.865  6.027   1.00 11.84 ? 92  SER A CA  1 
ATOM   564  C C   . SER A 1 68  ? -10.960 -0.068  4.768   1.00 10.87 ? 92  SER A C   1 
ATOM   565  O O   . SER A 1 68  ? -10.476 -0.635  3.784   1.00 12.27 ? 92  SER A O   1 
ATOM   566  C CB  . SER A 1 68  ? -12.701 -1.415  5.962   1.00 14.71 ? 92  SER A CB  1 
ATOM   567  O OG  . SER A 1 68  ? -13.637 -0.364  5.934   1.00 17.46 ? 92  SER A OG  1 
ATOM   568  N N   . GLU A 1 69  ? -11.227 1.241   4.779   1.00 10.73 ? 93  GLU A N   1 
ATOM   569  C CA  . GLU A 1 69  ? -10.930 2.085   3.626   1.00 11.01 ? 93  GLU A CA  1 
ATOM   570  C C   . GLU A 1 69  ? -9.427  2.174   3.387   1.00 10.66 ? 93  GLU A C   1 
ATOM   571  O O   . GLU A 1 69  ? -8.965  2.194   2.239   1.00 11.99 ? 93  GLU A O   1 
ATOM   572  C CB  . GLU A 1 69  ? -11.539 3.478   3.853   1.00 13.33 ? 93  GLU A CB  1 
ATOM   573  C CG  . GLU A 1 69  ? -13.071 3.446   4.074   1.00 16.96 ? 93  GLU A CG  1 
ATOM   574  C CD  . GLU A 1 69  ? -13.686 4.765   4.535   1.00 24.24 ? 93  GLU A CD  1 
ATOM   575  O OE1 . GLU A 1 69  ? -13.027 5.512   5.278   1.00 20.66 ? 93  GLU A OE1 1 
ATOM   576  O OE2 . GLU A 1 69  ? -14.855 5.048   4.166   1.00 28.62 ? 93  GLU A OE2 1 
ATOM   577  N N   . CYS A 1 70  ? -8.651  2.232   4.462   1.00 9.80  ? 94  CYS A N   1 
ATOM   578  C CA  . CYS A 1 70  ? -7.199  2.274   4.332   1.00 9.31  ? 94  CYS A CA  1 
ATOM   579  C C   . CYS A 1 70  ? -6.637  0.915   3.919   1.00 9.63  ? 94  CYS A C   1 
ATOM   580  O O   . CYS A 1 70  ? -5.776  0.827   3.033   1.00 10.22 ? 94  CYS A O   1 
ATOM   581  C CB  . CYS A 1 70  ? -6.611  2.726   5.664   1.00 9.32  ? 94  CYS A CB  1 
ATOM   582  S SG  . CYS A 1 70  ? -4.832  2.786   5.705   1.00 11.24 ? 94  CYS A SG  1 
ATOM   583  N N   . ILE A 1 71  ? -7.105  -0.160  4.557   1.00 8.65  ? 95  ILE A N   1 
ATOM   584  C CA  . ILE A 1 71  ? -6.703  -1.511  4.156   1.00 7.74  ? 95  ILE A CA  1 
ATOM   585  C C   . ILE A 1 71  ? -6.976  -1.744  2.675   1.00 9.63  ? 95  ILE A C   1 
ATOM   586  O O   . ILE A 1 71  ? -6.156  -2.334  1.961   1.00 8.74  ? 95  ILE A O   1 
ATOM   587  C CB  . ILE A 1 71  ? -7.405  -2.552  5.046   1.00 8.51  ? 95  ILE A CB  1 
ATOM   588  C CG1 . ILE A 1 71  ? -6.934  -2.387  6.499   1.00 9.78  ? 95  ILE A CG1 1 
ATOM   589  C CG2 . ILE A 1 71  ? -7.170  -3.970  4.515   1.00 9.42  ? 95  ILE A CG2 1 
ATOM   590  C CD1 . ILE A 1 71  ? -7.875  -3.037  7.498   1.00 12.65 ? 95  ILE A CD1 1 
ATOM   591  N N   . GLU A 1 72  ? -8.120  -1.259  2.187   1.00 10.42 ? 96  GLU A N   1 
ATOM   592  C CA  . GLU A 1 72  ? -8.444  -1.391  0.769   1.00 9.67  ? 96  GLU A CA  1 
ATOM   593  C C   . GLU A 1 72  ? -7.354  -0.797  -0.118  1.00 9.19  ? 96  GLU A C   1 
ATOM   594  O O   . GLU A 1 72  ? -6.995  -1.380  -1.148  1.00 8.98  ? 96  GLU A O   1 
ATOM   595  C CB  . GLU A 1 72  ? -9.785  -0.714  0.486   1.00 12.50 ? 96  GLU A CB  1 
ATOM   596  C CG  . GLU A 1 72  ? -10.354 -1.020  -0.887  1.00 14.11 ? 96  GLU A CG  1 
ATOM   597  C CD  . GLU A 1 72  ? -10.869 -2.436  -0.974  1.00 19.47 ? 96  GLU A CD  1 
ATOM   598  O OE1 . GLU A 1 72  ? -11.278 -2.982  0.077   1.00 26.64 ? 96  GLU A OE1 1 
ATOM   599  O OE2 . GLU A 1 72  ? -10.851 -2.998  -2.082  1.00 21.64 ? 96  GLU A OE2 1 
ATOM   600  N N   . ASP A 1 73  ? -6.797  0.351   0.282   1.00 8.48  ? 97  ASP A N   1 
ATOM   601  C CA  . ASP A 1 73  ? -5.767  0.999   -0.525  1.00 7.29  ? 97  ASP A CA  1 
ATOM   602  C C   . ASP A 1 73  ? -4.468  0.195   -0.534  1.00 7.40  ? 97  ASP A C   1 
ATOM   603  O O   . ASP A 1 73  ? -3.817  0.075   -1.581  1.00 8.60  ? 97  ASP A O   1 
ATOM   604  C CB  . ASP A 1 73  ? -5.515  2.418   -0.011  1.00 8.13  ? 97  ASP A CB  1 
ATOM   605  C CG  . ASP A 1 73  ? -6.591  3.411   -0.427  1.00 10.29 ? 97  ASP A CG  1 
ATOM   606  O OD1 . ASP A 1 73  ? -7.400  3.119   -1.323  1.00 10.45 ? 97  ASP A OD1 1 
ATOM   607  O OD2 . ASP A 1 73  ? -6.616  4.505   0.168   1.00 9.72  ? 97  ASP A OD2 1 
ATOM   608  N N   . PHE A 1 74  ? -4.047  -0.344  0.620   1.00 8.76  ? 98  PHE A N   1 
ATOM   609  C CA  . PHE A 1 74  ? -2.891  -1.237  0.606   1.00 8.95  ? 98  PHE A CA  1 
ATOM   610  C C   . PHE A 1 74  ? -3.146  -2.412  -0.330  1.00 8.14  ? 98  PHE A C   1 
ATOM   611  O O   . PHE A 1 74  ? -2.277  -2.780  -1.129  1.00 8.18  ? 98  PHE A O   1 
ATOM   612  C CB  . PHE A 1 74  ? -2.616  -1.789  2.006   1.00 8.87  ? 98  PHE A CB  1 
ATOM   613  C CG  . PHE A 1 74  ? -1.913  -0.828  2.952   1.00 8.97  ? 98  PHE A CG  1 
ATOM   614  C CD1 . PHE A 1 74  ? -0.547  -0.617  2.863   1.00 10.82 ? 98  PHE A CD1 1 
ATOM   615  C CD2 . PHE A 1 74  ? -2.620  -0.200  3.969   1.00 10.16 ? 98  PHE A CD2 1 
ATOM   616  C CE1 . PHE A 1 74  ? 0.108   0.240   3.757   1.00 11.45 ? 98  PHE A CE1 1 
ATOM   617  C CE2 . PHE A 1 74  ? -1.983  0.657   4.859   1.00 9.92  ? 98  PHE A CE2 1 
ATOM   618  C CZ  . PHE A 1 74  ? -0.614  0.876   4.755   1.00 10.62 ? 98  PHE A CZ  1 
ATOM   619  N N   . ASN A 1 75  ? -4.346  -3.000  -0.265  1.00 7.15  ? 99  ASN A N   1 
ATOM   620  C CA  . ASN A 1 75  ? -4.653  -4.144  -1.122  1.00 7.94  ? 99  ASN A CA  1 
ATOM   621  C C   . ASN A 1 75  ? -4.619  -3.744  -2.591  1.00 8.31  ? 99  ASN A C   1 
ATOM   622  O O   . ASN A 1 75  ? -4.121  -4.498  -3.433  1.00 9.87  ? 99  ASN A O   1 
ATOM   623  C CB  . ASN A 1 75  ? -6.018  -4.745  -0.761  1.00 8.31  ? 99  ASN A CB  1 
ATOM   624  C CG  . ASN A 1 75  ? -6.010  -5.495  0.562   1.00 9.91  ? 99  ASN A CG  1 
ATOM   625  O OD1 . ASN A 1 75  ? -4.960  -5.801  1.115   1.00 12.90 ? 99  ASN A OD1 1 
ATOM   626  N ND2 . ASN A 1 75  ? -7.200  -5.797  1.070   1.00 9.74  ? 99  ASN A ND2 1 
ATOM   627  N N   . THR A 1 76  ? -5.108  -2.541  -2.906  1.00 7.97  ? 100 THR A N   1 
ATOM   628  C CA  . THR A 1 76  ? -5.081  -2.052  -4.286  1.00 7.25  ? 100 THR A CA  1 
ATOM   629  C C   . THR A 1 76  ? -3.651  -1.881  -4.790  1.00 9.86  ? 100 THR A C   1 
ATOM   630  O O   . THR A 1 76  ? -3.338  -2.235  -5.935  1.00 8.85  ? 100 THR A O   1 
ATOM   631  C CB  . THR A 1 76  ? -5.852  -0.731  -4.369  1.00 7.89  ? 100 THR A CB  1 
ATOM   632  O OG1 . THR A 1 76  ? -7.247  -0.989  -4.131  1.00 9.66  ? 100 THR A OG1 1 
ATOM   633  C CG2 . THR A 1 76  ? -5.706  -0.092  -5.743  1.00 10.96 ? 100 THR A CG2 1 
ATOM   634  N N   . MET A 1 77  ? -2.769  -1.339  -3.949  1.00 8.72  ? 101 MET A N   1 
ATOM   635  C CA  . MET A 1 77  ? -1.371  -1.168  -4.335  1.00 8.25  ? 101 MET A CA  1 
ATOM   636  C C   . MET A 1 77  ? -0.742  -2.497  -4.737  1.00 8.28  ? 101 MET A C   1 
ATOM   637  O O   . MET A 1 77  ? -0.081  -2.602  -5.784  1.00 8.28  ? 101 MET A O   1 
ATOM   638  C CB  . MET A 1 77  ? -0.600  -0.548  -3.175  1.00 9.44  ? 101 MET A CB  1 
ATOM   639  C CG  . MET A 1 77  ? 0.858   -0.264  -3.475  1.00 10.54 ? 101 MET A CG  1 
ATOM   640  S SD  . MET A 1 77  ? 1.744   0.304   -2.013  1.00 10.52 ? 101 MET A SD  1 
ATOM   641  C CE  . MET A 1 77  ? 1.935   -1.241  -1.152  1.00 14.01 ? 101 MET A CE  1 
ATOM   642  N N   . PHE A 1 78  ? -0.941  -3.536  -3.922  1.00 7.90  ? 102 PHE A N   1 
ATOM   643  C CA  . PHE A 1 78  ? -0.372  -4.832  -4.272  1.00 7.01  ? 102 PHE A CA  1 
ATOM   644  C C   . PHE A 1 78  ? -1.074  -5.429  -5.485  1.00 9.04  ? 102 PHE A C   1 
ATOM   645  O O   . PHE A 1 78  ? -0.413  -5.962  -6.385  1.00 9.26  ? 102 PHE A O   1 
ATOM   646  C CB  . PHE A 1 78  ? -0.444  -5.793  -3.076  1.00 10.34 ? 102 PHE A CB  1 
ATOM   647  C CG  . PHE A 1 78  ? 0.440   -5.401  -1.933  1.00 10.37 ? 102 PHE A CG  1 
ATOM   648  C CD1 . PHE A 1 78  ? 1.820   -5.316  -2.096  1.00 11.53 ? 102 PHE A CD1 1 
ATOM   649  C CD2 . PHE A 1 78  ? -0.103  -5.098  -0.688  1.00 10.62 ? 102 PHE A CD2 1 
ATOM   650  C CE1 . PHE A 1 78  ? 2.635   -4.946  -1.035  1.00 12.55 ? 102 PHE A CE1 1 
ATOM   651  C CE2 . PHE A 1 78  ? 0.719   -4.725  0.369   1.00 11.61 ? 102 PHE A CE2 1 
ATOM   652  C CZ  . PHE A 1 78  ? 2.075   -4.659  0.193   1.00 12.24 ? 102 PHE A CZ  1 
ATOM   653  N N   . SER A 1 79  ? -2.406  -5.350  -5.521  1.00 10.24 ? 103 SER A N   1 
ATOM   654  C CA  . SER A 1 79  ? -3.165  -5.894  -6.644  1.00 9.21  ? 103 SER A CA  1 
ATOM   655  C C   . SER A 1 79  ? -2.745  -5.247  -7.960  1.00 10.74 ? 103 SER A C   1 
ATOM   656  O O   . SER A 1 79  ? -2.596  -5.934  -8.981  1.00 9.23  ? 103 SER A O   1 
ATOM   657  C CB  . SER A 1 79  ? -4.667  -5.713  -6.388  1.00 12.63 ? 103 SER A CB  1 
ATOM   658  O OG  . SER A 1 79  ? -5.453  -6.411  -7.339  1.00 19.59 ? 103 SER A OG  1 
ATOM   659  N N   . ASN A 1 80  ? -2.526  -3.928  -7.951  1.00 8.68  ? 104 ASN A N   1 
ATOM   660  C CA  . ASN A 1 80  ? -2.083  -3.249  -9.165  1.00 7.28  ? 104 ASN A CA  1 
ATOM   661  C C   . ASN A 1 80  ? -0.760  -3.813  -9.651  1.00 8.51  ? 104 ASN A C   1 
ATOM   662  O O   . ASN A 1 80  ? -0.552  -3.992  -10.858 1.00 9.60  ? 104 ASN A O   1 
ATOM   663  C CB  . ASN A 1 80  ? -1.883  -1.760  -8.869  1.00 9.91  ? 104 ASN A CB  1 
ATOM   664  C CG  . ASN A 1 80  ? -3.188  -1.002  -8.715  1.00 8.28  ? 104 ASN A CG  1 
ATOM   665  O OD1 . ASN A 1 80  ? -4.271  -1.503  -9.046  1.00 10.81 ? 104 ASN A OD1 1 
ATOM   666  N ND2 . ASN A 1 80  ? -3.083  0.233   -8.242  1.00 9.63  ? 104 ASN A ND2 1 
ATOM   667  N N   . CYS A 1 81  ? 0.168   -4.045  -8.723  1.00 7.34  ? 105 CYS A N   1 
ATOM   668  C CA  . CYS A 1 81  ? 1.470   -4.569  -9.094  1.00 9.10  ? 105 CYS A CA  1 
ATOM   669  C C   . CYS A 1 81  ? 1.323   -5.910  -9.793  1.00 9.41  ? 105 CYS A C   1 
ATOM   670  O O   . CYS A 1 81  ? 1.950   -6.158  -10.834 1.00 9.96  ? 105 CYS A O   1 
ATOM   671  C CB  . CYS A 1 81  ? 2.304   -4.713  -7.820  1.00 9.39  ? 105 CYS A CB  1 
ATOM   672  S SG  . CYS A 1 81  ? 4.010   -5.218  -8.106  1.00 11.36 ? 105 CYS A SG  1 
ATOM   673  N N   . TYR A 1 82  ? 0.465   -6.770  -9.254  1.00 9.31  ? 106 TYR A N   1 
ATOM   674  C CA  . TYR A 1 82  ? 0.273   -8.097  -9.834  1.00 11.45 ? 106 TYR A CA  1 
ATOM   675  C C   . TYR A 1 82  ? -0.512  -8.040  -11.139 1.00 13.49 ? 106 TYR A C   1 
ATOM   676  O O   . TYR A 1 82  ? -0.340  -8.910  -12.004 1.00 15.27 ? 106 TYR A O   1 
ATOM   677  C CB  . TYR A 1 82  ? -0.451  -8.999  -8.833  1.00 12.43 ? 106 TYR A CB  1 
ATOM   678  C CG  . TYR A 1 82  ? 0.262   -9.198  -7.514  1.00 12.51 ? 106 TYR A CG  1 
ATOM   679  C CD1 . TYR A 1 82  ? 1.653   -9.283  -7.447  1.00 12.80 ? 106 TYR A CD1 1 
ATOM   680  C CD2 . TYR A 1 82  ? -0.459  -9.307  -6.337  1.00 13.49 ? 106 TYR A CD2 1 
ATOM   681  C CE1 . TYR A 1 82  ? 2.301   -9.471  -6.228  1.00 13.04 ? 106 TYR A CE1 1 
ATOM   682  C CE2 . TYR A 1 82  ? 0.174   -9.493  -5.124  1.00 18.36 ? 106 TYR A CE2 1 
ATOM   683  C CZ  . TYR A 1 82  ? 1.551   -9.575  -5.077  1.00 18.82 ? 106 TYR A CZ  1 
ATOM   684  O OH  . TYR A 1 82  ? 2.168   -9.757  -3.860  1.00 25.70 ? 106 TYR A OH  1 
ATOM   685  N N   . LEU A 1 83  ? -1.378  -7.037  -11.305 1.00 10.74 ? 107 LEU A N   1 
ATOM   686  C CA  . LEU A 1 83  ? -2.133  -6.923  -12.552 1.00 12.74 ? 107 LEU A CA  1 
ATOM   687  C C   . LEU A 1 83  ? -1.242  -6.460  -13.699 1.00 13.16 ? 107 LEU A C   1 
ATOM   688  O O   . LEU A 1 83  ? -1.314  -6.999  -14.812 1.00 13.76 ? 107 LEU A O   1 
ATOM   689  C CB  . LEU A 1 83  ? -3.300  -5.950  -12.357 1.00 14.47 ? 107 LEU A CB  1 
ATOM   690  C CG  . LEU A 1 83  ? -4.441  -5.975  -13.374 1.00 22.99 ? 107 LEU A CG  1 
ATOM   691  C CD1 . LEU A 1 83  ? -5.318  -7.197  -13.136 1.00 24.67 ? 107 LEU A CD1 1 
ATOM   692  C CD2 . LEU A 1 83  ? -5.272  -4.701  -13.298 1.00 23.74 ? 107 LEU A CD2 1 
ATOM   693  N N   . TYR A 1 84  ? -0.388  -5.473  -13.448 1.00 11.41 ? 108 TYR A N   1 
ATOM   694  C CA  . TYR A 1 84  ? 0.422   -4.918  -14.526 1.00 10.52 ? 108 TYR A CA  1 
ATOM   695  C C   . TYR A 1 84  ? 1.624   -5.796  -14.856 1.00 12.94 ? 108 TYR A C   1 
ATOM   696  O O   . TYR A 1 84  ? 1.982   -5.946  -16.033 1.00 13.80 ? 108 TYR A O   1 
ATOM   697  C CB  . TYR A 1 84  ? 0.885   -3.488  -14.193 1.00 9.89  ? 108 TYR A CB  1 
ATOM   698  C CG  . TYR A 1 84  ? 1.612   -2.873  -15.367 1.00 10.56 ? 108 TYR A CG  1 
ATOM   699  C CD1 . TYR A 1 84  ? 0.900   -2.304  -16.425 1.00 9.96  ? 108 TYR A CD1 1 
ATOM   700  C CD2 . TYR A 1 84  ? 2.993   -2.915  -15.452 1.00 11.52 ? 108 TYR A CD2 1 
ATOM   701  C CE1 . TYR A 1 84  ? 1.570   -1.776  -17.541 1.00 12.05 ? 108 TYR A CE1 1 
ATOM   702  C CE2 . TYR A 1 84  ? 3.662   -2.390  -16.549 1.00 11.51 ? 108 TYR A CE2 1 
ATOM   703  C CZ  . TYR A 1 84  ? 2.943   -1.817  -17.585 1.00 14.38 ? 108 TYR A CZ  1 
ATOM   704  O OH  . TYR A 1 84  ? 3.607   -1.300  -18.676 1.00 15.67 ? 108 TYR A OH  1 
ATOM   705  N N   . ASN A 1 85  ? 2.261   -6.366  -13.844 1.00 10.04 ? 109 ASN A N   1 
ATOM   706  C CA  . ASN A 1 85  ? 3.516   -7.077  -14.014 1.00 13.19 ? 109 ASN A CA  1 
ATOM   707  C C   . ASN A 1 85  ? 3.237   -8.568  -14.202 1.00 13.83 ? 109 ASN A C   1 
ATOM   708  O O   . ASN A 1 85  ? 2.089   -8.990  -14.355 1.00 16.83 ? 109 ASN A O   1 
ATOM   709  C CB  . ASN A 1 85  ? 4.445   -6.742  -12.848 1.00 13.09 ? 109 ASN A CB  1 
ATOM   710  C CG  . ASN A 1 85  ? 4.776   -5.262  -12.791 1.00 11.75 ? 109 ASN A CG  1 
ATOM   711  O OD1 . ASN A 1 85  ? 5.488   -4.743  -13.655 1.00 13.03 ? 109 ASN A OD1 1 
ATOM   712  N ND2 . ASN A 1 85  ? 4.243   -4.566  -11.785 1.00 11.35 ? 109 ASN A ND2 1 
ATOM   713  N N   . LYS A 1 86  ? 4.288   -9.386  -14.196 1.00 13.04 ? 110 LYS A N   1 
ATOM   714  C CA  . LYS A 1 86  ? 4.188   -10.804 -14.509 1.00 14.13 ? 110 LYS A CA  1 
ATOM   715  C C   . LYS A 1 86  ? 4.792   -11.632 -13.386 1.00 12.91 ? 110 LYS A C   1 
ATOM   716  O O   . LYS A 1 86  ? 5.694   -11.166 -12.681 1.00 13.34 ? 110 LYS A O   1 
ATOM   717  C CB  . LYS A 1 86  ? 4.981   -11.093 -15.795 1.00 14.25 ? 110 LYS A CB  1 
ATOM   718  C CG  . LYS A 1 86  ? 4.394   -10.490 -17.063 1.00 17.49 ? 110 LYS A CG  1 
ATOM   719  C CD  . LYS A 1 86  ? 5.251   -10.887 -18.259 1.00 26.60 ? 110 LYS A CD  1 
ATOM   720  C CE  . LYS A 1 86  ? 4.837   -10.174 -19.534 1.00 31.49 ? 110 LYS A CE  1 
ATOM   721  N NZ  . LYS A 1 86  ? 3.708   -10.862 -20.218 1.00 35.82 ? 110 LYS A NZ  1 
ATOM   722  N N   . PRO A 1 87  ? 4.340   -12.877 -13.218 1.00 15.02 ? 111 PRO A N   1 
ATOM   723  C CA  . PRO A 1 87  ? 4.976   -13.765 -12.238 1.00 15.52 ? 111 PRO A CA  1 
ATOM   724  C C   . PRO A 1 87  ? 6.469   -13.839 -12.493 1.00 16.65 ? 111 PRO A C   1 
ATOM   725  O O   . PRO A 1 87  ? 6.911   -13.921 -13.638 1.00 15.57 ? 111 PRO A O   1 
ATOM   726  C CB  . PRO A 1 87  ? 4.322   -15.128 -12.505 1.00 15.02 ? 111 PRO A CB  1 
ATOM   727  C CG  . PRO A 1 87  ? 3.133   -14.865 -13.333 1.00 22.79 ? 111 PRO A CG  1 
ATOM   728  C CD  . PRO A 1 87  ? 3.333   -13.563 -14.042 1.00 16.82 ? 111 PRO A CD  1 
ATOM   729  N N   . GLY A 1 88  ? 7.251   -13.787 -11.413 1.00 20.23 ? 112 GLY A N   1 
ATOM   730  C CA  . GLY A 1 88  ? 8.692   -13.848 -11.511 1.00 21.30 ? 112 GLY A CA  1 
ATOM   731  C C   . GLY A 1 88  ? 9.397   -12.516 -11.690 1.00 19.82 ? 112 GLY A C   1 
ATOM   732  O O   . GLY A 1 88  ? 10.628  -12.472 -11.596 1.00 20.54 ? 112 GLY A O   1 
ATOM   733  N N   . ASP A 1 89  ? 8.668   -11.432 -11.972 1.00 15.60 ? 113 ASP A N   1 
ATOM   734  C CA  . ASP A 1 89  ? 9.297   -10.125 -12.091 1.00 17.06 ? 113 ASP A CA  1 
ATOM   735  C C   . ASP A 1 89  ? 9.897   -9.716  -10.750 1.00 13.20 ? 113 ASP A C   1 
ATOM   736  O O   . ASP A 1 89  ? 9.377   -10.073 -9.688  1.00 13.49 ? 113 ASP A O   1 
ATOM   737  C CB  . ASP A 1 89  ? 8.248   -9.075  -12.486 1.00 14.74 ? 113 ASP A CB  1 
ATOM   738  C CG  . ASP A 1 89  ? 7.924   -9.075  -13.977 1.00 17.01 ? 113 ASP A CG  1 
ATOM   739  O OD1 . ASP A 1 89  ? 8.530   -9.847  -14.757 1.00 19.76 ? 113 ASP A OD1 1 
ATOM   740  O OD2 . ASP A 1 89  ? 7.045   -8.283  -14.373 1.00 16.36 ? 113 ASP A OD2 1 
ATOM   741  N N   . ASP A 1 90  ? 11.001  -8.963  -10.804 1.00 14.38 ? 114 ASP A N   1 
ATOM   742  C CA  . ASP A 1 90  ? 11.615  -8.449  -9.579  1.00 12.82 ? 114 ASP A CA  1 
ATOM   743  C C   . ASP A 1 90  ? 10.572  -7.780  -8.692  1.00 12.51 ? 114 ASP A C   1 
ATOM   744  O O   . ASP A 1 90  ? 10.492  -8.047  -7.488  1.00 11.47 ? 114 ASP A O   1 
ATOM   745  C CB  . ASP A 1 90  ? 12.714  -7.433  -9.916  1.00 16.26 ? 114 ASP A CB  1 
ATOM   746  C CG  . ASP A 1 90  ? 13.981  -8.079  -10.452 1.00 22.00 ? 114 ASP A CG  1 
ATOM   747  O OD1 . ASP A 1 90  ? 13.898  -8.812  -11.453 1.00 28.73 ? 114 ASP A OD1 1 
ATOM   748  O OD2 . ASP A 1 90  ? 15.063  -7.827  -9.878  1.00 21.60 ? 114 ASP A OD2 1 
ATOM   749  N N   . ILE A 1 91  ? 9.754   -6.905  -9.278  1.00 12.47 ? 115 ILE A N   1 
ATOM   750  C CA  . ILE A 1 91  ? 8.824   -6.139  -8.456  1.00 10.07 ? 115 ILE A CA  1 
ATOM   751  C C   . ILE A 1 91  ? 7.771   -7.037  -7.837  1.00 9.52  ? 115 ILE A C   1 
ATOM   752  O O   . ILE A 1 91  ? 7.276   -6.766  -6.735  1.00 10.03 ? 115 ILE A O   1 
ATOM   753  C CB  . ILE A 1 91  ? 8.218   -4.978  -9.267  1.00 10.20 ? 115 ILE A CB  1 
ATOM   754  C CG1 . ILE A 1 91  ? 7.468   -4.034  -8.334  1.00 9.87  ? 115 ILE A CG1 1 
ATOM   755  C CG2 . ILE A 1 91  ? 7.304   -5.484  -10.387 1.00 10.83 ? 115 ILE A CG2 1 
ATOM   756  C CD1 . ILE A 1 91  ? 8.376   -3.284  -7.393  1.00 12.46 ? 115 ILE A CD1 1 
ATOM   757  N N   . VAL A 1 92  ? 7.420   -8.125  -8.520  1.00 10.61 ? 116 VAL A N   1 
ATOM   758  C CA  . VAL A 1 92  ? 6.431   -9.045  -7.981  1.00 10.60 ? 116 VAL A CA  1 
ATOM   759  C C   . VAL A 1 92  ? 7.031   -9.840  -6.830  1.00 12.70 ? 116 VAL A C   1 
ATOM   760  O O   . VAL A 1 92  ? 6.367   -10.078 -5.818  1.00 15.77 ? 116 VAL A O   1 
ATOM   761  C CB  . VAL A 1 92  ? 5.874   -9.932  -9.113  1.00 12.83 ? 116 VAL A CB  1 
ATOM   762  C CG1 . VAL A 1 92  ? 5.046   -11.098 -8.561  1.00 15.32 ? 116 VAL A CG1 1 
ATOM   763  C CG2 . VAL A 1 92  ? 5.035   -9.104  -10.069 1.00 11.97 ? 116 VAL A CG2 1 
ATOM   764  N N   . LEU A 1 93  ? 8.306   -10.211 -6.938  1.00 13.13 ? 117 LEU A N   1 
ATOM   765  C CA  . LEU A 1 93  ? 8.985   -10.846 -5.810  1.00 15.79 ? 117 LEU A CA  1 
ATOM   766  C C   . LEU A 1 93  ? 9.070   -9.900  -4.617  1.00 13.72 ? 117 LEU A C   1 
ATOM   767  O O   . LEU A 1 93  ? 8.840   -10.309 -3.472  1.00 15.28 ? 117 LEU A O   1 
ATOM   768  C CB  . LEU A 1 93  ? 10.375  -11.317 -6.241  1.00 14.61 ? 117 LEU A CB  1 
ATOM   769  C CG  . LEU A 1 93  ? 10.407  -12.355 -7.363  1.00 18.18 ? 117 LEU A CG  1 
ATOM   770  C CD1 . LEU A 1 93  ? 11.841  -12.642 -7.794  1.00 19.30 ? 117 LEU A CD1 1 
ATOM   771  C CD2 . LEU A 1 93  ? 9.706   -13.628 -6.917  1.00 22.41 ? 117 LEU A CD2 1 
ATOM   772  N N   . MET A 1 94  ? 9.382   -8.626  -4.869  1.00 13.29 ? 118 MET A N   1 
ATOM   773  C CA  . MET A 1 94  ? 9.431   -7.642  -3.790  1.00 11.35 ? 118 MET A CA  1 
ATOM   774  C C   . MET A 1 94  ? 8.056   -7.465  -3.159  1.00 12.11 ? 118 MET A C   1 
ATOM   775  O O   . MET A 1 94  ? 7.916   -7.491  -1.930  1.00 11.81 ? 118 MET A O   1 
ATOM   776  C CB  . MET A 1 94  ? 9.949   -6.315  -4.341  1.00 11.10 ? 118 MET A CB  1 
ATOM   777  C CG  . MET A 1 94  ? 11.393  -6.408  -4.873  1.00 11.12 ? 118 MET A CG  1 
ATOM   778  S SD  . MET A 1 94  ? 11.941  -4.940  -5.761  1.00 11.61 ? 118 MET A SD  1 
ATOM   779  C CE  . MET A 1 94  ? 12.344  -3.840  -4.401  1.00 12.28 ? 118 MET A CE  1 
ATOM   780  N N   . ALA A 1 95  ? 7.026   -7.305  -3.992  1.00 11.50 ? 119 ALA A N   1 
ATOM   781  C CA  . ALA A 1 95  ? 5.668   -7.118  -3.487  1.00 11.32 ? 119 ALA A CA  1 
ATOM   782  C C   . ALA A 1 95  ? 5.221   -8.279  -2.602  1.00 13.10 ? 119 ALA A C   1 
ATOM   783  O O   . ALA A 1 95  ? 4.576   -8.058  -1.568  1.00 12.52 ? 119 ALA A O   1 
ATOM   784  C CB  . ALA A 1 95  ? 4.696   -6.938  -4.654  1.00 10.74 ? 119 ALA A CB  1 
ATOM   785  N N   . GLN A 1 96  ? 5.531   -9.521  -2.991  1.00 12.41 ? 120 GLN A N   1 
ATOM   786  C CA  . GLN A 1 96  ? 5.067   -10.666 -2.209  1.00 13.13 ? 120 GLN A CA  1 
ATOM   787  C C   . GLN A 1 96  ? 5.649   -10.644 -0.806  1.00 14.28 ? 120 GLN A C   1 
ATOM   788  O O   . GLN A 1 96  ? 4.955   -10.956 0.163   1.00 13.19 ? 120 GLN A O   1 
ATOM   789  C CB  . GLN A 1 96  ? 5.447   -11.985 -2.873  1.00 19.44 ? 120 GLN A CB  1 
ATOM   790  C CG  . GLN A 1 96  ? 4.863   -12.175 -4.229  1.00 26.40 ? 120 GLN A CG  1 
ATOM   791  C CD  . GLN A 1 96  ? 5.513   -13.318 -4.980  1.00 26.89 ? 120 GLN A CD  1 
ATOM   792  O OE1 . GLN A 1 96  ? 5.580   -13.308 -6.203  1.00 30.86 ? 120 GLN A OE1 1 
ATOM   793  N NE2 . GLN A 1 96  ? 5.966   -14.329 -4.246  1.00 28.19 ? 120 GLN A NE2 1 
ATOM   794  N N   . ALA A 1 97  ? 6.928   -10.291 -0.677  1.00 12.70 ? 121 ALA A N   1 
ATOM   795  C CA  . ALA A 1 97  ? 7.532   -10.197 0.648   1.00 13.52 ? 121 ALA A CA  1 
ATOM   796  C C   . ALA A 1 97  ? 6.905   -9.068  1.450   1.00 13.92 ? 121 ALA A C   1 
ATOM   797  O O   . ALA A 1 97  ? 6.602   -9.232  2.637   1.00 12.36 ? 121 ALA A O   1 
ATOM   798  C CB  . ALA A 1 97  ? 9.046   -9.998  0.522   1.00 13.48 ? 121 ALA A CB  1 
ATOM   799  N N   . LEU A 1 98  ? 6.696   -7.915  0.816   1.00 10.82 ? 122 LEU A N   1 
ATOM   800  C CA  . LEU A 1 98  ? 6.054   -6.805  1.513   1.00 11.49 ? 122 LEU A CA  1 
ATOM   801  C C   . LEU A 1 98  ? 4.630   -7.160  1.924   1.00 14.37 ? 122 LEU A C   1 
ATOM   802  O O   . LEU A 1 98  ? 4.179   -6.782  3.014   1.00 12.98 ? 122 LEU A O   1 
ATOM   803  C CB  . LEU A 1 98  ? 6.042   -5.580  0.603   1.00 14.66 ? 122 LEU A CB  1 
ATOM   804  C CG  . LEU A 1 98  ? 7.339   -4.799  0.504   1.00 15.25 ? 122 LEU A CG  1 
ATOM   805  C CD1 . LEU A 1 98  ? 7.193   -3.730  -0.574  1.00 17.30 ? 122 LEU A CD1 1 
ATOM   806  C CD2 . LEU A 1 98  ? 7.687   -4.162  1.854   1.00 16.76 ? 122 LEU A CD2 1 
ATOM   807  N N   . GLU A 1 99  ? 3.903   -7.882  1.062   1.00 12.04 ? 123 GLU A N   1 
ATOM   808  C CA  . GLU A 1 99  ? 2.525   -8.240  1.388   1.00 13.78 ? 123 GLU A CA  1 
ATOM   809  C C   . GLU A 1 99  ? 2.461   -9.226  2.545   1.00 13.66 ? 123 GLU A C   1 
ATOM   810  O O   . GLU A 1 99  ? 1.537   -9.154  3.366   1.00 12.65 ? 123 GLU A O   1 
ATOM   811  C CB  . GLU A 1 99  ? 1.804   -8.778  0.150   1.00 15.28 ? 123 GLU A CB  1 
ATOM   812  C CG  . GLU A 1 99  ? 0.287   -8.843  0.332   1.00 15.14 ? 123 GLU A CG  1 
ATOM   813  C CD  . GLU A 1 99  ? -0.446  -9.197  -0.946  1.00 23.56 ? 123 GLU A CD  1 
ATOM   814  O OE1 . GLU A 1 99  ? 0.165   -9.819  -1.831  1.00 25.08 ? 123 GLU A OE1 1 
ATOM   815  O OE2 . GLU A 1 99  ? -1.630  -8.823  -1.069  1.00 27.33 ? 123 GLU A OE2 1 
ATOM   816  N N   . LYS A 1 100 ? 3.425   -10.144 2.629   1.00 13.51 ? 124 LYS A N   1 
ATOM   817  C CA  . LYS A 1 100 ? 3.499   -11.042 3.774   1.00 14.90 ? 124 LYS A CA  1 
ATOM   818  C C   . LYS A 1 100 ? 3.676   -10.253 5.066   1.00 12.75 ? 124 LYS A C   1 
ATOM   819  O O   . LYS A 1 100 ? 2.984   -10.504 6.061   1.00 13.39 ? 124 LYS A O   1 
ATOM   820  C CB  . LYS A 1 100 ? 4.630   -12.054 3.573   1.00 15.61 ? 124 LYS A CB  1 
ATOM   821  C CG  . LYS A 1 100 ? 4.691   -13.113 4.664   1.00 23.47 ? 124 LYS A CG  1 
ATOM   822  C CD  . LYS A 1 100 ? 5.857   -14.066 4.455   1.00 29.43 ? 124 LYS A CD  1 
ATOM   823  C CE  . LYS A 1 100 ? 5.956   -15.068 5.604   1.00 34.60 ? 124 LYS A CE  1 
ATOM   824  N NZ  . LYS A 1 100 ? 7.131   -15.986 5.469   1.00 36.81 ? 124 LYS A NZ  1 
ATOM   825  N N   . LEU A 1 101 ? 4.586   -9.276  5.065   1.00 12.72 ? 125 LEU A N   1 
ATOM   826  C CA  . LEU A 1 101 ? 4.773   -8.435  6.242   1.00 11.59 ? 125 LEU A CA  1 
ATOM   827  C C   . LEU A 1 101 ? 3.506   -7.647  6.554   1.00 11.39 ? 125 LEU A C   1 
ATOM   828  O O   . LEU A 1 101 ? 3.100   -7.539  7.718   1.00 10.87 ? 125 LEU A O   1 
ATOM   829  C CB  . LEU A 1 101 ? 5.949   -7.487  6.005   1.00 11.32 ? 125 LEU A CB  1 
ATOM   830  C CG  . LEU A 1 101 ? 6.230   -6.451  7.093   1.00 11.11 ? 125 LEU A CG  1 
ATOM   831  C CD1 . LEU A 1 101 ? 6.487   -7.133  8.432   1.00 14.99 ? 125 LEU A CD1 1 
ATOM   832  C CD2 . LEU A 1 101 ? 7.408   -5.552  6.708   1.00 14.55 ? 125 LEU A CD2 1 
ATOM   833  N N   . PHE A 1 102 ? 2.855   -7.111  5.522   1.00 10.54 ? 126 PHE A N   1 
ATOM   834  C CA  . PHE A 1 102 ? 1.595   -6.393  5.703   1.00 10.58 ? 126 PHE A CA  1 
ATOM   835  C C   . PHE A 1 102 ? 0.558   -7.259  6.409   1.00 10.41 ? 126 PHE A C   1 
ATOM   836  O O   . PHE A 1 102 ? -0.074  -6.822  7.375   1.00 10.63 ? 126 PHE A O   1 
ATOM   837  C CB  . PHE A 1 102 ? 1.078   -5.940  4.331   1.00 10.30 ? 126 PHE A CB  1 
ATOM   838  C CG  . PHE A 1 102 ? -0.298  -5.317  4.367   1.00 9.47  ? 126 PHE A CG  1 
ATOM   839  C CD1 . PHE A 1 102 ? -0.530  -4.169  5.100   1.00 12.47 ? 126 PHE A CD1 1 
ATOM   840  C CD2 . PHE A 1 102 ? -1.345  -5.867  3.644   1.00 11.98 ? 126 PHE A CD2 1 
ATOM   841  C CE1 . PHE A 1 102 ? -1.804  -3.584  5.137   1.00 11.72 ? 126 PHE A CE1 1 
ATOM   842  C CE2 . PHE A 1 102 ? -2.609  -5.277  3.673   1.00 11.55 ? 126 PHE A CE2 1 
ATOM   843  C CZ  . PHE A 1 102 ? -2.829  -4.146  4.425   1.00 10.84 ? 126 PHE A CZ  1 
ATOM   844  N N   . MET A 1 103 ? 0.365   -8.492  5.931   1.00 11.14 ? 127 MET A N   1 
ATOM   845  C CA  . MET A 1 103 ? -0.630  -9.370  6.543   1.00 11.60 ? 127 MET A CA  1 
ATOM   846  C C   . MET A 1 103 ? -0.280  -9.674  7.994   1.00 10.90 ? 127 MET A C   1 
ATOM   847  O O   . MET A 1 103 ? -1.158  -9.679  8.866   1.00 11.45 ? 127 MET A O   1 
ATOM   848  C CB  . MET A 1 103 ? -0.758  -10.665 5.730   1.00 14.37 ? 127 MET A CB  1 
ATOM   849  C CG  . MET A 1 103 ? -1.260  -10.452 4.303   1.00 18.15 ? 127 MET A CG  1 
ATOM   850  S SD  . MET A 1 103 ? -1.227  -11.980 3.325   1.00 26.65 ? 127 MET A SD  1 
ATOM   851  C CE  . MET A 1 103 ? -2.405  -12.983 4.238   1.00 23.64 ? 127 MET A CE  1 
ATOM   852  N N   . GLN A 1 104 ? 1.002   -9.901  8.282   1.00 11.00 ? 128 GLN A N   1 
ATOM   853  C CA  . GLN A 1 104 ? 1.405   -10.201 9.651   1.00 12.06 ? 128 GLN A CA  1 
ATOM   854  C C   . GLN A 1 104 ? 1.093   -9.033  10.582  1.00 12.40 ? 128 GLN A C   1 
ATOM   855  O O   . GLN A 1 104 ? 0.449   -9.205  11.626  1.00 12.29 ? 128 GLN A O   1 
ATOM   856  C CB  . GLN A 1 104 ? 2.891   -10.562 9.683   1.00 14.00 ? 128 GLN A CB  1 
ATOM   857  C CG  . GLN A 1 104 ? 3.404   -11.022 11.036  1.00 23.38 ? 128 GLN A CG  1 
ATOM   858  C CD  . GLN A 1 104 ? 4.212   -9.951  11.739  1.00 26.51 ? 128 GLN A CD  1 
ATOM   859  O OE1 . GLN A 1 104 ? 3.789   -9.414  12.767  1.00 35.61 ? 128 GLN A OE1 1 
ATOM   860  N NE2 . GLN A 1 104 ? 5.387   -9.635  11.195  1.00 27.59 ? 128 GLN A NE2 1 
ATOM   861  N N   . LYS A 1 105 ? 1.523   -7.826  10.213  1.00 10.34 ? 129 LYS A N   1 
ATOM   862  C CA  . LYS A 1 105 ? 1.283   -6.673  11.078  1.00 10.11 ? 129 LYS A CA  1 
ATOM   863  C C   . LYS A 1 105 ? -0.200  -6.323  11.135  1.00 11.95 ? 129 LYS A C   1 
ATOM   864  O O   . LYS A 1 105 ? -0.716  -5.943  12.195  1.00 10.38 ? 129 LYS A O   1 
ATOM   865  C CB  . LYS A 1 105 ? 2.111   -5.479  10.594  1.00 10.82 ? 129 LYS A CB  1 
ATOM   866  C CG  . LYS A 1 105 ? 3.633   -5.693  10.664  1.00 12.23 ? 129 LYS A CG  1 
ATOM   867  C CD  . LYS A 1 105 ? 4.103   -5.871  12.111  1.00 16.00 ? 129 LYS A CD  1 
ATOM   868  C CE  . LYS A 1 105 ? 5.616   -6.061  12.178  1.00 19.02 ? 129 LYS A CE  1 
ATOM   869  N NZ  . LYS A 1 105 ? 6.102   -6.108  13.588  1.00 20.99 ? 129 LYS A NZ  1 
ATOM   870  N N   . LEU A 1 106 ? -0.905  -6.452  10.013  1.00 11.38 ? 130 LEU A N   1 
ATOM   871  C CA  . LEU A 1 106 ? -2.334  -6.169  10.009  1.00 11.53 ? 130 LEU A CA  1 
ATOM   872  C C   . LEU A 1 106 ? -3.075  -7.096  10.960  1.00 10.63 ? 130 LEU A C   1 
ATOM   873  O O   . LEU A 1 106 ? -4.042  -6.684  11.619  1.00 11.14 ? 130 LEU A O   1 
ATOM   874  C CB  . LEU A 1 106 ? -2.895  -6.332  8.594   1.00 10.29 ? 130 LEU A CB  1 
ATOM   875  C CG  . LEU A 1 106 ? -4.326  -5.817  8.465   1.00 10.33 ? 130 LEU A CG  1 
ATOM   876  C CD1 . LEU A 1 106 ? -4.414  -4.333  8.805   1.00 11.67 ? 130 LEU A CD1 1 
ATOM   877  C CD2 . LEU A 1 106 ? -4.864  -6.082  7.059   1.00 11.56 ? 130 LEU A CD2 1 
ATOM   878  N N   . SER A 1 107 ? -2.641  -8.358  11.044  1.00 11.93 ? 131 SER A N   1 
ATOM   879  C CA  . SER A 1 107 ? -3.338  -9.326  11.889  1.00 11.49 ? 131 SER A CA  1 
ATOM   880  C C   . SER A 1 107 ? -3.279  -8.941  13.360  1.00 12.08 ? 131 SER A C   1 
ATOM   881  O O   . SER A 1 107 ? -4.079  -9.446  14.156  1.00 12.13 ? 131 SER A O   1 
ATOM   882  C CB  . SER A 1 107 ? -2.749  -10.728 11.697  1.00 12.02 ? 131 SER A CB  1 
ATOM   883  O OG  . SER A 1 107 ? -1.494  -10.867 12.348  1.00 11.62 ? 131 SER A OG  1 
ATOM   884  N N   . GLN A 1 108 ? -2.363  -8.052  13.729  1.00 11.30 ? 132 GLN A N   1 
ATOM   885  C CA  . GLN A 1 108 ? -2.203  -7.581  15.094  1.00 12.34 ? 132 GLN A CA  1 
ATOM   886  C C   . GLN A 1 108 ? -2.898  -6.248  15.347  1.00 12.49 ? 132 GLN A C   1 
ATOM   887  O O   . GLN A 1 108 ? -2.777  -5.693  16.446  1.00 14.19 ? 132 GLN A O   1 
ATOM   888  C CB  . GLN A 1 108 ? -0.714  -7.491  15.423  1.00 14.85 ? 132 GLN A CB  1 
ATOM   889  C CG  . GLN A 1 108 ? -0.094  -8.855  15.689  1.00 15.81 ? 132 GLN A CG  1 
ATOM   890  C CD  . GLN A 1 108 ? -0.594  -9.429  17.006  1.00 23.04 ? 132 GLN A CD  1 
ATOM   891  O OE1 . GLN A 1 108 ? -0.834  -8.684  17.961  1.00 26.07 ? 132 GLN A OE1 1 
ATOM   892  N NE2 . GLN A 1 108 ? -0.787  -10.745 17.056  1.00 24.77 ? 132 GLN A NE2 1 
ATOM   893  N N   . MET A 1 109 ? -3.633  -5.728  14.367  1.00 12.76 ? 133 MET A N   1 
ATOM   894  C CA  . MET A 1 109 ? -4.393  -4.503  14.571  1.00 12.88 ? 133 MET A CA  1 
ATOM   895  C C   . MET A 1 109 ? -5.462  -4.735  15.635  1.00 12.23 ? 133 MET A C   1 
ATOM   896  O O   . MET A 1 109 ? -6.152  -5.763  15.604  1.00 13.77 ? 133 MET A O   1 
ATOM   897  C CB  . MET A 1 109 ? -5.068  -4.093  13.261  1.00 13.11 ? 133 MET A CB  1 
ATOM   898  C CG  . MET A 1 109 ? -5.935  -2.840  13.382  1.00 13.97 ? 133 MET A CG  1 
ATOM   899  S SD  . MET A 1 109 ? -6.613  -2.266  11.814  1.00 15.78 ? 133 MET A SD  1 
ATOM   900  C CE  . MET A 1 109 ? -7.872  -3.499  11.520  1.00 17.75 ? 133 MET A CE  1 
ATOM   901  N N   . PRO A 1 110 ? -5.622  -3.818  16.594  1.00 16.05 ? 134 PRO A N   1 
ATOM   902  C CA  . PRO A 1 110 ? -6.691  -3.967  17.594  1.00 17.25 ? 134 PRO A CA  1 
ATOM   903  C C   . PRO A 1 110 ? -8.037  -4.195  16.918  1.00 18.97 ? 134 PRO A C   1 
ATOM   904  O O   . PRO A 1 110 ? -8.355  -3.579  15.901  1.00 20.41 ? 134 PRO A O   1 
ATOM   905  C CB  . PRO A 1 110 ? -6.662  -2.629  18.341  1.00 22.04 ? 134 PRO A CB  1 
ATOM   906  C CG  . PRO A 1 110 ? -5.262  -2.127  18.160  1.00 20.17 ? 134 PRO A CG  1 
ATOM   907  C CD  . PRO A 1 110 ? -4.826  -2.592  16.796  1.00 16.63 ? 134 PRO A CD  1 
ATOM   908  N N   . GLN A 1 111 ? -8.828  -5.115  17.475  1.00 20.91 ? 135 GLN A N   1 
ATOM   909  C CA  . GLN A 1 111 ? -10.066 -5.524  16.813  1.00 21.14 ? 135 GLN A CA  1 
ATOM   910  C C   . GLN A 1 111 ? -11.283 -4.738  17.283  1.00 32.46 ? 135 GLN A C   1 
ATOM   911  O O   . GLN A 1 111 ? -12.172 -4.427  16.481  1.00 37.96 ? 135 GLN A O   1 
ATOM   912  C CB  . GLN A 1 111 ? -10.328 -7.010  17.050  1.00 28.38 ? 135 GLN A CB  1 
ATOM   913  C CG  . GLN A 1 111 ? -9.334  -7.938  16.403  1.00 25.09 ? 135 GLN A CG  1 
ATOM   914  C CD  . GLN A 1 111 ? -9.647  -9.392  16.692  1.00 25.75 ? 135 GLN A CD  1 
ATOM   915  O OE1 . GLN A 1 111 ? -10.652 -9.706  17.340  1.00 25.78 ? 135 GLN A OE1 1 
ATOM   916  N NE2 . GLN A 1 111 ? -8.785  -10.288 16.224  1.00 22.46 ? 135 GLN A NE2 1 
ATOM   917  N N   . GLU A 1 112 ? -11.343 -4.418  18.568  1.00 27.02 ? 136 GLU A N   1 
ATOM   918  C CA  . GLU A 1 112 ? -12.526 -3.793  19.146  1.00 36.52 ? 136 GLU A CA  1 
ATOM   919  C C   . GLU A 1 112 ? -12.663 -2.335  18.702  1.00 40.23 ? 136 GLU A C   1 
ATOM   920  O O   . GLU A 1 112 ? -11.916 -1.857  17.836  1.00 38.01 ? 136 GLU A O   1 
ATOM   921  C CB  . GLU A 1 112 ? -12.463 -3.884  20.674  1.00 37.14 ? 136 GLU A CB  1 
ATOM   922  C CG  . GLU A 1 112 ? -12.080 -2.585  21.361  1.00 41.34 ? 136 GLU A CG  1 
ATOM   923  C CD  . GLU A 1 112 ? -10.601 -2.242  21.228  1.00 39.12 ? 136 GLU A CD  1 
ATOM   924  O OE1 . GLU A 1 112 ? -10.203 -1.145  21.684  1.00 35.02 ? 136 GLU A OE1 1 
ATOM   925  O OE2 . GLU A 1 112 ? -9.841  -3.068  20.672  1.00 39.99 ? 136 GLU A OE2 1 
HETATM 926  C C13 . VYJ B 2 .   ? 18.049  2.855   -5.776  1.00 19.94 ? 201 VYJ A C13 1 
HETATM 927  C C15 . VYJ B 2 .   ? 17.829  0.568   -4.680  1.00 24.02 ? 201 VYJ A C15 1 
HETATM 928  C C20 . VYJ B 2 .   ? 19.022  -0.681  -1.272  1.00 29.20 ? 201 VYJ A C20 1 
HETATM 929  C C21 . VYJ B 2 .   ? 16.553  2.673   -6.120  1.00 17.88 ? 201 VYJ A C21 1 
HETATM 930  C C22 . VYJ B 2 .   ? 16.189  3.711   -7.197  1.00 17.48 ? 201 VYJ A C22 1 
HETATM 931  C C24 . VYJ B 2 .   ? 14.064  4.493   -9.344  1.00 16.31 ? 201 VYJ A C24 1 
HETATM 932  C C26 . VYJ B 2 .   ? 9.704   2.460   -9.735  1.00 10.88 ? 201 VYJ A C26 1 
HETATM 933  C C28 . VYJ B 2 .   ? 7.525   1.803   -9.184  1.00 10.29 ? 201 VYJ A C28 1 
HETATM 934  C C01 . VYJ B 2 .   ? 11.587  7.666   -7.924  1.00 23.27 ? 201 VYJ A C01 1 
HETATM 935  C C02 . VYJ B 2 .   ? 12.608  6.573   -8.289  1.00 15.94 ? 201 VYJ A C02 1 
HETATM 936  C C04 . VYJ B 2 .   ? 12.670  4.457   -9.397  1.00 14.30 ? 201 VYJ A C04 1 
HETATM 937  C C05 . VYJ B 2 .   ? 12.026  3.296   -9.834  1.00 13.50 ? 201 VYJ A C05 1 
HETATM 938  C C06 . VYJ B 2 .   ? 12.777  2.174   -10.232 1.00 13.78 ? 201 VYJ A C06 1 
HETATM 939  C C07 . VYJ B 2 .   ? 14.182  2.209   -10.174 1.00 13.45 ? 201 VYJ A C07 1 
HETATM 940  C C08 . VYJ B 2 .   ? 14.850  3.378   -9.733  1.00 13.50 ? 201 VYJ A C08 1 
HETATM 941  C C09 . VYJ B 2 .   ? 16.274  3.378   -9.633  1.00 19.57 ? 201 VYJ A C09 1 
HETATM 942  C C11 . VYJ B 2 .   ? 18.351  3.298   -8.384  1.00 21.85 ? 201 VYJ A C11 1 
HETATM 943  C C12 . VYJ B 2 .   ? 18.948  2.797   -7.040  1.00 22.86 ? 201 VYJ A C12 1 
HETATM 944  C C16 . VYJ B 2 .   ? 17.698  -0.066  -3.275  1.00 29.11 ? 201 VYJ A C16 1 
HETATM 945  C C18 . VYJ B 2 .   ? 19.123  1.611   -2.199  1.00 26.46 ? 201 VYJ A C18 1 
HETATM 946  C C19 . VYJ B 2 .   ? 19.007  2.503   -3.460  1.00 29.54 ? 201 VYJ A C19 1 
HETATM 947  C C29 . VYJ B 2 .   ? 7.765   0.489   -9.644  1.00 9.72  ? 201 VYJ A C29 1 
HETATM 948  C C31 . VYJ B 2 .   ? 6.410   -1.274  -10.611 1.00 11.46 ? 201 VYJ A C31 1 
HETATM 949  C C32 . VYJ B 2 .   ? 7.205   -1.445  -11.795 1.00 13.69 ? 201 VYJ A C32 1 
HETATM 950  C C33 . VYJ B 2 .   ? 8.645   -1.314  -11.813 1.00 11.83 ? 201 VYJ A C33 1 
HETATM 951  C C35 . VYJ B 2 .   ? 9.055   0.208   -10.165 1.00 10.12 ? 201 VYJ A C35 1 
HETATM 952  C C37 . VYJ B 2 .   ? 10.794  -1.456  -10.549 1.00 11.48 ? 201 VYJ A C37 1 
HETATM 953  C C38 . VYJ B 2 .   ? 11.033  -2.962  -10.863 1.00 13.39 ? 201 VYJ A C38 1 
HETATM 954  C C39 . VYJ B 2 .   ? 11.911  -3.550  -9.740  1.00 14.32 ? 201 VYJ A C39 1 
HETATM 955  C C40 . VYJ B 2 .   ? 12.582  -2.316  -9.117  1.00 13.77 ? 201 VYJ A C40 1 
HETATM 956  C C41 . VYJ B 2 .   ? 11.432  -1.303  -9.145  1.00 12.10 ? 201 VYJ A C41 1 
HETATM 957  C C42 . VYJ B 2 .   ? 9.309   -1.491  -13.067 1.00 14.26 ? 201 VYJ A C42 1 
HETATM 958  C C43 . VYJ B 2 .   ? 8.597   -1.791  -14.236 1.00 13.91 ? 201 VYJ A C43 1 
HETATM 959  C C44 . VYJ B 2 .   ? 7.205   -1.913  -14.213 1.00 15.00 ? 201 VYJ A C44 1 
HETATM 960  C C45 . VYJ B 2 .   ? 6.517   -1.739  -13.003 1.00 14.02 ? 201 VYJ A C45 1 
HETATM 961  C C47 . VYJ B 2 .   ? 5.886   -0.461  -8.381  1.00 9.79  ? 201 VYJ A C47 1 
HETATM 962  N N10 . VYJ B 2 .   ? 16.945  3.673   -8.441  1.00 20.26 ? 201 VYJ A N10 1 
HETATM 963  N N14 . VYJ B 2 .   ? 18.539  1.894   -4.739  1.00 26.57 ? 201 VYJ A N14 1 
HETATM 964  N N17 . VYJ B 2 .   ? 18.942  0.164   -2.493  1.00 33.30 ? 201 VYJ A N17 1 
HETATM 965  N N25 . VYJ B 2 .   ? 10.672  3.405   -9.811  1.00 14.02 ? 201 VYJ A N25 1 
HETATM 966  N N27 . VYJ B 2 .   ? 8.491   2.740   -9.231  1.00 12.03 ? 201 VYJ A N27 1 
HETATM 967  N N30 . VYJ B 2 .   ? 6.753   -0.458  -9.553  1.00 10.04 ? 201 VYJ A N30 1 
HETATM 968  N N34 . VYJ B 2 .   ? 9.402   -1.012  -10.677 1.00 10.77 ? 201 VYJ A N34 1 
HETATM 969  N N36 . VYJ B 2 .   ? 9.981   1.210   -10.193 1.00 11.06 ? 201 VYJ A N36 1 
HETATM 970  O O03 . VYJ B 2 .   ? 11.911  5.535   -9.017  1.00 13.91 ? 201 VYJ A O03 1 
HETATM 971  O O23 . VYJ B 2 .   ? 16.924  3.038   -10.649 1.00 23.02 ? 201 VYJ A O23 1 
HETATM 972  O O46 . VYJ B 2 .   ? 5.313   -1.891  -10.545 1.00 11.05 ? 201 VYJ A O46 1 
HETATM 973  C C13 . VYJ C 2 .   ? -4.581  -13.405 16.969  1.00 15.06 ? 202 VYJ A C13 1 
HETATM 974  C C15 . VYJ C 2 .   ? -3.817  -14.116 19.278  1.00 18.02 ? 202 VYJ A C15 1 
HETATM 975  C C20 . VYJ C 2 .   ? -0.933  -15.935 20.337  1.00 31.83 ? 202 VYJ A C20 1 
HETATM 976  C C21 . VYJ C 2 .   ? -4.130  -12.701 15.660  1.00 16.53 ? 202 VYJ A C21 1 
HETATM 977  C C22 . VYJ C 2 .   ? -5.366  -12.375 14.797  1.00 15.91 ? 202 VYJ A C22 1 
HETATM 978  C C24 . VYJ C 2 .   ? -4.631  -14.107 11.311  1.00 18.27 ? 202 VYJ A C24 1 
HETATM 979  C C26 . VYJ C 2 .   ? -5.115  -11.234 7.389   1.00 13.29 ? 202 VYJ A C26 1 
HETATM 980  C C28 . VYJ C 2 .   ? -4.973  -10.122 5.333   1.00 13.70 ? 202 VYJ A C28 1 
HETATM 981  C C01 . VYJ C 2 .   ? -0.818  -13.957 9.112   1.00 29.11 ? 202 VYJ A C01 1 
HETATM 982  C C02 . VYJ C 2 .   ? -1.989  -14.165 10.091  1.00 28.02 ? 202 VYJ A C02 1 
HETATM 983  C C04 . VYJ C 2 .   ? -4.284  -13.549 10.073  1.00 17.08 ? 202 VYJ A C04 1 
HETATM 984  C C05 . VYJ C 2 .   ? -5.052  -12.493 9.537   1.00 14.27 ? 202 VYJ A C05 1 
HETATM 985  C C06 . VYJ C 2 .   ? -6.140  -11.984 10.270  1.00 13.58 ? 202 VYJ A C06 1 
HETATM 986  C C07 . VYJ C 2 .   ? -6.476  -12.530 11.501  1.00 17.25 ? 202 VYJ A C07 1 
HETATM 987  C C08 . VYJ C 2 .   ? -5.718  -13.597 12.041  1.00 15.61 ? 202 VYJ A C08 1 
HETATM 988  C C09 . VYJ C 2 .   ? -6.141  -14.132 13.290  1.00 18.43 ? 202 VYJ A C09 1 
HETATM 989  C C11 . VYJ C 2 .   ? -6.556  -14.384 15.666  1.00 20.92 ? 202 VYJ A C11 1 
HETATM 990  C C12 . VYJ C 2 .   ? -5.400  -14.681 16.647  1.00 17.62 ? 202 VYJ A C12 1 
HETATM 991  C C16 . VYJ C 2 .   ? -2.581  -13.979 20.192  1.00 19.06 ? 202 VYJ A C16 1 
HETATM 992  C C18 . VYJ C 2 .   ? -1.094  -14.549 18.182  1.00 24.58 ? 202 VYJ A C18 1 
HETATM 993  C C19 . VYJ C 2 .   ? -2.386  -14.678 17.337  1.00 19.00 ? 202 VYJ A C19 1 
HETATM 994  C C29 . VYJ C 2 .   ? -6.147  -9.390  5.605   1.00 10.77 ? 202 VYJ A C29 1 
HETATM 995  C C31 . VYJ C 2 .   ? -7.867  -8.149  4.397   1.00 11.17 ? 202 VYJ A C31 1 
HETATM 996  C C32 . VYJ C 2 .   ? -8.975  -8.841  4.954   1.00 10.85 ? 202 VYJ A C32 1 
HETATM 997  C C33 . VYJ C 2 .   ? -9.011  -9.276  6.314   1.00 11.20 ? 202 VYJ A C33 1 
HETATM 998  C C35 . VYJ C 2 .   ? -6.797  -9.635  6.842   1.00 11.34 ? 202 VYJ A C35 1 
HETATM 999  C C37 . VYJ C 2 .   ? -8.240  -8.763  8.629   1.00 11.17 ? 202 VYJ A C37 1 
HETATM 1000 C C38 . VYJ C 2 .   ? -9.442  -7.819  8.913   1.00 12.51 ? 202 VYJ A C38 1 
HETATM 1001 C C39 . VYJ C 2 .   ? -9.032  -6.824  10.013  1.00 20.25 ? 202 VYJ A C39 1 
HETATM 1002 C C40 . VYJ C 2 .   ? -7.495  -6.846  10.050  1.00 18.39 ? 202 VYJ A C40 1 
HETATM 1003 C C41 . VYJ C 2 .   ? -7.050  -8.190  9.452   1.00 10.16 ? 202 VYJ A C41 1 
HETATM 1004 C C42 . VYJ C 2 .   ? -10.170 -9.978  6.751   1.00 9.94  ? 202 VYJ A C42 1 
HETATM 1005 C C43 . VYJ C 2 .   ? -11.234 -10.241 5.875   1.00 9.43  ? 202 VYJ A C43 1 
HETATM 1006 C C44 . VYJ C 2 .   ? -11.179 -9.811  4.542   1.00 10.28 ? 202 VYJ A C44 1 
HETATM 1007 C C45 . VYJ C 2 .   ? -10.056 -9.123  4.092   1.00 10.91 ? 202 VYJ A C45 1 
HETATM 1008 C C47 . VYJ C 2 .   ? -5.548  -7.660  3.996   1.00 10.53 ? 202 VYJ A C47 1 
HETATM 1009 N N10 . VYJ C 2 .   ? -6.193  -13.536 14.539  1.00 17.42 ? 202 VYJ A N10 1 
HETATM 1010 N N14 . VYJ C 2 .   ? -3.454  -13.776 17.867  1.00 16.88 ? 202 VYJ A N14 1 
HETATM 1011 N N17 . VYJ C 2 .   ? -1.399  -14.707 19.639  1.00 26.45 ? 202 VYJ A N17 1 
HETATM 1012 N N25 . VYJ C 2 .   ? -4.628  -12.094 8.314   1.00 15.93 ? 202 VYJ A N25 1 
HETATM 1013 N N27 . VYJ C 2 .   ? -4.497  -11.013 6.215   1.00 13.98 ? 202 VYJ A N27 1 
HETATM 1014 N N30 . VYJ C 2 .   ? -6.566  -8.468  4.672   1.00 11.27 ? 202 VYJ A N30 1 
HETATM 1015 N N34 . VYJ C 2 .   ? -7.963  -9.020  7.205   1.00 10.00 ? 202 VYJ A N34 1 
HETATM 1016 N N36 . VYJ C 2 .   ? -6.256  -10.555 7.682   1.00 12.23 ? 202 VYJ A N36 1 
HETATM 1017 O O03 . VYJ C 2 .   ? -3.234  -14.058 9.358   1.00 21.21 ? 202 VYJ A O03 1 
HETATM 1018 O O23 . VYJ C 2 .   ? -6.563  -15.318 13.136  1.00 22.40 ? 202 VYJ A O23 1 
HETATM 1019 O O46 . VYJ C 2 .   ? -8.089  -7.214  3.579   1.00 11.21 ? 202 VYJ A O46 1 
HETATM 1020 O O   . HOH D 3 .   ? -16.244 4.783   5.466   1.00 33.01 ? 301 HOH A O   1 
HETATM 1021 O O   . HOH D 3 .   ? 15.589  -5.930  -9.471  1.00 26.41 ? 302 HOH A O   1 
HETATM 1022 O O   . HOH D 3 .   ? 7.880   -14.114 -3.560  1.00 30.15 ? 303 HOH A O   1 
HETATM 1023 O O   . HOH D 3 .   ? 8.237   10.852  -10.757 1.00 32.70 ? 304 HOH A O   1 
HETATM 1024 O O   . HOH D 3 .   ? 6.115   10.960  -15.071 1.00 31.69 ? 305 HOH A O   1 
HETATM 1025 O O   . HOH D 3 .   ? 0.432   15.233  4.511   1.00 20.97 ? 306 HOH A O   1 
HETATM 1026 O O   . HOH D 3 .   ? -11.842 -1.545  -3.877  1.00 21.63 ? 307 HOH A O   1 
HETATM 1027 O O   . HOH D 3 .   ? -7.725  -6.750  13.868  1.00 26.03 ? 308 HOH A O   1 
HETATM 1028 O O   . HOH D 3 .   ? 16.682  -5.672  0.085   1.00 27.47 ? 309 HOH A O   1 
HETATM 1029 O O   . HOH D 3 .   ? -9.889  -5.465  3.047   1.00 28.57 ? 310 HOH A O   1 
HETATM 1030 O O   . HOH D 3 .   ? -4.607  16.073  10.416  1.00 25.64 ? 311 HOH A O   1 
HETATM 1031 O O   . HOH D 3 .   ? 6.124   -3.277  14.522  1.00 21.00 ? 312 HOH A O   1 
HETATM 1032 O O   . HOH D 3 .   ? 10.493  7.959   -0.697  1.00 19.64 ? 313 HOH A O   1 
HETATM 1033 O O   . HOH D 3 .   ? -2.011  -4.280  18.524  1.00 25.82 ? 314 HOH A O   1 
HETATM 1034 O O   . HOH D 3 .   ? 16.364  1.844   -12.939 1.00 27.63 ? 315 HOH A O   1 
HETATM 1035 O O   . HOH D 3 .   ? -11.891 11.805  8.926   1.00 28.39 ? 316 HOH A O   1 
HETATM 1036 O O   . HOH D 3 .   ? 2.211   -3.904  -20.458 1.00 23.08 ? 317 HOH A O   1 
HETATM 1037 O O   . HOH D 3 .   ? 5.659   9.476   -9.732  1.00 23.14 ? 318 HOH A O   1 
HETATM 1038 O O   . HOH D 3 .   ? 9.871   -12.570 -2.529  1.00 26.71 ? 319 HOH A O   1 
HETATM 1039 O O   . HOH D 3 .   ? 4.834   -8.025  14.923  1.00 31.94 ? 320 HOH A O   1 
HETATM 1040 O O   . HOH D 3 .   ? -4.185  7.648   11.454  1.00 17.23 ? 321 HOH A O   1 
HETATM 1041 O O   . HOH D 3 .   ? 8.136   5.294   -10.536 1.00 20.49 ? 322 HOH A O   1 
HETATM 1042 O O   . HOH D 3 .   ? -13.133 -1.840  1.610   1.00 24.67 ? 323 HOH A O   1 
HETATM 1043 O O   . HOH D 3 .   ? -0.327  5.958   -7.088  1.00 13.51 ? 324 HOH A O   1 
HETATM 1044 O O   . HOH D 3 .   ? -12.476 0.999   11.520  1.00 17.45 ? 325 HOH A O   1 
HETATM 1045 O O   . HOH D 3 .   ? -5.099  7.122   -7.349  1.00 26.00 ? 326 HOH A O   1 
HETATM 1046 O O   . HOH D 3 .   ? 8.415   -12.442 -15.381 1.00 18.00 ? 327 HOH A O   1 
HETATM 1047 O O   . HOH D 3 .   ? -11.206 9.450   10.627  1.00 26.21 ? 328 HOH A O   1 
HETATM 1048 O O   . HOH D 3 .   ? -18.335 -1.452  8.335   1.00 34.87 ? 329 HOH A O   1 
HETATM 1049 O O   . HOH D 3 .   ? -6.371  -0.377  -10.278 1.00 16.57 ? 330 HOH A O   1 
HETATM 1050 O O   . HOH D 3 .   ? -0.564  -12.417 14.347  1.00 26.04 ? 331 HOH A O   1 
HETATM 1051 O O   . HOH D 3 .   ? 9.997   -3.395  8.682   1.00 17.05 ? 332 HOH A O   1 
HETATM 1052 O O   . HOH D 3 .   ? 6.379   -7.448  -16.855 1.00 21.46 ? 333 HOH A O   1 
HETATM 1053 O O   . HOH D 3 .   ? -12.727 -9.757  15.600  1.00 28.85 ? 334 HOH A O   1 
HETATM 1054 O O   . HOH D 3 .   ? 1.935   -12.947 6.619   1.00 26.29 ? 335 HOH A O   1 
HETATM 1055 O O   . HOH D 3 .   ? 2.616   1.447   -6.272  1.00 13.73 ? 336 HOH A O   1 
HETATM 1056 O O   . HOH D 3 .   ? 15.852  -2.675  -2.398  1.00 23.40 ? 337 HOH A O   1 
HETATM 1057 O O   . HOH D 3 .   ? -6.691  -8.686  14.420  1.00 24.91 ? 338 HOH A O   1 
HETATM 1058 O O   . HOH D 3 .   ? -8.284  1.409   -3.321  1.00 12.70 ? 339 HOH A O   1 
HETATM 1059 O O   . HOH D 3 .   ? -16.364 2.768   4.087   1.00 27.81 ? 340 HOH A O   1 
HETATM 1060 O O   . HOH D 3 .   ? 4.881   2.883   -7.091  1.00 11.03 ? 341 HOH A O   1 
HETATM 1061 O O   . HOH D 3 .   ? 10.763  5.267   -5.306  1.00 24.58 ? 342 HOH A O   1 
HETATM 1062 O O   . HOH D 3 .   ? 8.274   -10.721 4.246   1.00 21.30 ? 343 HOH A O   1 
HETATM 1063 O O   . HOH D 3 .   ? -9.829  3.503   -0.076  1.00 11.65 ? 344 HOH A O   1 
HETATM 1064 O O   . HOH D 3 .   ? -7.254  -2.786  -17.187 1.00 28.09 ? 345 HOH A O   1 
HETATM 1065 O O   . HOH D 3 .   ? 8.096   -5.640  -13.826 1.00 18.06 ? 346 HOH A O   1 
HETATM 1066 O O   . HOH D 3 .   ? 10.806  -9.669  4.206   1.00 27.24 ? 347 HOH A O   1 
HETATM 1067 O O   . HOH D 3 .   ? -6.298  -3.190  -8.193  1.00 24.97 ? 348 HOH A O   1 
HETATM 1068 O O   . HOH D 3 .   ? 14.806  0.203   8.019   1.00 29.12 ? 349 HOH A O   1 
HETATM 1069 O O   . HOH D 3 .   ? 12.230  -7.966  -13.508 1.00 25.85 ? 350 HOH A O   1 
HETATM 1070 O O   . HOH D 3 .   ? 0.683   9.141   7.602   1.00 23.47 ? 351 HOH A O   1 
HETATM 1071 O O   . HOH D 3 .   ? 4.132   6.443   10.815  1.00 15.89 ? 352 HOH A O   1 
HETATM 1072 O O   . HOH D 3 .   ? -0.231  1.523   -8.544  1.00 12.92 ? 353 HOH A O   1 
HETATM 1073 O O   . HOH D 3 .   ? -2.907  -7.780  1.185   1.00 23.58 ? 354 HOH A O   1 
HETATM 1074 O O   . HOH D 3 .   ? 2.548   -1.489  -9.825  1.00 12.51 ? 355 HOH A O   1 
HETATM 1075 O O   . HOH D 3 .   ? -7.371  7.194   -6.055  1.00 21.36 ? 356 HOH A O   1 
HETATM 1076 O O   . HOH D 3 .   ? 0.711   -5.370  -18.459 1.00 19.39 ? 357 HOH A O   1 
HETATM 1077 O O   . HOH D 3 .   ? -5.967  9.096   9.809   1.00 15.22 ? 358 HOH A O   1 
HETATM 1078 O O   . HOH D 3 .   ? 8.061   7.087   -8.642  1.00 23.77 ? 359 HOH A O   1 
HETATM 1079 O O   . HOH D 3 .   ? -1.805  -6.378  -17.508 1.00 23.85 ? 360 HOH A O   1 
HETATM 1080 O O   . HOH D 3 .   ? -5.277  5.507   -14.036 1.00 23.58 ? 361 HOH A O   1 
HETATM 1081 O O   . HOH D 3 .   ? -9.488  6.697   19.559  1.00 21.02 ? 362 HOH A O   1 
HETATM 1082 O O   . HOH D 3 .   ? 2.123   -5.204  15.873  1.00 23.49 ? 363 HOH A O   1 
HETATM 1083 O O   . HOH D 3 .   ? -0.932  -2.532  -23.283 1.00 24.38 ? 364 HOH A O   1 
HETATM 1084 O O   . HOH D 3 .   ? -2.465  9.409   -5.724  1.00 24.31 ? 365 HOH A O   1 
HETATM 1085 O O   . HOH D 3 .   ? 13.120  1.743   3.192   1.00 25.31 ? 366 HOH A O   1 
HETATM 1086 O O   . HOH D 3 .   ? -17.759 7.726   14.043  1.00 30.72 ? 367 HOH A O   1 
HETATM 1087 O O   . HOH D 3 .   ? 0.725   10.762  -3.396  1.00 23.81 ? 368 HOH A O   1 
HETATM 1088 O O   . HOH D 3 .   ? -9.676  -12.897 15.523  1.00 28.96 ? 369 HOH A O   1 
HETATM 1089 O O   . HOH D 3 .   ? 5.872   0.159   16.054  1.00 24.16 ? 370 HOH A O   1 
HETATM 1090 O O   . HOH D 3 .   ? 9.415   -3.649  12.766  1.00 27.74 ? 371 HOH A O   1 
HETATM 1091 O O   . HOH D 3 .   ? 13.574  6.444   -18.871 1.00 33.34 ? 372 HOH A O   1 
HETATM 1092 O O   . HOH D 3 .   ? -15.257 3.673   15.700  1.00 24.45 ? 373 HOH A O   1 
HETATM 1093 O O   . HOH D 3 .   ? -9.755  -0.098  18.619  1.00 29.75 ? 374 HOH A O   1 
HETATM 1094 O O   . HOH D 3 .   ? 3.104   11.497  -3.599  1.00 21.68 ? 375 HOH A O   1 
HETATM 1095 O O   . HOH D 3 .   ? -9.391  -5.213  -0.701  1.00 14.69 ? 376 HOH A O   1 
HETATM 1096 O O   . HOH D 3 .   ? -14.496 0.585   3.357   1.00 26.15 ? 377 HOH A O   1 
HETATM 1097 O O   . HOH D 3 .   ? 8.159   9.235   -0.711  1.00 16.74 ? 378 HOH A O   1 
HETATM 1098 O O   . HOH D 3 .   ? -7.985  8.862   7.987   1.00 13.95 ? 379 HOH A O   1 
HETATM 1099 O O   . HOH D 3 .   ? 1.680   -0.852  -7.277  1.00 13.73 ? 380 HOH A O   1 
HETATM 1100 O O   . HOH D 3 .   ? 5.147   6.673   -20.450 1.00 26.35 ? 381 HOH A O   1 
HETATM 1101 O O   . HOH D 3 .   ? 2.590   -12.566 -0.295  1.00 26.30 ? 382 HOH A O   1 
HETATM 1102 O O   . HOH D 3 .   ? -6.089  8.033   13.890  1.00 24.40 ? 383 HOH A O   1 
HETATM 1103 O O   . HOH D 3 .   ? 14.016  -2.182  10.485  1.00 30.81 ? 384 HOH A O   1 
HETATM 1104 O O   . HOH D 3 .   ? -3.882  -7.297  -2.700  1.00 17.30 ? 385 HOH A O   1 
HETATM 1105 O O   . HOH D 3 .   ? -11.019 -3.482  3.617   1.00 24.63 ? 386 HOH A O   1 
HETATM 1106 O O   . HOH D 3 .   ? 14.024  -4.697  5.538   1.00 21.91 ? 387 HOH A O   1 
HETATM 1107 O O   . HOH D 3 .   ? 4.931   2.810   16.218  1.00 23.58 ? 388 HOH A O   1 
HETATM 1108 O O   . HOH D 3 .   ? 10.232  -6.006  -12.017 1.00 14.60 ? 389 HOH A O   1 
HETATM 1109 O O   . HOH D 3 .   ? -3.447  2.427   17.840  1.00 20.88 ? 390 HOH A O   1 
HETATM 1110 O O   . HOH D 3 .   ? 5.475   5.541   12.964  1.00 19.52 ? 391 HOH A O   1 
HETATM 1111 O O   . HOH D 3 .   ? 8.826   5.031   -7.416  1.00 20.15 ? 392 HOH A O   1 
HETATM 1112 O O   . HOH D 3 .   ? 3.706   8.917   -14.412 1.00 25.97 ? 393 HOH A O   1 
HETATM 1113 O O   . HOH D 3 .   ? -15.352 3.914   1.493   1.00 21.29 ? 394 HOH A O   1 
HETATM 1114 O O   . HOH D 3 .   ? 1.127   4.320   -8.709  1.00 16.32 ? 395 HOH A O   1 
HETATM 1115 O O   . HOH D 3 .   ? 4.309   -6.580  -17.744 1.00 25.65 ? 396 HOH A O   1 
HETATM 1116 O O   . HOH D 3 .   ? 1.009   5.294   -18.393 1.00 21.55 ? 397 HOH A O   1 
HETATM 1117 O O   . HOH D 3 .   ? -13.001 -0.850  9.377   1.00 17.20 ? 398 HOH A O   1 
HETATM 1118 O O   . HOH D 3 .   ? -11.933 14.245  6.014   1.00 25.57 ? 399 HOH A O   1 
HETATM 1119 O O   . HOH D 3 .   ? 6.105   -4.714  -16.570 1.00 26.43 ? 400 HOH A O   1 
HETATM 1120 O O   . HOH D 3 .   ? -8.797  14.871  3.428   1.00 15.52 ? 401 HOH A O   1 
HETATM 1121 O O   . HOH D 3 .   ? -6.934  -1.721  -12.721 1.00 18.40 ? 402 HOH A O   1 
HETATM 1122 O O   . HOH D 3 .   ? -18.347 9.670   15.946  1.00 31.98 ? 403 HOH A O   1 
HETATM 1123 O O   . HOH D 3 .   ? 13.093  0.473   0.712   1.00 19.08 ? 404 HOH A O   1 
HETATM 1124 O O   . HOH D 3 .   ? -6.245  -8.783  -5.623  1.00 22.01 ? 405 HOH A O   1 
HETATM 1125 O O   . HOH D 3 .   ? -9.575  9.641   12.806  1.00 28.36 ? 406 HOH A O   1 
HETATM 1126 O O   . HOH D 3 .   ? -15.962 3.321   18.749  1.00 24.62 ? 407 HOH A O   1 
HETATM 1127 O O   . HOH D 3 .   ? 14.777  7.163   -22.851 1.00 33.37 ? 408 HOH A O   1 
HETATM 1128 O O   . HOH D 3 .   ? -1.095  12.431  11.435  1.00 29.33 ? 409 HOH A O   1 
HETATM 1129 O O   . HOH D 3 .   ? 12.798  6.436   3.701   1.00 24.05 ? 410 HOH A O   1 
HETATM 1130 O O   . HOH D 3 .   ? -11.915 7.109   2.643   1.00 24.08 ? 411 HOH A O   1 
HETATM 1131 O O   . HOH D 3 .   ? -10.132 16.348  6.515   1.00 25.78 ? 412 HOH A O   1 
HETATM 1132 O O   . HOH D 3 .   ? 3.342   9.182   11.077  1.00 29.85 ? 413 HOH A O   1 
HETATM 1133 O O   . HOH D 3 .   ? 0.132   9.145   -10.284 1.00 29.28 ? 414 HOH A O   1 
HETATM 1134 O O   . HOH D 3 .   ? 13.495  4.157   1.991   1.00 27.28 ? 415 HOH A O   1 
HETATM 1135 O O   . HOH D 3 .   ? 5.283   11.465  8.567   1.00 31.68 ? 416 HOH A O   1 
HETATM 1136 O O   . HOH D 3 .   ? 10.489  10.858  -15.362 1.00 28.55 ? 417 HOH A O   1 
HETATM 1137 O O   . HOH D 3 .   ? -3.425  11.165  -1.026  1.00 28.36 ? 418 HOH A O   1 
HETATM 1138 O O   . HOH D 3 .   ? -5.508  -0.927  21.150  1.00 32.50 ? 419 HOH A O   1 
HETATM 1139 O O   . HOH D 3 .   ? 8.181   -2.496  15.350  1.00 32.46 ? 420 HOH A O   1 
HETATM 1140 O O   . HOH D 3 .   ? -3.668  0.368   20.019  1.00 38.19 ? 421 HOH A O   1 
HETATM 1141 O O   . HOH D 3 .   ? 15.759  0.640   0.359   1.00 30.34 ? 422 HOH A O   1 
HETATM 1142 O O   . HOH D 3 .   ? 4.962   -4.394  -19.287 1.00 27.35 ? 423 HOH A O   1 
HETATM 1143 O O   . HOH D 3 .   ? 14.633  -7.194  4.479   1.00 31.36 ? 424 HOH A O   1 
HETATM 1144 O O   . HOH D 3 .   ? 7.961   -13.510 0.363   1.00 27.57 ? 425 HOH A O   1 
HETATM 1145 O O   . HOH D 3 .   ? 4.337   10.310  -11.687 1.00 30.41 ? 426 HOH A O   1 
HETATM 1146 O O   . HOH D 3 .   ? -5.090  12.776  0.945   1.00 20.18 ? 427 HOH A O   1 
HETATM 1147 O O   . HOH D 3 .   ? -7.496  -4.291  23.149  1.00 31.00 ? 428 HOH A O   1 
HETATM 1148 O O   . HOH D 3 .   ? -6.916  6.906   18.810  1.00 25.32 ? 429 HOH A O   1 
HETATM 1149 O O   . HOH D 3 .   ? -11.140 -3.162  9.278   1.00 26.16 ? 430 HOH A O   1 
HETATM 1150 O O   . HOH D 3 .   ? -3.865  14.820  -0.147  1.00 20.62 ? 431 HOH A O   1 
HETATM 1151 O O   . HOH D 3 .   ? -0.724  2.228   17.170  1.00 21.43 ? 432 HOH A O   1 
HETATM 1152 O O   . HOH D 3 .   ? 8.592   -5.008  10.567  1.00 20.46 ? 433 HOH A O   1 
HETATM 1153 O O   . HOH D 3 .   ? 7.896   15.413  -6.904  1.00 27.34 ? 434 HOH A O   1 
HETATM 1154 O O   . HOH D 3 .   ? 12.419  10.235  -16.769 1.00 29.76 ? 435 HOH A O   1 
HETATM 1155 O O   . HOH D 3 .   ? -11.305 -9.190  13.446  1.00 26.62 ? 436 HOH A O   1 
HETATM 1156 O O   . HOH D 3 .   ? -3.357  -9.073  -4.804  1.00 24.76 ? 437 HOH A O   1 
HETATM 1157 O O   . HOH D 3 .   ? 10.137  7.942   -22.699 1.00 29.01 ? 438 HOH A O   1 
HETATM 1158 O O   . HOH D 3 .   ? -12.990 0.840   1.123   1.00 24.86 ? 439 HOH A O   1 
HETATM 1159 O O   . HOH D 3 .   ? 4.419   -3.885  16.391  1.00 29.06 ? 440 HOH A O   1 
HETATM 1160 O O   . HOH D 3 .   ? -5.979  7.512   -12.311 1.00 32.13 ? 441 HOH A O   1 
HETATM 1161 O O   . HOH D 3 .   ? 8.458   9.791   -8.719  1.00 29.45 ? 442 HOH A O   1 
HETATM 1162 O O   . HOH D 3 .   ? 12.275  -4.624  7.832   1.00 25.34 ? 443 HOH A O   1 
HETATM 1163 O O   . HOH D 3 .   ? 4.558   12.308  -5.727  1.00 27.27 ? 444 HOH A O   1 
HETATM 1164 O O   . HOH D 3 .   ? 7.435   13.555  -10.891 1.00 29.95 ? 445 HOH A O   1 
HETATM 1165 O O   . HOH D 3 .   ? -13.515 -12.519 16.035  1.00 30.16 ? 446 HOH A O   1 
HETATM 1166 O O   . HOH D 3 .   ? -1.479  8.356   -7.996  1.00 22.51 ? 447 HOH A O   1 
HETATM 1167 O O   . HOH D 3 .   ? -9.878  12.137  13.552  1.00 32.10 ? 448 HOH A O   1 
HETATM 1168 O O   . HOH D 3 .   ? 13.780  5.739   -5.049  1.00 32.43 ? 449 HOH A O   1 
HETATM 1169 O O   . HOH D 3 .   ? 22.331  -2.277  -1.054  1.00 33.86 ? 450 HOH A O   1 
HETATM 1170 O O   . HOH D 3 .   ? 3.073   -5.653  -22.226 1.00 30.41 ? 451 HOH A O   1 
HETATM 1171 O O   . HOH D 3 .   ? 5.498   11.464  -7.626  1.00 29.30 ? 452 HOH A O   1 
HETATM 1172 O O   . HOH D 3 .   ? 9.106   -13.030 2.590   1.00 27.86 ? 453 HOH A O   1 
HETATM 1173 O O   . HOH D 3 .   ? 9.373   -7.545  10.397  1.00 34.66 ? 454 HOH A O   1 
HETATM 1174 O O   . HOH D 3 .   ? -14.426 11.053  9.101   1.00 29.17 ? 455 HOH A O   1 
HETATM 1175 O O   . HOH D 3 .   ? -14.861 -0.878  21.279  1.00 34.41 ? 456 HOH A O   1 
HETATM 1176 O O   . HOH D 3 .   ? -12.034 2.356   -1.310  1.00 15.11 ? 457 HOH A O   1 
HETATM 1177 O O   . HOH D 3 .   ? -7.343  9.547   12.398  1.00 29.30 ? 458 HOH A O   1 
HETATM 1178 O O   . HOH D 3 .   ? 1.656   11.167  -10.180 1.00 30.38 ? 459 HOH A O   1 
HETATM 1179 O O   . HOH D 3 .   ? 0.653   3.874   18.288  1.00 29.58 ? 460 HOH A O   1 
HETATM 1180 O O   . HOH D 3 .   ? 4.773   -1.356  17.563  1.00 28.67 ? 461 HOH A O   1 
HETATM 1181 O O   . HOH D 3 .   ? 0.922   -14.978 4.652   1.00 37.77 ? 462 HOH A O   1 
HETATM 1182 O O   . HOH D 3 .   ? -0.030  -0.099  18.988  1.00 27.49 ? 463 HOH A O   1 
# 
loop_
_pdbx_poly_seq_scheme.asym_id 
_pdbx_poly_seq_scheme.entity_id 
_pdbx_poly_seq_scheme.seq_id 
_pdbx_poly_seq_scheme.mon_id 
_pdbx_poly_seq_scheme.ndb_seq_num 
_pdbx_poly_seq_scheme.pdb_seq_num 
_pdbx_poly_seq_scheme.auth_seq_num 
_pdbx_poly_seq_scheme.pdb_mon_id 
_pdbx_poly_seq_scheme.auth_mon_id 
_pdbx_poly_seq_scheme.pdb_strand_id 
_pdbx_poly_seq_scheme.pdb_ins_code 
_pdbx_poly_seq_scheme.hetero 
A 1 1   GLY 1   25  25  GLY GLY A . n 
A 1 2   ALA 2   26  26  ALA ALA A . n 
A 1 3   ALA 3   27  27  ALA ALA A . n 
A 1 4   SER 4   28  28  SER SER A . n 
A 1 5   THR 5   29  29  THR THR A . n 
A 1 6   ASN 6   30  30  ASN ASN A . n 
A 1 7   GLN 7   31  31  GLN GLN A . n 
A 1 8   LEU 8   32  32  LEU LEU A . n 
A 1 9   GLN 9   33  33  GLN GLN A . n 
A 1 10  TYR 10  34  34  TYR TYR A . n 
A 1 11  LEU 11  35  35  LEU LEU A . n 
A 1 12  GLN 12  36  36  GLN GLN A . n 
A 1 13  LYS 13  37  37  LYS LYS A . n 
A 1 14  VAL 14  38  38  VAL VAL A . n 
A 1 15  VAL 15  39  39  VAL VAL A . n 
A 1 16  LEU 16  40  40  LEU LEU A . n 
A 1 17  LYS 17  41  41  LYS LYS A . n 
A 1 18  ASP 18  42  42  ASP ASP A . n 
A 1 19  LEU 19  43  43  LEU LEU A . n 
A 1 20  TRP 20  44  44  TRP TRP A . n 
A 1 21  LYS 21  45  45  LYS LYS A . n 
A 1 22  HIS 22  46  46  HIS HIS A . n 
A 1 23  SER 23  47  47  SER SER A . n 
A 1 24  PHE 24  48  48  PHE PHE A . n 
A 1 25  SER 25  49  49  SER SER A . n 
A 1 26  TRP 26  50  50  TRP TRP A . n 
A 1 27  PRO 27  51  51  PRO PRO A . n 
A 1 28  PHE 28  52  52  PHE PHE A . n 
A 1 29  GLN 29  53  53  GLN GLN A . n 
A 1 30  ARG 30  54  54  ARG ARG A . n 
A 1 31  PRO 31  55  55  PRO PRO A . n 
A 1 32  VAL 32  56  56  VAL VAL A . n 
A 1 33  ASP 33  57  57  ASP ASP A . n 
A 1 34  ALA 34  58  58  ALA ALA A . n 
A 1 35  VAL 35  59  59  VAL VAL A . n 
A 1 36  LYS 36  60  60  LYS LYS A . n 
A 1 37  LEU 37  61  61  LEU LEU A . n 
A 1 38  GLN 38  62  62  GLN GLN A . n 
A 1 39  LEU 39  63  63  LEU LEU A . n 
A 1 40  PRO 40  64  64  PRO PRO A . n 
A 1 41  ASP 41  65  65  ASP ASP A . n 
A 1 42  TYR 42  66  66  TYR TYR A . n 
A 1 43  TYR 43  67  67  TYR TYR A . n 
A 1 44  THR 44  68  68  THR THR A . n 
A 1 45  ILE 45  69  69  ILE ILE A . n 
A 1 46  ILE 46  70  70  ILE ILE A . n 
A 1 47  LYS 47  71  71  LYS LYS A . n 
A 1 48  ASN 48  72  72  ASN ASN A . n 
A 1 49  PRO 49  73  73  PRO PRO A . n 
A 1 50  MET 50  74  74  MET MET A . n 
A 1 51  ASP 51  75  75  ASP ASP A . n 
A 1 52  LEU 52  76  76  LEU LEU A . n 
A 1 53  ASN 53  77  77  ASN ASN A . n 
A 1 54  THR 54  78  78  THR THR A . n 
A 1 55  ILE 55  79  79  ILE ILE A . n 
A 1 56  LYS 56  80  80  LYS LYS A . n 
A 1 57  LYS 57  81  81  LYS LYS A . n 
A 1 58  ARG 58  82  82  ARG ARG A . n 
A 1 59  LEU 59  83  83  LEU LEU A . n 
A 1 60  GLU 60  84  84  GLU GLU A . n 
A 1 61  ASN 61  85  85  ASN ASN A . n 
A 1 62  LYS 62  86  86  LYS LYS A . n 
A 1 63  TYR 63  87  87  TYR TYR A . n 
A 1 64  TYR 64  88  88  TYR TYR A . n 
A 1 65  ALA 65  89  89  ALA ALA A . n 
A 1 66  LYS 66  90  90  LYS LYS A . n 
A 1 67  ALA 67  91  91  ALA ALA A . n 
A 1 68  SER 68  92  92  SER SER A . n 
A 1 69  GLU 69  93  93  GLU GLU A . n 
A 1 70  CYS 70  94  94  CYS CYS A . n 
A 1 71  ILE 71  95  95  ILE ILE A . n 
A 1 72  GLU 72  96  96  GLU GLU A . n 
A 1 73  ASP 73  97  97  ASP ASP A . n 
A 1 74  PHE 74  98  98  PHE PHE A . n 
A 1 75  ASN 75  99  99  ASN ASN A . n 
A 1 76  THR 76  100 100 THR THR A . n 
A 1 77  MET 77  101 101 MET MET A . n 
A 1 78  PHE 78  102 102 PHE PHE A . n 
A 1 79  SER 79  103 103 SER SER A . n 
A 1 80  ASN 80  104 104 ASN ASN A . n 
A 1 81  CYS 81  105 105 CYS CYS A . n 
A 1 82  TYR 82  106 106 TYR TYR A . n 
A 1 83  LEU 83  107 107 LEU LEU A . n 
A 1 84  TYR 84  108 108 TYR TYR A . n 
A 1 85  ASN 85  109 109 ASN ASN A . n 
A 1 86  LYS 86  110 110 LYS LYS A . n 
A 1 87  PRO 87  111 111 PRO PRO A . n 
A 1 88  GLY 88  112 112 GLY GLY A . n 
A 1 89  ASP 89  113 113 ASP ASP A . n 
A 1 90  ASP 90  114 114 ASP ASP A . n 
A 1 91  ILE 91  115 115 ILE ILE A . n 
A 1 92  VAL 92  116 116 VAL VAL A . n 
A 1 93  LEU 93  117 117 LEU LEU A . n 
A 1 94  MET 94  118 118 MET MET A . n 
A 1 95  ALA 95  119 119 ALA ALA A . n 
A 1 96  GLN 96  120 120 GLN GLN A . n 
A 1 97  ALA 97  121 121 ALA ALA A . n 
A 1 98  LEU 98  122 122 LEU LEU A . n 
A 1 99  GLU 99  123 123 GLU GLU A . n 
A 1 100 LYS 100 124 124 LYS LYS A . n 
A 1 101 LEU 101 125 125 LEU LEU A . n 
A 1 102 PHE 102 126 126 PHE PHE A . n 
A 1 103 MET 103 127 127 MET MET A . n 
A 1 104 GLN 104 128 128 GLN GLN A . n 
A 1 105 LYS 105 129 129 LYS LYS A . n 
A 1 106 LEU 106 130 130 LEU LEU A . n 
A 1 107 SER 107 131 131 SER SER A . n 
A 1 108 GLN 108 132 132 GLN GLN A . n 
A 1 109 MET 109 133 133 MET MET A . n 
A 1 110 PRO 110 134 134 PRO PRO A . n 
A 1 111 GLN 111 135 135 GLN GLN A . n 
A 1 112 GLU 112 136 136 GLU GLU A . n 
A 1 113 GLU 113 137 ?   ?   ?   A . n 
# 
loop_
_pdbx_nonpoly_scheme.asym_id 
_pdbx_nonpoly_scheme.entity_id 
_pdbx_nonpoly_scheme.mon_id 
_pdbx_nonpoly_scheme.ndb_seq_num 
_pdbx_nonpoly_scheme.pdb_seq_num 
_pdbx_nonpoly_scheme.auth_seq_num 
_pdbx_nonpoly_scheme.pdb_mon_id 
_pdbx_nonpoly_scheme.auth_mon_id 
_pdbx_nonpoly_scheme.pdb_strand_id 
_pdbx_nonpoly_scheme.pdb_ins_code 
B 2 VYJ 1   201 1   VYJ LIG A . 
C 2 VYJ 1   202 2   VYJ LIG A . 
D 3 HOH 1   301 125 HOH HOH A . 
D 3 HOH 2   302 59  HOH HOH A . 
D 3 HOH 3   303 141 HOH HOH A . 
D 3 HOH 4   304 69  HOH HOH A . 
D 3 HOH 5   305 40  HOH HOH A . 
D 3 HOH 6   306 27  HOH HOH A . 
D 3 HOH 7   307 62  HOH HOH A . 
D 3 HOH 8   308 131 HOH HOH A . 
D 3 HOH 9   309 132 HOH HOH A . 
D 3 HOH 10  310 155 HOH HOH A . 
D 3 HOH 11  311 101 HOH HOH A . 
D 3 HOH 12  312 14  HOH HOH A . 
D 3 HOH 13  313 16  HOH HOH A . 
D 3 HOH 14  314 157 HOH HOH A . 
D 3 HOH 15  315 57  HOH HOH A . 
D 3 HOH 16  316 76  HOH HOH A . 
D 3 HOH 17  317 73  HOH HOH A . 
D 3 HOH 18  318 49  HOH HOH A . 
D 3 HOH 19  319 89  HOH HOH A . 
D 3 HOH 20  320 102 HOH HOH A . 
D 3 HOH 21  321 29  HOH HOH A . 
D 3 HOH 22  322 26  HOH HOH A . 
D 3 HOH 23  323 32  HOH HOH A . 
D 3 HOH 24  324 9   HOH HOH A . 
D 3 HOH 25  325 85  HOH HOH A . 
D 3 HOH 26  326 66  HOH HOH A . 
D 3 HOH 27  327 20  HOH HOH A . 
D 3 HOH 28  328 79  HOH HOH A . 
D 3 HOH 29  329 163 HOH HOH A . 
D 3 HOH 30  330 6   HOH HOH A . 
D 3 HOH 31  331 65  HOH HOH A . 
D 3 HOH 32  332 7   HOH HOH A . 
D 3 HOH 33  333 45  HOH HOH A . 
D 3 HOH 34  334 151 HOH HOH A . 
D 3 HOH 35  335 91  HOH HOH A . 
D 3 HOH 36  336 3   HOH HOH A . 
D 3 HOH 37  337 34  HOH HOH A . 
D 3 HOH 38  338 48  HOH HOH A . 
D 3 HOH 39  339 2   HOH HOH A . 
D 3 HOH 40  340 111 HOH HOH A . 
D 3 HOH 41  341 4   HOH HOH A . 
D 3 HOH 42  342 52  HOH HOH A . 
D 3 HOH 43  343 30  HOH HOH A . 
D 3 HOH 44  344 1   HOH HOH A . 
D 3 HOH 45  345 70  HOH HOH A . 
D 3 HOH 46  346 22  HOH HOH A . 
D 3 HOH 47  347 36  HOH HOH A . 
D 3 HOH 48  348 138 HOH HOH A . 
D 3 HOH 49  349 100 HOH HOH A . 
D 3 HOH 50  350 121 HOH HOH A . 
D 3 HOH 51  351 124 HOH HOH A . 
D 3 HOH 52  352 10  HOH HOH A . 
D 3 HOH 53  353 17  HOH HOH A . 
D 3 HOH 54  354 72  HOH HOH A . 
D 3 HOH 55  355 118 HOH HOH A . 
D 3 HOH 56  356 71  HOH HOH A . 
D 3 HOH 57  357 37  HOH HOH A . 
D 3 HOH 58  358 18  HOH HOH A . 
D 3 HOH 59  359 86  HOH HOH A . 
D 3 HOH 60  360 87  HOH HOH A . 
D 3 HOH 61  361 51  HOH HOH A . 
D 3 HOH 62  362 25  HOH HOH A . 
D 3 HOH 63  363 39  HOH HOH A . 
D 3 HOH 64  364 50  HOH HOH A . 
D 3 HOH 65  365 74  HOH HOH A . 
D 3 HOH 66  366 128 HOH HOH A . 
D 3 HOH 67  367 116 HOH HOH A . 
D 3 HOH 68  368 92  HOH HOH A . 
D 3 HOH 69  369 114 HOH HOH A . 
D 3 HOH 70  370 60  HOH HOH A . 
D 3 HOH 71  371 139 HOH HOH A . 
D 3 HOH 72  372 160 HOH HOH A . 
D 3 HOH 73  373 63  HOH HOH A . 
D 3 HOH 74  374 56  HOH HOH A . 
D 3 HOH 75  375 28  HOH HOH A . 
D 3 HOH 76  376 5   HOH HOH A . 
D 3 HOH 77  377 82  HOH HOH A . 
D 3 HOH 78  378 117 HOH HOH A . 
D 3 HOH 79  379 8   HOH HOH A . 
D 3 HOH 80  380 11  HOH HOH A . 
D 3 HOH 81  381 129 HOH HOH A . 
D 3 HOH 82  382 133 HOH HOH A . 
D 3 HOH 83  383 90  HOH HOH A . 
D 3 HOH 84  384 136 HOH HOH A . 
D 3 HOH 85  385 19  HOH HOH A . 
D 3 HOH 86  386 68  HOH HOH A . 
D 3 HOH 87  387 31  HOH HOH A . 
D 3 HOH 88  388 75  HOH HOH A . 
D 3 HOH 89  389 13  HOH HOH A . 
D 3 HOH 90  390 42  HOH HOH A . 
D 3 HOH 91  391 44  HOH HOH A . 
D 3 HOH 92  392 81  HOH HOH A . 
D 3 HOH 93  393 149 HOH HOH A . 
D 3 HOH 94  394 41  HOH HOH A . 
D 3 HOH 95  395 24  HOH HOH A . 
D 3 HOH 96  396 78  HOH HOH A . 
D 3 HOH 97  397 35  HOH HOH A . 
D 3 HOH 98  398 104 HOH HOH A . 
D 3 HOH 99  399 47  HOH HOH A . 
D 3 HOH 100 400 123 HOH HOH A . 
D 3 HOH 101 401 12  HOH HOH A . 
D 3 HOH 102 402 15  HOH HOH A . 
D 3 HOH 103 403 107 HOH HOH A . 
D 3 HOH 104 404 23  HOH HOH A . 
D 3 HOH 105 405 61  HOH HOH A . 
D 3 HOH 106 406 93  HOH HOH A . 
D 3 HOH 107 407 54  HOH HOH A . 
D 3 HOH 108 408 99  HOH HOH A . 
D 3 HOH 109 409 109 HOH HOH A . 
D 3 HOH 110 410 67  HOH HOH A . 
D 3 HOH 111 411 83  HOH HOH A . 
D 3 HOH 112 412 84  HOH HOH A . 
D 3 HOH 113 413 106 HOH HOH A . 
D 3 HOH 114 414 130 HOH HOH A . 
D 3 HOH 115 415 126 HOH HOH A . 
D 3 HOH 116 416 95  HOH HOH A . 
D 3 HOH 117 417 103 HOH HOH A . 
D 3 HOH 118 418 146 HOH HOH A . 
D 3 HOH 119 419 153 HOH HOH A . 
D 3 HOH 120 420 145 HOH HOH A . 
D 3 HOH 121 421 105 HOH HOH A . 
D 3 HOH 122 422 162 HOH HOH A . 
D 3 HOH 123 423 140 HOH HOH A . 
D 3 HOH 124 424 142 HOH HOH A . 
D 3 HOH 125 425 88  HOH HOH A . 
D 3 HOH 126 426 112 HOH HOH A . 
D 3 HOH 127 427 55  HOH HOH A . 
D 3 HOH 128 428 97  HOH HOH A . 
D 3 HOH 129 429 98  HOH HOH A . 
D 3 HOH 130 430 53  HOH HOH A . 
D 3 HOH 131 431 43  HOH HOH A . 
D 3 HOH 132 432 38  HOH HOH A . 
D 3 HOH 133 433 148 HOH HOH A . 
D 3 HOH 134 434 154 HOH HOH A . 
D 3 HOH 135 435 115 HOH HOH A . 
D 3 HOH 136 436 119 HOH HOH A . 
D 3 HOH 137 437 127 HOH HOH A . 
D 3 HOH 138 438 134 HOH HOH A . 
D 3 HOH 139 439 46  HOH HOH A . 
D 3 HOH 140 440 58  HOH HOH A . 
D 3 HOH 141 441 144 HOH HOH A . 
D 3 HOH 142 442 77  HOH HOH A . 
D 3 HOH 143 443 80  HOH HOH A . 
D 3 HOH 144 444 94  HOH HOH A . 
D 3 HOH 145 445 135 HOH HOH A . 
D 3 HOH 146 446 120 HOH HOH A . 
D 3 HOH 147 447 33  HOH HOH A . 
D 3 HOH 148 448 156 HOH HOH A . 
D 3 HOH 149 449 161 HOH HOH A . 
D 3 HOH 150 450 143 HOH HOH A . 
D 3 HOH 151 451 108 HOH HOH A . 
D 3 HOH 152 452 96  HOH HOH A . 
D 3 HOH 153 453 110 HOH HOH A . 
D 3 HOH 154 454 150 HOH HOH A . 
D 3 HOH 155 455 137 HOH HOH A . 
D 3 HOH 156 456 158 HOH HOH A . 
D 3 HOH 157 457 21  HOH HOH A . 
D 3 HOH 158 458 113 HOH HOH A . 
D 3 HOH 159 459 152 HOH HOH A . 
D 3 HOH 160 460 159 HOH HOH A . 
D 3 HOH 161 461 64  HOH HOH A . 
D 3 HOH 162 462 147 HOH HOH A . 
D 3 HOH 163 463 122 HOH HOH A . 
# 
_pdbx_struct_assembly.id                   1 
_pdbx_struct_assembly.details              author_and_software_defined_assembly 
_pdbx_struct_assembly.method_details       PISA 
_pdbx_struct_assembly.oligomeric_details   monomeric 
_pdbx_struct_assembly.oligomeric_count     1 
# 
_pdbx_struct_assembly_gen.assembly_id       1 
_pdbx_struct_assembly_gen.oper_expression   1 
_pdbx_struct_assembly_gen.asym_id_list      A,B,C,D 
# 
loop_
_pdbx_struct_assembly_prop.biol_id 
_pdbx_struct_assembly_prop.type 
_pdbx_struct_assembly_prop.value 
_pdbx_struct_assembly_prop.details 
1 'ABSA (A^2)' 0    ? 
1 MORE         0    ? 
1 'SSA (A^2)'  7380 ? 
# 
_pdbx_struct_oper_list.id                   1 
_pdbx_struct_oper_list.type                 'identity operation' 
_pdbx_struct_oper_list.name                 1_555 
_pdbx_struct_oper_list.symmetry_operation   x,y,z 
_pdbx_struct_oper_list.matrix[1][1]         1.0000000000 
_pdbx_struct_oper_list.matrix[1][2]         0.0000000000 
_pdbx_struct_oper_list.matrix[1][3]         0.0000000000 
_pdbx_struct_oper_list.vector[1]            0.0000000000 
_pdbx_struct_oper_list.matrix[2][1]         0.0000000000 
_pdbx_struct_oper_list.matrix[2][2]         1.0000000000 
_pdbx_struct_oper_list.matrix[2][3]         0.0000000000 
_pdbx_struct_oper_list.vector[2]            0.0000000000 
_pdbx_struct_oper_list.matrix[3][1]         0.0000000000 
_pdbx_struct_oper_list.matrix[3][2]         0.0000000000 
_pdbx_struct_oper_list.matrix[3][3]         1.0000000000 
_pdbx_struct_oper_list.vector[3]            0.0000000000 
# 
loop_
_pdbx_audit_revision_history.ordinal 
_pdbx_audit_revision_history.data_content_type 
_pdbx_audit_revision_history.major_revision 
_pdbx_audit_revision_history.minor_revision 
_pdbx_audit_revision_history.revision_date 
1 'Structure model' 1 0 2021-06-30 
2 'Structure model' 1 1 2021-11-17 
3 'Structure model' 1 2 2021-11-24 
4 'Structure model' 1 3 2023-10-18 
# 
_pdbx_audit_revision_details.ordinal             1 
_pdbx_audit_revision_details.revision_ordinal    1 
_pdbx_audit_revision_details.data_content_type   'Structure model' 
_pdbx_audit_revision_details.provider            repository 
_pdbx_audit_revision_details.type                'Initial release' 
_pdbx_audit_revision_details.description         ? 
_pdbx_audit_revision_details.details             ? 
# 
loop_
_pdbx_audit_revision_group.ordinal 
_pdbx_audit_revision_group.revision_ordinal 
_pdbx_audit_revision_group.data_content_type 
_pdbx_audit_revision_group.group 
1 2 'Structure model' 'Database references'    
2 3 'Structure model' 'Database references'    
3 4 'Structure model' 'Data collection'        
4 4 'Structure model' 'Refinement description' 
# 
loop_
_pdbx_audit_revision_category.ordinal 
_pdbx_audit_revision_category.revision_ordinal 
_pdbx_audit_revision_category.data_content_type 
_pdbx_audit_revision_category.category 
1 2 'Structure model' citation                      
2 2 'Structure model' citation_author               
3 2 'Structure model' database_2                    
4 3 'Structure model' citation                      
5 3 'Structure model' citation_author               
6 4 'Structure model' chem_comp_atom                
7 4 'Structure model' chem_comp_bond                
8 4 'Structure model' pdbx_initial_refinement_model 
# 
loop_
_pdbx_audit_revision_item.ordinal 
_pdbx_audit_revision_item.revision_ordinal 
_pdbx_audit_revision_item.data_content_type 
_pdbx_audit_revision_item.item 
1  2 'Structure model' '_citation.country'                   
2  2 'Structure model' '_citation.journal_abbrev'            
3  2 'Structure model' '_citation.journal_id_ASTM'           
4  2 'Structure model' '_citation.journal_id_CSD'            
5  2 'Structure model' '_citation.journal_id_ISSN'           
6  2 'Structure model' '_citation.pdbx_database_id_DOI'      
7  2 'Structure model' '_citation.pdbx_database_id_PubMed'   
8  2 'Structure model' '_citation.title'                     
9  2 'Structure model' '_citation.year'                      
10 2 'Structure model' '_database_2.pdbx_DOI'                
11 2 'Structure model' '_database_2.pdbx_database_accession' 
12 3 'Structure model' '_citation.journal_volume'            
13 3 'Structure model' '_citation.page_first'                
14 3 'Structure model' '_citation.page_last'                 
15 3 'Structure model' '_citation_author.identifier_ORCID'   
# 
loop_
_software.citation_id 
_software.classification 
_software.compiler_name 
_software.compiler_version 
_software.contact_author 
_software.contact_author_email 
_software.date 
_software.description 
_software.dependencies 
_software.hardware 
_software.language 
_software.location 
_software.mods 
_software.name 
_software.os 
_software.os_version 
_software.type 
_software.version 
_software.pdbx_ordinal 
? 'data scaling'    ? ? ? ? ? ? ? ? ? ? ? XSCALE      ? ? ? .                1 
? refinement        ? ? ? ? ? ? ? ? ? ? ? PHENIX      ? ? ? 1.11.1-2575_3260 2 
? 'data extraction' ? ? ? ? ? ? ? ? ? ? ? PDB_EXTRACT ? ? ? 3.27             3 
? 'data reduction'  ? ? ? ? ? ? ? ? ? ? ? XDS         ? ? ? .                4 
? phasing           ? ? ? ? ? ? ? ? ? ? ? PHASER      ? ? ? .                5 
# 
_pdbx_entry_details.entry_id                 7L73 
_pdbx_entry_details.has_ligand_of_interest   Y 
_pdbx_entry_details.compound_details         ? 
_pdbx_entry_details.source_details           ? 
_pdbx_entry_details.nonpolymer_details       ? 
_pdbx_entry_details.sequence_details         ? 
# 
loop_
_pdbx_validate_close_contact.id 
_pdbx_validate_close_contact.PDB_model_num 
_pdbx_validate_close_contact.auth_atom_id_1 
_pdbx_validate_close_contact.auth_asym_id_1 
_pdbx_validate_close_contact.auth_comp_id_1 
_pdbx_validate_close_contact.auth_seq_id_1 
_pdbx_validate_close_contact.PDB_ins_code_1 
_pdbx_validate_close_contact.label_alt_id_1 
_pdbx_validate_close_contact.auth_atom_id_2 
_pdbx_validate_close_contact.auth_asym_id_2 
_pdbx_validate_close_contact.auth_comp_id_2 
_pdbx_validate_close_contact.auth_seq_id_2 
_pdbx_validate_close_contact.PDB_ins_code_2 
_pdbx_validate_close_contact.label_alt_id_2 
_pdbx_validate_close_contact.dist 
1 1 OE2 A GLU 93  ? ? O A HOH 301 ? ? 1.92 
2 1 OD2 A ASP 114 ? ? O A HOH 302 ? ? 2.01 
3 1 NE2 A GLN 120 ? ? O A HOH 303 ? ? 2.04 
# 
_pdbx_validate_symm_contact.id                1 
_pdbx_validate_symm_contact.PDB_model_num     1 
_pdbx_validate_symm_contact.auth_atom_id_1    O 
_pdbx_validate_symm_contact.auth_asym_id_1    A 
_pdbx_validate_symm_contact.auth_comp_id_1    HOH 
_pdbx_validate_symm_contact.auth_seq_id_1     407 
_pdbx_validate_symm_contact.PDB_ins_code_1    ? 
_pdbx_validate_symm_contact.label_alt_id_1    ? 
_pdbx_validate_symm_contact.site_symmetry_1   1_555 
_pdbx_validate_symm_contact.auth_atom_id_2    O 
_pdbx_validate_symm_contact.auth_asym_id_2    A 
_pdbx_validate_symm_contact.auth_comp_id_2    HOH 
_pdbx_validate_symm_contact.auth_seq_id_2     456 
_pdbx_validate_symm_contact.PDB_ins_code_2    ? 
_pdbx_validate_symm_contact.label_alt_id_2    ? 
_pdbx_validate_symm_contact.site_symmetry_2   2_657 
_pdbx_validate_symm_contact.dist              2.14 
# 
loop_
_pdbx_validate_torsion.id 
_pdbx_validate_torsion.PDB_model_num 
_pdbx_validate_torsion.auth_comp_id 
_pdbx_validate_torsion.auth_asym_id 
_pdbx_validate_torsion.auth_seq_id 
_pdbx_validate_torsion.PDB_ins_code 
_pdbx_validate_torsion.label_alt_id 
_pdbx_validate_torsion.phi 
_pdbx_validate_torsion.psi 
1 1 VAL A 38 ? ? -109.26 -64.77 
2 1 LEU A 63 ? ? -119.78 76.26  
# 
_pdbx_distant_solvent_atoms.id                                1 
_pdbx_distant_solvent_atoms.PDB_model_num                     1 
_pdbx_distant_solvent_atoms.auth_atom_id                      O 
_pdbx_distant_solvent_atoms.label_alt_id                      ? 
_pdbx_distant_solvent_atoms.auth_asym_id                      A 
_pdbx_distant_solvent_atoms.auth_comp_id                      HOH 
_pdbx_distant_solvent_atoms.auth_seq_id                       463 
_pdbx_distant_solvent_atoms.PDB_ins_code                      ? 
_pdbx_distant_solvent_atoms.neighbor_macromolecule_distance   6.27 
_pdbx_distant_solvent_atoms.neighbor_ligand_distance          . 
# 
_pdbx_unobs_or_zero_occ_residues.id               1 
_pdbx_unobs_or_zero_occ_residues.PDB_model_num    1 
_pdbx_unobs_or_zero_occ_residues.polymer_flag     Y 
_pdbx_unobs_or_zero_occ_residues.occupancy_flag   1 
_pdbx_unobs_or_zero_occ_residues.auth_asym_id     A 
_pdbx_unobs_or_zero_occ_residues.auth_comp_id     GLU 
_pdbx_unobs_or_zero_occ_residues.auth_seq_id      137 
_pdbx_unobs_or_zero_occ_residues.PDB_ins_code     ? 
_pdbx_unobs_or_zero_occ_residues.label_asym_id    A 
_pdbx_unobs_or_zero_occ_residues.label_comp_id    GLU 
_pdbx_unobs_or_zero_occ_residues.label_seq_id     113 
# 
loop_
_chem_comp_atom.comp_id 
_chem_comp_atom.atom_id 
_chem_comp_atom.type_symbol 
_chem_comp_atom.pdbx_aromatic_flag 
_chem_comp_atom.pdbx_stereo_config 
_chem_comp_atom.pdbx_ordinal 
ALA N    N N N 1   
ALA CA   C N S 2   
ALA C    C N N 3   
ALA O    O N N 4   
ALA CB   C N N 5   
ALA OXT  O N N 6   
ALA H    H N N 7   
ALA H2   H N N 8   
ALA HA   H N N 9   
ALA HB1  H N N 10  
ALA HB2  H N N 11  
ALA HB3  H N N 12  
ALA HXT  H N N 13  
ARG N    N N N 14  
ARG CA   C N S 15  
ARG C    C N N 16  
ARG O    O N N 17  
ARG CB   C N N 18  
ARG CG   C N N 19  
ARG CD   C N N 20  
ARG NE   N N N 21  
ARG CZ   C N N 22  
ARG NH1  N N N 23  
ARG NH2  N N N 24  
ARG OXT  O N N 25  
ARG H    H N N 26  
ARG H2   H N N 27  
ARG HA   H N N 28  
ARG HB2  H N N 29  
ARG HB3  H N N 30  
ARG HG2  H N N 31  
ARG HG3  H N N 32  
ARG HD2  H N N 33  
ARG HD3  H N N 34  
ARG HE   H N N 35  
ARG HH11 H N N 36  
ARG HH12 H N N 37  
ARG HH21 H N N 38  
ARG HH22 H N N 39  
ARG HXT  H N N 40  
ASN N    N N N 41  
ASN CA   C N S 42  
ASN C    C N N 43  
ASN O    O N N 44  
ASN CB   C N N 45  
ASN CG   C N N 46  
ASN OD1  O N N 47  
ASN ND2  N N N 48  
ASN OXT  O N N 49  
ASN H    H N N 50  
ASN H2   H N N 51  
ASN HA   H N N 52  
ASN HB2  H N N 53  
ASN HB3  H N N 54  
ASN HD21 H N N 55  
ASN HD22 H N N 56  
ASN HXT  H N N 57  
ASP N    N N N 58  
ASP CA   C N S 59  
ASP C    C N N 60  
ASP O    O N N 61  
ASP CB   C N N 62  
ASP CG   C N N 63  
ASP OD1  O N N 64  
ASP OD2  O N N 65  
ASP OXT  O N N 66  
ASP H    H N N 67  
ASP H2   H N N 68  
ASP HA   H N N 69  
ASP HB2  H N N 70  
ASP HB3  H N N 71  
ASP HD2  H N N 72  
ASP HXT  H N N 73  
CYS N    N N N 74  
CYS CA   C N R 75  
CYS C    C N N 76  
CYS O    O N N 77  
CYS CB   C N N 78  
CYS SG   S N N 79  
CYS OXT  O N N 80  
CYS H    H N N 81  
CYS H2   H N N 82  
CYS HA   H N N 83  
CYS HB2  H N N 84  
CYS HB3  H N N 85  
CYS HG   H N N 86  
CYS HXT  H N N 87  
GLN N    N N N 88  
GLN CA   C N S 89  
GLN C    C N N 90  
GLN O    O N N 91  
GLN CB   C N N 92  
GLN CG   C N N 93  
GLN CD   C N N 94  
GLN OE1  O N N 95  
GLN NE2  N N N 96  
GLN OXT  O N N 97  
GLN H    H N N 98  
GLN H2   H N N 99  
GLN HA   H N N 100 
GLN HB2  H N N 101 
GLN HB3  H N N 102 
GLN HG2  H N N 103 
GLN HG3  H N N 104 
GLN HE21 H N N 105 
GLN HE22 H N N 106 
GLN HXT  H N N 107 
GLU N    N N N 108 
GLU CA   C N S 109 
GLU C    C N N 110 
GLU O    O N N 111 
GLU CB   C N N 112 
GLU CG   C N N 113 
GLU CD   C N N 114 
GLU OE1  O N N 115 
GLU OE2  O N N 116 
GLU OXT  O N N 117 
GLU H    H N N 118 
GLU H2   H N N 119 
GLU HA   H N N 120 
GLU HB2  H N N 121 
GLU HB3  H N N 122 
GLU HG2  H N N 123 
GLU HG3  H N N 124 
GLU HE2  H N N 125 
GLU HXT  H N N 126 
GLY N    N N N 127 
GLY CA   C N N 128 
GLY C    C N N 129 
GLY O    O N N 130 
GLY OXT  O N N 131 
GLY H    H N N 132 
GLY H2   H N N 133 
GLY HA2  H N N 134 
GLY HA3  H N N 135 
GLY HXT  H N N 136 
HIS N    N N N 137 
HIS CA   C N S 138 
HIS C    C N N 139 
HIS O    O N N 140 
HIS CB   C N N 141 
HIS CG   C Y N 142 
HIS ND1  N Y N 143 
HIS CD2  C Y N 144 
HIS CE1  C Y N 145 
HIS NE2  N Y N 146 
HIS OXT  O N N 147 
HIS H    H N N 148 
HIS H2   H N N 149 
HIS HA   H N N 150 
HIS HB2  H N N 151 
HIS HB3  H N N 152 
HIS HD1  H N N 153 
HIS HD2  H N N 154 
HIS HE1  H N N 155 
HIS HE2  H N N 156 
HIS HXT  H N N 157 
HOH O    O N N 158 
HOH H1   H N N 159 
HOH H2   H N N 160 
ILE N    N N N 161 
ILE CA   C N S 162 
ILE C    C N N 163 
ILE O    O N N 164 
ILE CB   C N S 165 
ILE CG1  C N N 166 
ILE CG2  C N N 167 
ILE CD1  C N N 168 
ILE OXT  O N N 169 
ILE H    H N N 170 
ILE H2   H N N 171 
ILE HA   H N N 172 
ILE HB   H N N 173 
ILE HG12 H N N 174 
ILE HG13 H N N 175 
ILE HG21 H N N 176 
ILE HG22 H N N 177 
ILE HG23 H N N 178 
ILE HD11 H N N 179 
ILE HD12 H N N 180 
ILE HD13 H N N 181 
ILE HXT  H N N 182 
LEU N    N N N 183 
LEU CA   C N S 184 
LEU C    C N N 185 
LEU O    O N N 186 
LEU CB   C N N 187 
LEU CG   C N N 188 
LEU CD1  C N N 189 
LEU CD2  C N N 190 
LEU OXT  O N N 191 
LEU H    H N N 192 
LEU H2   H N N 193 
LEU HA   H N N 194 
LEU HB2  H N N 195 
LEU HB3  H N N 196 
LEU HG   H N N 197 
LEU HD11 H N N 198 
LEU HD12 H N N 199 
LEU HD13 H N N 200 
LEU HD21 H N N 201 
LEU HD22 H N N 202 
LEU HD23 H N N 203 
LEU HXT  H N N 204 
LYS N    N N N 205 
LYS CA   C N S 206 
LYS C    C N N 207 
LYS O    O N N 208 
LYS CB   C N N 209 
LYS CG   C N N 210 
LYS CD   C N N 211 
LYS CE   C N N 212 
LYS NZ   N N N 213 
LYS OXT  O N N 214 
LYS H    H N N 215 
LYS H2   H N N 216 
LYS HA   H N N 217 
LYS HB2  H N N 218 
LYS HB3  H N N 219 
LYS HG2  H N N 220 
LYS HG3  H N N 221 
LYS HD2  H N N 222 
LYS HD3  H N N 223 
LYS HE2  H N N 224 
LYS HE3  H N N 225 
LYS HZ1  H N N 226 
LYS HZ2  H N N 227 
LYS HZ3  H N N 228 
LYS HXT  H N N 229 
MET N    N N N 230 
MET CA   C N S 231 
MET C    C N N 232 
MET O    O N N 233 
MET CB   C N N 234 
MET CG   C N N 235 
MET SD   S N N 236 
MET CE   C N N 237 
MET OXT  O N N 238 
MET H    H N N 239 
MET H2   H N N 240 
MET HA   H N N 241 
MET HB2  H N N 242 
MET HB3  H N N 243 
MET HG2  H N N 244 
MET HG3  H N N 245 
MET HE1  H N N 246 
MET HE2  H N N 247 
MET HE3  H N N 248 
MET HXT  H N N 249 
PHE N    N N N 250 
PHE CA   C N S 251 
PHE C    C N N 252 
PHE O    O N N 253 
PHE CB   C N N 254 
PHE CG   C Y N 255 
PHE CD1  C Y N 256 
PHE CD2  C Y N 257 
PHE CE1  C Y N 258 
PHE CE2  C Y N 259 
PHE CZ   C Y N 260 
PHE OXT  O N N 261 
PHE H    H N N 262 
PHE H2   H N N 263 
PHE HA   H N N 264 
PHE HB2  H N N 265 
PHE HB3  H N N 266 
PHE HD1  H N N 267 
PHE HD2  H N N 268 
PHE HE1  H N N 269 
PHE HE2  H N N 270 
PHE HZ   H N N 271 
PHE HXT  H N N 272 
PRO N    N N N 273 
PRO CA   C N S 274 
PRO C    C N N 275 
PRO O    O N N 276 
PRO CB   C N N 277 
PRO CG   C N N 278 
PRO CD   C N N 279 
PRO OXT  O N N 280 
PRO H    H N N 281 
PRO HA   H N N 282 
PRO HB2  H N N 283 
PRO HB3  H N N 284 
PRO HG2  H N N 285 
PRO HG3  H N N 286 
PRO HD2  H N N 287 
PRO HD3  H N N 288 
PRO HXT  H N N 289 
SER N    N N N 290 
SER CA   C N S 291 
SER C    C N N 292 
SER O    O N N 293 
SER CB   C N N 294 
SER OG   O N N 295 
SER OXT  O N N 296 
SER H    H N N 297 
SER H2   H N N 298 
SER HA   H N N 299 
SER HB2  H N N 300 
SER HB3  H N N 301 
SER HG   H N N 302 
SER HXT  H N N 303 
THR N    N N N 304 
THR CA   C N S 305 
THR C    C N N 306 
THR O    O N N 307 
THR CB   C N R 308 
THR OG1  O N N 309 
THR CG2  C N N 310 
THR OXT  O N N 311 
THR H    H N N 312 
THR H2   H N N 313 
THR HA   H N N 314 
THR HB   H N N 315 
THR HG1  H N N 316 
THR HG21 H N N 317 
THR HG22 H N N 318 
THR HG23 H N N 319 
THR HXT  H N N 320 
TRP N    N N N 321 
TRP CA   C N S 322 
TRP C    C N N 323 
TRP O    O N N 324 
TRP CB   C N N 325 
TRP CG   C Y N 326 
TRP CD1  C Y N 327 
TRP CD2  C Y N 328 
TRP NE1  N Y N 329 
TRP CE2  C Y N 330 
TRP CE3  C Y N 331 
TRP CZ2  C Y N 332 
TRP CZ3  C Y N 333 
TRP CH2  C Y N 334 
TRP OXT  O N N 335 
TRP H    H N N 336 
TRP H2   H N N 337 
TRP HA   H N N 338 
TRP HB2  H N N 339 
TRP HB3  H N N 340 
TRP HD1  H N N 341 
TRP HE1  H N N 342 
TRP HE3  H N N 343 
TRP HZ2  H N N 344 
TRP HZ3  H N N 345 
TRP HH2  H N N 346 
TRP HXT  H N N 347 
TYR N    N N N 348 
TYR CA   C N S 349 
TYR C    C N N 350 
TYR O    O N N 351 
TYR CB   C N N 352 
TYR CG   C Y N 353 
TYR CD1  C Y N 354 
TYR CD2  C Y N 355 
TYR CE1  C Y N 356 
TYR CE2  C Y N 357 
TYR CZ   C Y N 358 
TYR OH   O N N 359 
TYR OXT  O N N 360 
TYR H    H N N 361 
TYR H2   H N N 362 
TYR HA   H N N 363 
TYR HB2  H N N 364 
TYR HB3  H N N 365 
TYR HD1  H N N 366 
TYR HD2  H N N 367 
TYR HE1  H N N 368 
TYR HE2  H N N 369 
TYR HH   H N N 370 
TYR HXT  H N N 371 
VAL N    N N N 372 
VAL CA   C N S 373 
VAL C    C N N 374 
VAL O    O N N 375 
VAL CB   C N N 376 
VAL CG1  C N N 377 
VAL CG2  C N N 378 
VAL OXT  O N N 379 
VAL H    H N N 380 
VAL H2   H N N 381 
VAL HA   H N N 382 
VAL HB   H N N 383 
VAL HG11 H N N 384 
VAL HG12 H N N 385 
VAL HG13 H N N 386 
VAL HG21 H N N 387 
VAL HG22 H N N 388 
VAL HG23 H N N 389 
VAL HXT  H N N 390 
VYJ C13  C N N 391 
VYJ C15  C N N 392 
VYJ C20  C N N 393 
VYJ C21  C N N 394 
VYJ C22  C N N 395 
VYJ C24  C Y N 396 
VYJ C26  C Y N 397 
VYJ C28  C Y N 398 
VYJ C01  C N N 399 
VYJ C02  C N N 400 
VYJ C04  C Y N 401 
VYJ C05  C Y N 402 
VYJ C06  C Y N 403 
VYJ C07  C Y N 404 
VYJ C08  C Y N 405 
VYJ C09  C N N 406 
VYJ C11  C N N 407 
VYJ C12  C N N 408 
VYJ C16  C N N 409 
VYJ C18  C N N 410 
VYJ C19  C N N 411 
VYJ C29  C Y N 412 
VYJ C31  C N N 413 
VYJ C32  C Y N 414 
VYJ C33  C Y N 415 
VYJ C35  C Y N 416 
VYJ C37  C N N 417 
VYJ C38  C N N 418 
VYJ C39  C N N 419 
VYJ C40  C N N 420 
VYJ C41  C N N 421 
VYJ C42  C Y N 422 
VYJ C43  C Y N 423 
VYJ C44  C Y N 424 
VYJ C45  C Y N 425 
VYJ C47  C N N 426 
VYJ N10  N N N 427 
VYJ N14  N N N 428 
VYJ N17  N N N 429 
VYJ N25  N N N 430 
VYJ N27  N Y N 431 
VYJ N30  N N N 432 
VYJ N34  N N N 433 
VYJ N36  N Y N 434 
VYJ O03  O N N 435 
VYJ O23  O N N 436 
VYJ O46  O N N 437 
VYJ H1   H N N 438 
VYJ H2   H N N 439 
VYJ H3   H N N 440 
VYJ H4   H N N 441 
VYJ H5   H N N 442 
VYJ H6   H N N 443 
VYJ H7   H N N 444 
VYJ H8   H N N 445 
VYJ H9   H N N 446 
VYJ H10  H N N 447 
VYJ H11  H N N 448 
VYJ H12  H N N 449 
VYJ H13  H N N 450 
VYJ H14  H N N 451 
VYJ H15  H N N 452 
VYJ H16  H N N 453 
VYJ H17  H N N 454 
VYJ H18  H N N 455 
VYJ H19  H N N 456 
VYJ H20  H N N 457 
VYJ H21  H N N 458 
VYJ H22  H N N 459 
VYJ H23  H N N 460 
VYJ H24  H N N 461 
VYJ H25  H N N 462 
VYJ H26  H N N 463 
VYJ H27  H N N 464 
VYJ H28  H N N 465 
VYJ H29  H N N 466 
VYJ H30  H N N 467 
VYJ H31  H N N 468 
VYJ H32  H N N 469 
VYJ H33  H N N 470 
VYJ H34  H N N 471 
VYJ H35  H N N 472 
VYJ H36  H N N 473 
VYJ H37  H N N 474 
VYJ H38  H N N 475 
VYJ H39  H N N 476 
VYJ H40  H N N 477 
VYJ H41  H N N 478 
VYJ H42  H N N 479 
VYJ H43  H N N 480 
VYJ H44  H N N 481 
VYJ H45  H N N 482 
VYJ H48  H N N 483 
# 
loop_
_chem_comp_bond.comp_id 
_chem_comp_bond.atom_id_1 
_chem_comp_bond.atom_id_2 
_chem_comp_bond.value_order 
_chem_comp_bond.pdbx_aromatic_flag 
_chem_comp_bond.pdbx_stereo_config 
_chem_comp_bond.pdbx_ordinal 
ALA N   CA   sing N N 1   
ALA N   H    sing N N 2   
ALA N   H2   sing N N 3   
ALA CA  C    sing N N 4   
ALA CA  CB   sing N N 5   
ALA CA  HA   sing N N 6   
ALA C   O    doub N N 7   
ALA C   OXT  sing N N 8   
ALA CB  HB1  sing N N 9   
ALA CB  HB2  sing N N 10  
ALA CB  HB3  sing N N 11  
ALA OXT HXT  sing N N 12  
ARG N   CA   sing N N 13  
ARG N   H    sing N N 14  
ARG N   H2   sing N N 15  
ARG CA  C    sing N N 16  
ARG CA  CB   sing N N 17  
ARG CA  HA   sing N N 18  
ARG C   O    doub N N 19  
ARG C   OXT  sing N N 20  
ARG CB  CG   sing N N 21  
ARG CB  HB2  sing N N 22  
ARG CB  HB3  sing N N 23  
ARG CG  CD   sing N N 24  
ARG CG  HG2  sing N N 25  
ARG CG  HG3  sing N N 26  
ARG CD  NE   sing N N 27  
ARG CD  HD2  sing N N 28  
ARG CD  HD3  sing N N 29  
ARG NE  CZ   sing N N 30  
ARG NE  HE   sing N N 31  
ARG CZ  NH1  sing N N 32  
ARG CZ  NH2  doub N N 33  
ARG NH1 HH11 sing N N 34  
ARG NH1 HH12 sing N N 35  
ARG NH2 HH21 sing N N 36  
ARG NH2 HH22 sing N N 37  
ARG OXT HXT  sing N N 38  
ASN N   CA   sing N N 39  
ASN N   H    sing N N 40  
ASN N   H2   sing N N 41  
ASN CA  C    sing N N 42  
ASN CA  CB   sing N N 43  
ASN CA  HA   sing N N 44  
ASN C   O    doub N N 45  
ASN C   OXT  sing N N 46  
ASN CB  CG   sing N N 47  
ASN CB  HB2  sing N N 48  
ASN CB  HB3  sing N N 49  
ASN CG  OD1  doub N N 50  
ASN CG  ND2  sing N N 51  
ASN ND2 HD21 sing N N 52  
ASN ND2 HD22 sing N N 53  
ASN OXT HXT  sing N N 54  
ASP N   CA   sing N N 55  
ASP N   H    sing N N 56  
ASP N   H2   sing N N 57  
ASP CA  C    sing N N 58  
ASP CA  CB   sing N N 59  
ASP CA  HA   sing N N 60  
ASP C   O    doub N N 61  
ASP C   OXT  sing N N 62  
ASP CB  CG   sing N N 63  
ASP CB  HB2  sing N N 64  
ASP CB  HB3  sing N N 65  
ASP CG  OD1  doub N N 66  
ASP CG  OD2  sing N N 67  
ASP OD2 HD2  sing N N 68  
ASP OXT HXT  sing N N 69  
CYS N   CA   sing N N 70  
CYS N   H    sing N N 71  
CYS N   H2   sing N N 72  
CYS CA  C    sing N N 73  
CYS CA  CB   sing N N 74  
CYS CA  HA   sing N N 75  
CYS C   O    doub N N 76  
CYS C   OXT  sing N N 77  
CYS CB  SG   sing N N 78  
CYS CB  HB2  sing N N 79  
CYS CB  HB3  sing N N 80  
CYS SG  HG   sing N N 81  
CYS OXT HXT  sing N N 82  
GLN N   CA   sing N N 83  
GLN N   H    sing N N 84  
GLN N   H2   sing N N 85  
GLN CA  C    sing N N 86  
GLN CA  CB   sing N N 87  
GLN CA  HA   sing N N 88  
GLN C   O    doub N N 89  
GLN C   OXT  sing N N 90  
GLN CB  CG   sing N N 91  
GLN CB  HB2  sing N N 92  
GLN CB  HB3  sing N N 93  
GLN CG  CD   sing N N 94  
GLN CG  HG2  sing N N 95  
GLN CG  HG3  sing N N 96  
GLN CD  OE1  doub N N 97  
GLN CD  NE2  sing N N 98  
GLN NE2 HE21 sing N N 99  
GLN NE2 HE22 sing N N 100 
GLN OXT HXT  sing N N 101 
GLU N   CA   sing N N 102 
GLU N   H    sing N N 103 
GLU N   H2   sing N N 104 
GLU CA  C    sing N N 105 
GLU CA  CB   sing N N 106 
GLU CA  HA   sing N N 107 
GLU C   O    doub N N 108 
GLU C   OXT  sing N N 109 
GLU CB  CG   sing N N 110 
GLU CB  HB2  sing N N 111 
GLU CB  HB3  sing N N 112 
GLU CG  CD   sing N N 113 
GLU CG  HG2  sing N N 114 
GLU CG  HG3  sing N N 115 
GLU CD  OE1  doub N N 116 
GLU CD  OE2  sing N N 117 
GLU OE2 HE2  sing N N 118 
GLU OXT HXT  sing N N 119 
GLY N   CA   sing N N 120 
GLY N   H    sing N N 121 
GLY N   H2   sing N N 122 
GLY CA  C    sing N N 123 
GLY CA  HA2  sing N N 124 
GLY CA  HA3  sing N N 125 
GLY C   O    doub N N 126 
GLY C   OXT  sing N N 127 
GLY OXT HXT  sing N N 128 
HIS N   CA   sing N N 129 
HIS N   H    sing N N 130 
HIS N   H2   sing N N 131 
HIS CA  C    sing N N 132 
HIS CA  CB   sing N N 133 
HIS CA  HA   sing N N 134 
HIS C   O    doub N N 135 
HIS C   OXT  sing N N 136 
HIS CB  CG   sing N N 137 
HIS CB  HB2  sing N N 138 
HIS CB  HB3  sing N N 139 
HIS CG  ND1  sing Y N 140 
HIS CG  CD2  doub Y N 141 
HIS ND1 CE1  doub Y N 142 
HIS ND1 HD1  sing N N 143 
HIS CD2 NE2  sing Y N 144 
HIS CD2 HD2  sing N N 145 
HIS CE1 NE2  sing Y N 146 
HIS CE1 HE1  sing N N 147 
HIS NE2 HE2  sing N N 148 
HIS OXT HXT  sing N N 149 
HOH O   H1   sing N N 150 
HOH O   H2   sing N N 151 
ILE N   CA   sing N N 152 
ILE N   H    sing N N 153 
ILE N   H2   sing N N 154 
ILE CA  C    sing N N 155 
ILE CA  CB   sing N N 156 
ILE CA  HA   sing N N 157 
ILE C   O    doub N N 158 
ILE C   OXT  sing N N 159 
ILE CB  CG1  sing N N 160 
ILE CB  CG2  sing N N 161 
ILE CB  HB   sing N N 162 
ILE CG1 CD1  sing N N 163 
ILE CG1 HG12 sing N N 164 
ILE CG1 HG13 sing N N 165 
ILE CG2 HG21 sing N N 166 
ILE CG2 HG22 sing N N 167 
ILE CG2 HG23 sing N N 168 
ILE CD1 HD11 sing N N 169 
ILE CD1 HD12 sing N N 170 
ILE CD1 HD13 sing N N 171 
ILE OXT HXT  sing N N 172 
LEU N   CA   sing N N 173 
LEU N   H    sing N N 174 
LEU N   H2   sing N N 175 
LEU CA  C    sing N N 176 
LEU CA  CB   sing N N 177 
LEU CA  HA   sing N N 178 
LEU C   O    doub N N 179 
LEU C   OXT  sing N N 180 
LEU CB  CG   sing N N 181 
LEU CB  HB2  sing N N 182 
LEU CB  HB3  sing N N 183 
LEU CG  CD1  sing N N 184 
LEU CG  CD2  sing N N 185 
LEU CG  HG   sing N N 186 
LEU CD1 HD11 sing N N 187 
LEU CD1 HD12 sing N N 188 
LEU CD1 HD13 sing N N 189 
LEU CD2 HD21 sing N N 190 
LEU CD2 HD22 sing N N 191 
LEU CD2 HD23 sing N N 192 
LEU OXT HXT  sing N N 193 
LYS N   CA   sing N N 194 
LYS N   H    sing N N 195 
LYS N   H2   sing N N 196 
LYS CA  C    sing N N 197 
LYS CA  CB   sing N N 198 
LYS CA  HA   sing N N 199 
LYS C   O    doub N N 200 
LYS C   OXT  sing N N 201 
LYS CB  CG   sing N N 202 
LYS CB  HB2  sing N N 203 
LYS CB  HB3  sing N N 204 
LYS CG  CD   sing N N 205 
LYS CG  HG2  sing N N 206 
LYS CG  HG3  sing N N 207 
LYS CD  CE   sing N N 208 
LYS CD  HD2  sing N N 209 
LYS CD  HD3  sing N N 210 
LYS CE  NZ   sing N N 211 
LYS CE  HE2  sing N N 212 
LYS CE  HE3  sing N N 213 
LYS NZ  HZ1  sing N N 214 
LYS NZ  HZ2  sing N N 215 
LYS NZ  HZ3  sing N N 216 
LYS OXT HXT  sing N N 217 
MET N   CA   sing N N 218 
MET N   H    sing N N 219 
MET N   H2   sing N N 220 
MET CA  C    sing N N 221 
MET CA  CB   sing N N 222 
MET CA  HA   sing N N 223 
MET C   O    doub N N 224 
MET C   OXT  sing N N 225 
MET CB  CG   sing N N 226 
MET CB  HB2  sing N N 227 
MET CB  HB3  sing N N 228 
MET CG  SD   sing N N 229 
MET CG  HG2  sing N N 230 
MET CG  HG3  sing N N 231 
MET SD  CE   sing N N 232 
MET CE  HE1  sing N N 233 
MET CE  HE2  sing N N 234 
MET CE  HE3  sing N N 235 
MET OXT HXT  sing N N 236 
PHE N   CA   sing N N 237 
PHE N   H    sing N N 238 
PHE N   H2   sing N N 239 
PHE CA  C    sing N N 240 
PHE CA  CB   sing N N 241 
PHE CA  HA   sing N N 242 
PHE C   O    doub N N 243 
PHE C   OXT  sing N N 244 
PHE CB  CG   sing N N 245 
PHE CB  HB2  sing N N 246 
PHE CB  HB3  sing N N 247 
PHE CG  CD1  doub Y N 248 
PHE CG  CD2  sing Y N 249 
PHE CD1 CE1  sing Y N 250 
PHE CD1 HD1  sing N N 251 
PHE CD2 CE2  doub Y N 252 
PHE CD2 HD2  sing N N 253 
PHE CE1 CZ   doub Y N 254 
PHE CE1 HE1  sing N N 255 
PHE CE2 CZ   sing Y N 256 
PHE CE2 HE2  sing N N 257 
PHE CZ  HZ   sing N N 258 
PHE OXT HXT  sing N N 259 
PRO N   CA   sing N N 260 
PRO N   CD   sing N N 261 
PRO N   H    sing N N 262 
PRO CA  C    sing N N 263 
PRO CA  CB   sing N N 264 
PRO CA  HA   sing N N 265 
PRO C   O    doub N N 266 
PRO C   OXT  sing N N 267 
PRO CB  CG   sing N N 268 
PRO CB  HB2  sing N N 269 
PRO CB  HB3  sing N N 270 
PRO CG  CD   sing N N 271 
PRO CG  HG2  sing N N 272 
PRO CG  HG3  sing N N 273 
PRO CD  HD2  sing N N 274 
PRO CD  HD3  sing N N 275 
PRO OXT HXT  sing N N 276 
SER N   CA   sing N N 277 
SER N   H    sing N N 278 
SER N   H2   sing N N 279 
SER CA  C    sing N N 280 
SER CA  CB   sing N N 281 
SER CA  HA   sing N N 282 
SER C   O    doub N N 283 
SER C   OXT  sing N N 284 
SER CB  OG   sing N N 285 
SER CB  HB2  sing N N 286 
SER CB  HB3  sing N N 287 
SER OG  HG   sing N N 288 
SER OXT HXT  sing N N 289 
THR N   CA   sing N N 290 
THR N   H    sing N N 291 
THR N   H2   sing N N 292 
THR CA  C    sing N N 293 
THR CA  CB   sing N N 294 
THR CA  HA   sing N N 295 
THR C   O    doub N N 296 
THR C   OXT  sing N N 297 
THR CB  OG1  sing N N 298 
THR CB  CG2  sing N N 299 
THR CB  HB   sing N N 300 
THR OG1 HG1  sing N N 301 
THR CG2 HG21 sing N N 302 
THR CG2 HG22 sing N N 303 
THR CG2 HG23 sing N N 304 
THR OXT HXT  sing N N 305 
TRP N   CA   sing N N 306 
TRP N   H    sing N N 307 
TRP N   H2   sing N N 308 
TRP CA  C    sing N N 309 
TRP CA  CB   sing N N 310 
TRP CA  HA   sing N N 311 
TRP C   O    doub N N 312 
TRP C   OXT  sing N N 313 
TRP CB  CG   sing N N 314 
TRP CB  HB2  sing N N 315 
TRP CB  HB3  sing N N 316 
TRP CG  CD1  doub Y N 317 
TRP CG  CD2  sing Y N 318 
TRP CD1 NE1  sing Y N 319 
TRP CD1 HD1  sing N N 320 
TRP CD2 CE2  doub Y N 321 
TRP CD2 CE3  sing Y N 322 
TRP NE1 CE2  sing Y N 323 
TRP NE1 HE1  sing N N 324 
TRP CE2 CZ2  sing Y N 325 
TRP CE3 CZ3  doub Y N 326 
TRP CE3 HE3  sing N N 327 
TRP CZ2 CH2  doub Y N 328 
TRP CZ2 HZ2  sing N N 329 
TRP CZ3 CH2  sing Y N 330 
TRP CZ3 HZ3  sing N N 331 
TRP CH2 HH2  sing N N 332 
TRP OXT HXT  sing N N 333 
TYR N   CA   sing N N 334 
TYR N   H    sing N N 335 
TYR N   H2   sing N N 336 
TYR CA  C    sing N N 337 
TYR CA  CB   sing N N 338 
TYR CA  HA   sing N N 339 
TYR C   O    doub N N 340 
TYR C   OXT  sing N N 341 
TYR CB  CG   sing N N 342 
TYR CB  HB2  sing N N 343 
TYR CB  HB3  sing N N 344 
TYR CG  CD1  doub Y N 345 
TYR CG  CD2  sing Y N 346 
TYR CD1 CE1  sing Y N 347 
TYR CD1 HD1  sing N N 348 
TYR CD2 CE2  doub Y N 349 
TYR CD2 HD2  sing N N 350 
TYR CE1 CZ   doub Y N 351 
TYR CE1 HE1  sing N N 352 
TYR CE2 CZ   sing Y N 353 
TYR CE2 HE2  sing N N 354 
TYR CZ  OH   sing N N 355 
TYR OH  HH   sing N N 356 
TYR OXT HXT  sing N N 357 
VAL N   CA   sing N N 358 
VAL N   H    sing N N 359 
VAL N   H2   sing N N 360 
VAL CA  C    sing N N 361 
VAL CA  CB   sing N N 362 
VAL CA  HA   sing N N 363 
VAL C   O    doub N N 364 
VAL C   OXT  sing N N 365 
VAL CB  CG1  sing N N 366 
VAL CB  CG2  sing N N 367 
VAL CB  HB   sing N N 368 
VAL CG1 HG11 sing N N 369 
VAL CG1 HG12 sing N N 370 
VAL CG1 HG13 sing N N 371 
VAL CG2 HG21 sing N N 372 
VAL CG2 HG22 sing N N 373 
VAL CG2 HG23 sing N N 374 
VAL OXT HXT  sing N N 375 
VYJ C21 C22  sing N N 376 
VYJ C21 C13  sing N N 377 
VYJ C22 N10  sing N N 378 
VYJ C18 C19  sing N N 379 
VYJ C18 N17  sing N N 380 
VYJ C20 N17  sing N N 381 
VYJ N14 C19  sing N N 382 
VYJ N14 C13  sing N N 383 
VYJ N14 C15  sing N N 384 
VYJ C16 N17  sing N N 385 
VYJ C16 C15  sing N N 386 
VYJ C13 C12  sing N N 387 
VYJ O23 C09  doub N N 388 
VYJ N10 C09  sing N N 389 
VYJ N10 C11  sing N N 390 
VYJ C09 C08  sing N N 391 
VYJ C12 C11  sing N N 392 
VYJ C08 C07  doub Y N 393 
VYJ C08 C24  sing Y N 394 
VYJ C39 C40  sing N N 395 
VYJ C39 C38  sing N N 396 
VYJ C40 C41  sing N N 397 
VYJ C07 C06  sing Y N 398 
VYJ C24 C04  doub Y N 399 
VYJ C41 C37  sing N N 400 
VYJ C38 C37  sing N N 401 
VYJ C06 C05  doub Y N 402 
VYJ C04 C05  sing Y N 403 
VYJ C04 O03  sing N N 404 
VYJ C02 O03  sing N N 405 
VYJ C02 C01  sing N N 406 
VYJ C37 N34  sing N N 407 
VYJ C05 N25  sing N N 408 
VYJ N25 C26  sing N N 409 
VYJ N34 C35  sing N N 410 
VYJ N34 C33  sing N N 411 
VYJ N36 C26  doub Y N 412 
VYJ N36 C35  sing Y N 413 
VYJ C42 C33  doub Y N 414 
VYJ C42 C43  sing Y N 415 
VYJ C26 N27  sing Y N 416 
VYJ C35 C29  doub Y N 417 
VYJ C33 C32  sing Y N 418 
VYJ C43 C44  doub Y N 419 
VYJ N27 C28  doub Y N 420 
VYJ C29 C28  sing Y N 421 
VYJ C29 N30  sing N N 422 
VYJ C32 C31  sing N N 423 
VYJ C32 C45  doub Y N 424 
VYJ C44 C45  sing Y N 425 
VYJ N30 C31  sing N N 426 
VYJ N30 C47  sing N N 427 
VYJ C31 O46  doub N N 428 
VYJ C13 H1   sing N N 429 
VYJ C15 H2   sing N N 430 
VYJ C15 H3   sing N N 431 
VYJ C20 H4   sing N N 432 
VYJ C20 H5   sing N N 433 
VYJ C20 H6   sing N N 434 
VYJ C21 H7   sing N N 435 
VYJ C21 H8   sing N N 436 
VYJ C22 H9   sing N N 437 
VYJ C22 H10  sing N N 438 
VYJ C24 H11  sing N N 439 
VYJ C28 H12  sing N N 440 
VYJ C01 H13  sing N N 441 
VYJ C01 H14  sing N N 442 
VYJ C01 H15  sing N N 443 
VYJ C02 H16  sing N N 444 
VYJ C02 H17  sing N N 445 
VYJ C06 H18  sing N N 446 
VYJ C07 H19  sing N N 447 
VYJ C11 H20  sing N N 448 
VYJ C11 H21  sing N N 449 
VYJ C12 H22  sing N N 450 
VYJ C12 H23  sing N N 451 
VYJ C16 H24  sing N N 452 
VYJ C16 H25  sing N N 453 
VYJ C18 H26  sing N N 454 
VYJ C18 H27  sing N N 455 
VYJ C19 H28  sing N N 456 
VYJ C19 H29  sing N N 457 
VYJ C37 H30  sing N N 458 
VYJ C38 H31  sing N N 459 
VYJ C38 H32  sing N N 460 
VYJ C39 H33  sing N N 461 
VYJ C39 H34  sing N N 462 
VYJ C40 H35  sing N N 463 
VYJ C40 H36  sing N N 464 
VYJ C41 H37  sing N N 465 
VYJ C41 H38  sing N N 466 
VYJ C42 H39  sing N N 467 
VYJ C43 H40  sing N N 468 
VYJ C44 H41  sing N N 469 
VYJ C45 H42  sing N N 470 
VYJ C47 H43  sing N N 471 
VYJ C47 H44  sing N N 472 
VYJ C47 H45  sing N N 473 
VYJ N25 H48  sing N N 474 
# 
_pdbx_entity_instance_feature.ordinal        1 
_pdbx_entity_instance_feature.comp_id        VYJ 
_pdbx_entity_instance_feature.asym_id        ? 
_pdbx_entity_instance_feature.seq_num        ? 
_pdbx_entity_instance_feature.auth_comp_id   VYJ 
_pdbx_entity_instance_feature.auth_asym_id   ? 
_pdbx_entity_instance_feature.auth_seq_num   ? 
_pdbx_entity_instance_feature.feature_type   'SUBJECT OF INVESTIGATION' 
_pdbx_entity_instance_feature.details        ? 
# 
loop_
_pdbx_entity_nonpoly.entity_id 
_pdbx_entity_nonpoly.name 
_pdbx_entity_nonpoly.comp_id 
2 
;11-cyclopentyl-2-({2-ethoxy-4-[4-(4-methylpiperazin-1-yl)piperidine-1-carbonyl]phenyl}amino)-5-methyl-5,11-dihydro-6H-pyrimido[4,5-b][1,4]benzodiazepin-6-one
;
VYJ 
3 water HOH 
# 
_pdbx_initial_refinement_model.id               1 
_pdbx_initial_refinement_model.entity_id_list   ? 
_pdbx_initial_refinement_model.type             'experimental model' 
_pdbx_initial_refinement_model.source_name      PDB 
_pdbx_initial_refinement_model.accession_code   5VBQ 
_pdbx_initial_refinement_model.details          ? 
# 
_pdbx_struct_assembly_auth_evidence.id                     1 
_pdbx_struct_assembly_auth_evidence.assembly_id            1 
_pdbx_struct_assembly_auth_evidence.experimental_support   none 
_pdbx_struct_assembly_auth_evidence.details                ? 
# 
